data_4QY7
# 
_entry.id   4QY7 
# 
_audit_conform.dict_name       mmcif_pdbx.dic 
_audit_conform.dict_version    5.399 
_audit_conform.dict_location   http://mmcif.pdb.org/dictionaries/ascii/mmcif_pdbx.dic 
# 
loop_
_database_2.database_id 
_database_2.database_code 
_database_2.pdbx_database_accession 
_database_2.pdbx_DOI 
PDB   4QY7         pdb_00004qy7 10.2210/pdb4qy7/pdb 
RCSB  RCSB086662   ?            ?                   
WWPDB D_1000086662 ?            ?                   
# 
loop_
_pdbx_audit_revision_history.ordinal 
_pdbx_audit_revision_history.data_content_type 
_pdbx_audit_revision_history.major_revision 
_pdbx_audit_revision_history.minor_revision 
_pdbx_audit_revision_history.revision_date 
1 'Structure model' 1 0 2014-08-20 
2 'Structure model' 1 1 2014-12-24 
3 'Structure model' 1 2 2017-11-22 
4 'Structure model' 1 3 2023-02-01 
5 'Structure model' 1 4 2024-11-27 
# 
_pdbx_audit_revision_details.ordinal             1 
_pdbx_audit_revision_details.revision_ordinal    1 
_pdbx_audit_revision_details.data_content_type   'Structure model' 
_pdbx_audit_revision_details.provider            repository 
_pdbx_audit_revision_details.type                'Initial release' 
_pdbx_audit_revision_details.description         ? 
_pdbx_audit_revision_details.details             ? 
# 
loop_
_pdbx_audit_revision_group.ordinal 
_pdbx_audit_revision_group.revision_ordinal 
_pdbx_audit_revision_group.data_content_type 
_pdbx_audit_revision_group.group 
1 2 'Structure model' 'Structure summary'      
2 3 'Structure model' 'Refinement description' 
3 4 'Structure model' 'Database references'    
4 4 'Structure model' 'Derived calculations'   
5 5 'Structure model' 'Data collection'        
6 5 'Structure model' 'Structure summary'      
# 
loop_
_pdbx_audit_revision_category.ordinal 
_pdbx_audit_revision_category.revision_ordinal 
_pdbx_audit_revision_category.data_content_type 
_pdbx_audit_revision_category.category 
1 3 'Structure model' software                  
2 4 'Structure model' database_2                
3 4 'Structure model' struct_conn               
4 4 'Structure model' struct_ref_seq_dif        
5 4 'Structure model' struct_site               
6 5 'Structure model' chem_comp_atom            
7 5 'Structure model' chem_comp_bond            
8 5 'Structure model' pdbx_entry_details        
9 5 'Structure model' pdbx_modification_feature 
# 
loop_
_pdbx_audit_revision_item.ordinal 
_pdbx_audit_revision_item.revision_ordinal 
_pdbx_audit_revision_item.data_content_type 
_pdbx_audit_revision_item.item 
1 4 'Structure model' '_database_2.pdbx_DOI'                         
2 4 'Structure model' '_database_2.pdbx_database_accession'          
3 4 'Structure model' '_struct_conn.pdbx_leaving_atom_flag'          
4 4 'Structure model' '_struct_ref_seq_dif.details'                  
5 4 'Structure model' '_struct_site.pdbx_auth_asym_id'               
6 4 'Structure model' '_struct_site.pdbx_auth_comp_id'               
7 4 'Structure model' '_struct_site.pdbx_auth_seq_id'                
8 5 'Structure model' '_pdbx_entry_details.has_protein_modification' 
# 
_pdbx_database_status.SG_entry                        Y 
_pdbx_database_status.entry_id                        4QY7 
_pdbx_database_status.deposit_site                    RCSB 
_pdbx_database_status.process_site                    RCSB 
_pdbx_database_status.recvd_initial_deposition_date   2014-07-23 
_pdbx_database_status.status_code                     REL 
_pdbx_database_status.status_code_sf                  REL 
_pdbx_database_status.status_code_mr                  ? 
_pdbx_database_status.status_code_cs                  ? 
_pdbx_database_status.methods_development_category    ? 
_pdbx_database_status.pdb_format_compatible           Y 
_pdbx_database_status.status_code_nmr_data            ? 
# 
_pdbx_database_related.db_name        TargetTrack 
_pdbx_database_related.db_id          JCSG-418978 
_pdbx_database_related.details        . 
_pdbx_database_related.content_type   unspecified 
# 
_audit_author.name           'Joint Center for Structural Genomics (JCSG)' 
_audit_author.pdbx_ordinal   1 
# 
_citation.id                        primary 
_citation.title                     
'Crystal structure of a hypothetical protein (yobA) from Bacillus subtilis subsp. subtilis str. 168 at 1.55 A resolution' 
_citation.journal_abbrev            'To be published' 
_citation.journal_volume            ? 
_citation.page_first                ? 
_citation.page_last                 ? 
_citation.year                      ? 
_citation.journal_id_ASTM           ? 
_citation.country                   ? 
_citation.journal_id_ISSN           ? 
_citation.journal_id_CSD            0353 
_citation.book_publisher            ? 
_citation.pdbx_database_id_PubMed   ? 
_citation.pdbx_database_id_DOI      ? 
# 
_citation_author.citation_id        primary 
_citation_author.name               'Joint Center for Structural Genomics (JCSG)' 
_citation_author.ordinal            1 
_citation_author.identifier_ORCID   ? 
# 
loop_
_entity.id 
_entity.type 
_entity.src_method 
_entity.pdbx_description 
_entity.formula_weight 
_entity.pdbx_number_of_molecules 
_entity.pdbx_ec 
_entity.pdbx_mutation 
_entity.pdbx_fragment 
_entity.details 
1 polymer     man 'Uncharacterized protein YobA' 10690.822 1  ? ? ? ? 
2 non-polymer syn 'NONAETHYLENE GLYCOL'          414.488   1  ? ? ? ? 
3 water       nat water                          18.015    89 ? ? ? ? 
# 
_entity_poly.entity_id                      1 
_entity_poly.type                           'polypeptide(L)' 
_entity_poly.nstd_linkage                   no 
_entity_poly.nstd_monomer                   yes 
_entity_poly.pdbx_seq_one_letter_code       
;GDETK(MSE)QSLVGYVVLKDNERAILITDTKAPGKEDYNLSEGQL(MSE)NKFKNNIVIVGLSEIDNTDDLKRGEKIKV
WFHTRKESNPPSATIQKYELL
;
_entity_poly.pdbx_seq_one_letter_code_can   
;GDETKMQSLVGYVVLKDNERAILITDTKAPGKEDYNLSEGQLMNKFKNNIVIVGLSEIDNTDDLKRGEKIKVWFHTRKES
NPPSATIQKYELL
;
_entity_poly.pdbx_strand_id                 A 
_entity_poly.pdbx_target_identifier         JCSG-418978 
# 
loop_
_pdbx_entity_nonpoly.entity_id 
_pdbx_entity_nonpoly.name 
_pdbx_entity_nonpoly.comp_id 
2 'NONAETHYLENE GLYCOL' 2PE 
3 water                 HOH 
# 
loop_
_entity_poly_seq.entity_id 
_entity_poly_seq.num 
_entity_poly_seq.mon_id 
_entity_poly_seq.hetero 
1 1  GLY n 
1 2  ASP n 
1 3  GLU n 
1 4  THR n 
1 5  LYS n 
1 6  MSE n 
1 7  GLN n 
1 8  SER n 
1 9  LEU n 
1 10 VAL n 
1 11 GLY n 
1 12 TYR n 
1 13 VAL n 
1 14 VAL n 
1 15 LEU n 
1 16 LYS n 
1 17 ASP n 
1 18 ASN n 
1 19 GLU n 
1 20 ARG n 
1 21 ALA n 
1 22 ILE n 
1 23 LEU n 
1 24 ILE n 
1 25 THR n 
1 26 ASP n 
1 27 THR n 
1 28 LYS n 
1 29 ALA n 
1 30 PRO n 
1 31 GLY n 
1 32 LYS n 
1 33 GLU n 
1 34 ASP n 
1 35 TYR n 
1 36 ASN n 
1 37 LEU n 
1 38 SER n 
1 39 GLU n 
1 40 GLY n 
1 41 GLN n 
1 42 LEU n 
1 43 MSE n 
1 44 ASN n 
1 45 LYS n 
1 46 PHE n 
1 47 LYS n 
1 48 ASN n 
1 49 ASN n 
1 50 ILE n 
1 51 VAL n 
1 52 ILE n 
1 53 VAL n 
1 54 GLY n 
1 55 LEU n 
1 56 SER n 
1 57 GLU n 
1 58 ILE n 
1 59 ASP n 
1 60 ASN n 
1 61 THR n 
1 62 ASP n 
1 63 ASP n 
1 64 LEU n 
1 65 LYS n 
1 66 ARG n 
1 67 GLY n 
1 68 GLU n 
1 69 LYS n 
1 70 ILE n 
1 71 LYS n 
1 72 VAL n 
1 73 TRP n 
1 74 PHE n 
1 75 HIS n 
1 76 THR n 
1 77 ARG n 
1 78 LYS n 
1 79 GLU n 
1 80 SER n 
1 81 ASN n 
1 82 PRO n 
1 83 PRO n 
1 84 SER n 
1 85 ALA n 
1 86 THR n 
1 87 ILE n 
1 88 GLN n 
1 89 LYS n 
1 90 TYR n 
1 91 GLU n 
1 92 LEU n 
1 93 LEU n 
# 
_entity_src_gen.entity_id                          1 
_entity_src_gen.pdbx_src_id                        1 
_entity_src_gen.pdbx_alt_source_flag               sample 
_entity_src_gen.pdbx_seq_type                      ? 
_entity_src_gen.pdbx_beg_seq_num                   ? 
_entity_src_gen.pdbx_end_seq_num                   ? 
_entity_src_gen.gene_src_common_name               ? 
_entity_src_gen.gene_src_genus                     ? 
_entity_src_gen.pdbx_gene_src_gene                 'yobA, BSU18810' 
_entity_src_gen.gene_src_species                   ? 
_entity_src_gen.gene_src_strain                    168 
_entity_src_gen.gene_src_tissue                    ? 
_entity_src_gen.gene_src_tissue_fraction           ? 
_entity_src_gen.gene_src_details                   ? 
_entity_src_gen.pdbx_gene_src_fragment             ? 
_entity_src_gen.pdbx_gene_src_scientific_name      'Bacillus subtilis subsp. subtilis str. 168' 
_entity_src_gen.pdbx_gene_src_ncbi_taxonomy_id     224308 
_entity_src_gen.pdbx_gene_src_variant              ? 
_entity_src_gen.pdbx_gene_src_cell_line            ? 
_entity_src_gen.pdbx_gene_src_atcc                 ? 
_entity_src_gen.pdbx_gene_src_organ                ? 
_entity_src_gen.pdbx_gene_src_organelle            ? 
_entity_src_gen.pdbx_gene_src_cell                 ? 
_entity_src_gen.pdbx_gene_src_cellular_location    ? 
_entity_src_gen.host_org_common_name               ? 
_entity_src_gen.pdbx_host_org_scientific_name      'Escherichia Coli' 
_entity_src_gen.pdbx_host_org_ncbi_taxonomy_id     562 
_entity_src_gen.host_org_genus                     ? 
_entity_src_gen.pdbx_host_org_gene                 ? 
_entity_src_gen.pdbx_host_org_organ                ? 
_entity_src_gen.host_org_species                   ? 
_entity_src_gen.pdbx_host_org_tissue               ? 
_entity_src_gen.pdbx_host_org_tissue_fraction      ? 
_entity_src_gen.pdbx_host_org_strain               PB1 
_entity_src_gen.pdbx_host_org_variant              ? 
_entity_src_gen.pdbx_host_org_cell_line            ? 
_entity_src_gen.pdbx_host_org_atcc                 ? 
_entity_src_gen.pdbx_host_org_culture_collection   ? 
_entity_src_gen.pdbx_host_org_cell                 ? 
_entity_src_gen.pdbx_host_org_organelle            ? 
_entity_src_gen.pdbx_host_org_cellular_location    ? 
_entity_src_gen.pdbx_host_org_vector_type          Plasmid 
_entity_src_gen.pdbx_host_org_vector               ? 
_entity_src_gen.host_org_details                   ? 
_entity_src_gen.expression_system_id               ? 
_entity_src_gen.plasmid_name                       SpeedET 
_entity_src_gen.plasmid_details                    ? 
_entity_src_gen.pdbx_description                   ? 
# 
loop_
_chem_comp.id 
_chem_comp.type 
_chem_comp.mon_nstd_flag 
_chem_comp.name 
_chem_comp.pdbx_synonyms 
_chem_comp.formula 
_chem_comp.formula_weight 
2PE non-polymer         . 'NONAETHYLENE GLYCOL' ? 'C18 H38 O10'    414.488 
ALA 'L-peptide linking' y ALANINE               ? 'C3 H7 N O2'     89.093  
ARG 'L-peptide linking' y ARGININE              ? 'C6 H15 N4 O2 1' 175.209 
ASN 'L-peptide linking' y ASPARAGINE            ? 'C4 H8 N2 O3'    132.118 
ASP 'L-peptide linking' y 'ASPARTIC ACID'       ? 'C4 H7 N O4'     133.103 
GLN 'L-peptide linking' y GLUTAMINE             ? 'C5 H10 N2 O3'   146.144 
GLU 'L-peptide linking' y 'GLUTAMIC ACID'       ? 'C5 H9 N O4'     147.129 
GLY 'peptide linking'   y GLYCINE               ? 'C2 H5 N O2'     75.067  
HIS 'L-peptide linking' y HISTIDINE             ? 'C6 H10 N3 O2 1' 156.162 
HOH non-polymer         . WATER                 ? 'H2 O'           18.015  
ILE 'L-peptide linking' y ISOLEUCINE            ? 'C6 H13 N O2'    131.173 
LEU 'L-peptide linking' y LEUCINE               ? 'C6 H13 N O2'    131.173 
LYS 'L-peptide linking' y LYSINE                ? 'C6 H15 N2 O2 1' 147.195 
MSE 'L-peptide linking' n SELENOMETHIONINE      ? 'C5 H11 N O2 Se' 196.106 
PHE 'L-peptide linking' y PHENYLALANINE         ? 'C9 H11 N O2'    165.189 
PRO 'L-peptide linking' y PROLINE               ? 'C5 H9 N O2'     115.130 
SER 'L-peptide linking' y SERINE                ? 'C3 H7 N O3'     105.093 
THR 'L-peptide linking' y THREONINE             ? 'C4 H9 N O3'     119.119 
TRP 'L-peptide linking' y TRYPTOPHAN            ? 'C11 H12 N2 O2'  204.225 
TYR 'L-peptide linking' y TYROSINE              ? 'C9 H11 N O3'    181.189 
VAL 'L-peptide linking' y VALINE                ? 'C5 H11 N O2'    117.146 
# 
loop_
_pdbx_poly_seq_scheme.asym_id 
_pdbx_poly_seq_scheme.entity_id 
_pdbx_poly_seq_scheme.seq_id 
_pdbx_poly_seq_scheme.mon_id 
_pdbx_poly_seq_scheme.ndb_seq_num 
_pdbx_poly_seq_scheme.pdb_seq_num 
_pdbx_poly_seq_scheme.auth_seq_num 
_pdbx_poly_seq_scheme.pdb_mon_id 
_pdbx_poly_seq_scheme.auth_mon_id 
_pdbx_poly_seq_scheme.pdb_strand_id 
_pdbx_poly_seq_scheme.pdb_ins_code 
_pdbx_poly_seq_scheme.hetero 
A 1 1  GLY 1  0   0   GLY GLY A . n 
A 1 2  ASP 2  29  29  ASP ASP A . n 
A 1 3  GLU 3  30  30  GLU GLU A . n 
A 1 4  THR 4  31  31  THR THR A . n 
A 1 5  LYS 5  32  32  LYS LYS A . n 
A 1 6  MSE 6  33  33  MSE MSE A . n 
A 1 7  GLN 7  34  34  GLN GLN A . n 
A 1 8  SER 8  35  35  SER SER A . n 
A 1 9  LEU 9  36  36  LEU LEU A . n 
A 1 10 VAL 10 37  37  VAL VAL A . n 
A 1 11 GLY 11 38  38  GLY GLY A . n 
A 1 12 TYR 12 39  39  TYR TYR A . n 
A 1 13 VAL 13 40  40  VAL VAL A . n 
A 1 14 VAL 14 41  41  VAL VAL A . n 
A 1 15 LEU 15 42  42  LEU LEU A . n 
A 1 16 LYS 16 43  43  LYS LYS A . n 
A 1 17 ASP 17 44  44  ASP ASP A . n 
A 1 18 ASN 18 45  45  ASN ASN A . n 
A 1 19 GLU 19 46  46  GLU GLU A . n 
A 1 20 ARG 20 47  47  ARG ARG A . n 
A 1 21 ALA 21 48  48  ALA ALA A . n 
A 1 22 ILE 22 49  49  ILE ILE A . n 
A 1 23 LEU 23 50  50  LEU LEU A . n 
A 1 24 ILE 24 51  51  ILE ILE A . n 
A 1 25 THR 25 52  52  THR THR A . n 
A 1 26 ASP 26 53  53  ASP ASP A . n 
A 1 27 THR 27 54  54  THR THR A . n 
A 1 28 LYS 28 55  55  LYS LYS A . n 
A 1 29 ALA 29 56  56  ALA ALA A . n 
A 1 30 PRO 30 57  57  PRO PRO A . n 
A 1 31 GLY 31 58  58  GLY GLY A . n 
A 1 32 LYS 32 59  59  LYS LYS A . n 
A 1 33 GLU 33 60  60  GLU GLU A . n 
A 1 34 ASP 34 61  61  ASP ASP A . n 
A 1 35 TYR 35 62  62  TYR TYR A . n 
A 1 36 ASN 36 63  63  ASN ASN A . n 
A 1 37 LEU 37 64  64  LEU LEU A . n 
A 1 38 SER 38 65  65  SER SER A . n 
A 1 39 GLU 39 66  66  GLU GLU A . n 
A 1 40 GLY 40 67  67  GLY GLY A . n 
A 1 41 GLN 41 68  68  GLN GLN A . n 
A 1 42 LEU 42 69  69  LEU LEU A . n 
A 1 43 MSE 43 70  70  MSE MSE A . n 
A 1 44 ASN 44 71  71  ASN ASN A . n 
A 1 45 LYS 45 72  72  LYS LYS A . n 
A 1 46 PHE 46 73  73  PHE PHE A . n 
A 1 47 LYS 47 74  74  LYS LYS A . n 
A 1 48 ASN 48 75  75  ASN ASN A . n 
A 1 49 ASN 49 76  76  ASN ASN A . n 
A 1 50 ILE 50 77  77  ILE ILE A . n 
A 1 51 VAL 51 78  78  VAL VAL A . n 
A 1 52 ILE 52 79  79  ILE ILE A . n 
A 1 53 VAL 53 80  80  VAL VAL A . n 
A 1 54 GLY 54 81  81  GLY GLY A . n 
A 1 55 LEU 55 82  82  LEU LEU A . n 
A 1 56 SER 56 83  83  SER SER A . n 
A 1 57 GLU 57 84  84  GLU GLU A . n 
A 1 58 ILE 58 85  85  ILE ILE A . n 
A 1 59 ASP 59 86  86  ASP ASP A . n 
A 1 60 ASN 60 87  87  ASN ASN A . n 
A 1 61 THR 61 88  88  THR THR A . n 
A 1 62 ASP 62 89  89  ASP ASP A . n 
A 1 63 ASP 63 90  90  ASP ASP A . n 
A 1 64 LEU 64 91  91  LEU LEU A . n 
A 1 65 LYS 65 92  92  LYS LYS A . n 
A 1 66 ARG 66 93  93  ARG ARG A . n 
A 1 67 GLY 67 94  94  GLY GLY A . n 
A 1 68 GLU 68 95  95  GLU GLU A . n 
A 1 69 LYS 69 96  96  LYS LYS A . n 
A 1 70 ILE 70 97  97  ILE ILE A . n 
A 1 71 LYS 71 98  98  LYS LYS A . n 
A 1 72 VAL 72 99  99  VAL VAL A . n 
A 1 73 TRP 73 100 100 TRP TRP A . n 
A 1 74 PHE 74 101 101 PHE PHE A . n 
A 1 75 HIS 75 102 102 HIS HIS A . n 
A 1 76 THR 76 103 103 THR THR A . n 
A 1 77 ARG 77 104 104 ARG ARG A . n 
A 1 78 LYS 78 105 105 LYS LYS A . n 
A 1 79 GLU 79 106 106 GLU GLU A . n 
A 1 80 SER 80 107 107 SER SER A . n 
A 1 81 ASN 81 108 108 ASN ASN A . n 
A 1 82 PRO 82 109 109 PRO PRO A . n 
A 1 83 PRO 83 110 110 PRO PRO A . n 
A 1 84 SER 84 111 111 SER SER A . n 
A 1 85 ALA 85 112 112 ALA ALA A . n 
A 1 86 THR 86 113 113 THR THR A . n 
A 1 87 ILE 87 114 114 ILE ILE A . n 
A 1 88 GLN 88 115 115 GLN GLN A . n 
A 1 89 LYS 89 116 116 LYS LYS A . n 
A 1 90 TYR 90 117 117 TYR TYR A . n 
A 1 91 GLU 91 118 118 GLU GLU A . n 
A 1 92 LEU 92 119 119 LEU LEU A . n 
A 1 93 LEU 93 120 120 LEU LEU A . n 
# 
loop_
_pdbx_nonpoly_scheme.asym_id 
_pdbx_nonpoly_scheme.entity_id 
_pdbx_nonpoly_scheme.mon_id 
_pdbx_nonpoly_scheme.ndb_seq_num 
_pdbx_nonpoly_scheme.pdb_seq_num 
_pdbx_nonpoly_scheme.auth_seq_num 
_pdbx_nonpoly_scheme.pdb_mon_id 
_pdbx_nonpoly_scheme.auth_mon_id 
_pdbx_nonpoly_scheme.pdb_strand_id 
_pdbx_nonpoly_scheme.pdb_ins_code 
B 2 2PE 1  200 200 2PE 2PE A . 
C 3 HOH 1  301 201 HOH HOH A . 
C 3 HOH 2  302 202 HOH HOH A . 
C 3 HOH 3  303 203 HOH HOH A . 
C 3 HOH 4  304 204 HOH HOH A . 
C 3 HOH 5  305 205 HOH HOH A . 
C 3 HOH 6  306 206 HOH HOH A . 
C 3 HOH 7  307 207 HOH HOH A . 
C 3 HOH 8  308 208 HOH HOH A . 
C 3 HOH 9  309 209 HOH HOH A . 
C 3 HOH 10 310 210 HOH HOH A . 
C 3 HOH 11 311 211 HOH HOH A . 
C 3 HOH 12 312 212 HOH HOH A . 
C 3 HOH 13 313 213 HOH HOH A . 
C 3 HOH 14 314 214 HOH HOH A . 
C 3 HOH 15 315 215 HOH HOH A . 
C 3 HOH 16 316 216 HOH HOH A . 
C 3 HOH 17 317 217 HOH HOH A . 
C 3 HOH 18 318 218 HOH HOH A . 
C 3 HOH 19 319 219 HOH HOH A . 
C 3 HOH 20 320 220 HOH HOH A . 
C 3 HOH 21 321 221 HOH HOH A . 
C 3 HOH 22 322 222 HOH HOH A . 
C 3 HOH 23 323 223 HOH HOH A . 
C 3 HOH 24 324 224 HOH HOH A . 
C 3 HOH 25 325 225 HOH HOH A . 
C 3 HOH 26 326 226 HOH HOH A . 
C 3 HOH 27 327 227 HOH HOH A . 
C 3 HOH 28 328 228 HOH HOH A . 
C 3 HOH 29 329 229 HOH HOH A . 
C 3 HOH 30 330 230 HOH HOH A . 
C 3 HOH 31 331 231 HOH HOH A . 
C 3 HOH 32 332 232 HOH HOH A . 
C 3 HOH 33 333 233 HOH HOH A . 
C 3 HOH 34 334 234 HOH HOH A . 
C 3 HOH 35 335 235 HOH HOH A . 
C 3 HOH 36 336 236 HOH HOH A . 
C 3 HOH 37 337 237 HOH HOH A . 
C 3 HOH 38 338 238 HOH HOH A . 
C 3 HOH 39 339 239 HOH HOH A . 
C 3 HOH 40 340 240 HOH HOH A . 
C 3 HOH 41 341 241 HOH HOH A . 
C 3 HOH 42 342 242 HOH HOH A . 
C 3 HOH 43 343 243 HOH HOH A . 
C 3 HOH 44 344 244 HOH HOH A . 
C 3 HOH 45 345 245 HOH HOH A . 
C 3 HOH 46 346 246 HOH HOH A . 
C 3 HOH 47 347 247 HOH HOH A . 
C 3 HOH 48 348 248 HOH HOH A . 
C 3 HOH 49 349 249 HOH HOH A . 
C 3 HOH 50 350 250 HOH HOH A . 
C 3 HOH 51 351 251 HOH HOH A . 
C 3 HOH 52 352 252 HOH HOH A . 
C 3 HOH 53 353 253 HOH HOH A . 
C 3 HOH 54 354 254 HOH HOH A . 
C 3 HOH 55 355 255 HOH HOH A . 
C 3 HOH 56 356 256 HOH HOH A . 
C 3 HOH 57 357 257 HOH HOH A . 
C 3 HOH 58 358 258 HOH HOH A . 
C 3 HOH 59 359 259 HOH HOH A . 
C 3 HOH 60 360 260 HOH HOH A . 
C 3 HOH 61 361 261 HOH HOH A . 
C 3 HOH 62 362 262 HOH HOH A . 
C 3 HOH 63 363 263 HOH HOH A . 
C 3 HOH 64 364 264 HOH HOH A . 
C 3 HOH 65 365 265 HOH HOH A . 
C 3 HOH 66 366 266 HOH HOH A . 
C 3 HOH 67 367 267 HOH HOH A . 
C 3 HOH 68 368 268 HOH HOH A . 
C 3 HOH 69 369 269 HOH HOH A . 
C 3 HOH 70 370 270 HOH HOH A . 
C 3 HOH 71 371 271 HOH HOH A . 
C 3 HOH 72 372 272 HOH HOH A . 
C 3 HOH 73 373 273 HOH HOH A . 
C 3 HOH 74 374 274 HOH HOH A . 
C 3 HOH 75 375 275 HOH HOH A . 
C 3 HOH 76 376 276 HOH HOH A . 
C 3 HOH 77 377 277 HOH HOH A . 
C 3 HOH 78 378 278 HOH HOH A . 
C 3 HOH 79 379 279 HOH HOH A . 
C 3 HOH 80 380 280 HOH HOH A . 
C 3 HOH 81 381 281 HOH HOH A . 
C 3 HOH 82 382 282 HOH HOH A . 
C 3 HOH 83 383 283 HOH HOH A . 
C 3 HOH 84 384 284 HOH HOH A . 
C 3 HOH 85 385 285 HOH HOH A . 
C 3 HOH 86 386 286 HOH HOH A . 
C 3 HOH 87 387 287 HOH HOH A . 
C 3 HOH 88 388 288 HOH HOH A . 
C 3 HOH 89 389 289 HOH HOH A . 
# 
loop_
_pdbx_unobs_or_zero_occ_atoms.id 
_pdbx_unobs_or_zero_occ_atoms.PDB_model_num 
_pdbx_unobs_or_zero_occ_atoms.polymer_flag 
_pdbx_unobs_or_zero_occ_atoms.occupancy_flag 
_pdbx_unobs_or_zero_occ_atoms.auth_asym_id 
_pdbx_unobs_or_zero_occ_atoms.auth_comp_id 
_pdbx_unobs_or_zero_occ_atoms.auth_seq_id 
_pdbx_unobs_or_zero_occ_atoms.PDB_ins_code 
_pdbx_unobs_or_zero_occ_atoms.auth_atom_id 
_pdbx_unobs_or_zero_occ_atoms.label_alt_id 
_pdbx_unobs_or_zero_occ_atoms.label_asym_id 
_pdbx_unobs_or_zero_occ_atoms.label_comp_id 
_pdbx_unobs_or_zero_occ_atoms.label_seq_id 
_pdbx_unobs_or_zero_occ_atoms.label_atom_id 
1  1 Y 1 A ASP 29  ? CG  ? A ASP 2  CG  
2  1 Y 1 A ASP 29  ? OD1 ? A ASP 2  OD1 
3  1 Y 1 A ASP 29  ? OD2 ? A ASP 2  OD2 
4  1 Y 1 A GLU 30  ? CG  ? A GLU 3  CG  
5  1 Y 1 A GLU 30  ? CD  ? A GLU 3  CD  
6  1 Y 1 A GLU 30  ? OE1 ? A GLU 3  OE1 
7  1 Y 1 A GLU 30  ? OE2 ? A GLU 3  OE2 
8  1 Y 1 A LYS 32  ? CG  ? A LYS 5  CG  
9  1 Y 1 A LYS 32  ? CD  ? A LYS 5  CD  
10 1 Y 1 A LYS 32  ? CE  ? A LYS 5  CE  
11 1 Y 1 A LYS 32  ? NZ  ? A LYS 5  NZ  
12 1 Y 1 A ASP 53  ? CG  ? A ASP 26 CG  
13 1 Y 1 A ASP 53  ? OD1 ? A ASP 26 OD1 
14 1 Y 1 A ASP 53  ? OD2 ? A ASP 26 OD2 
15 1 N 1 A 2PE 200 ? C8  ? B 2PE 1  C8  
16 1 N 1 A 2PE 200 ? C9  ? B 2PE 1  C9  
17 1 N 1 A 2PE 200 ? O10 ? B 2PE 1  O10 
18 1 N 1 A 2PE 200 ? C11 ? B 2PE 1  C11 
19 1 N 1 A 2PE 200 ? C12 ? B 2PE 1  C12 
20 1 N 1 A 2PE 200 ? O13 ? B 2PE 1  O13 
21 1 N 1 A 2PE 200 ? C14 ? B 2PE 1  C14 
22 1 N 1 A 2PE 200 ? C15 ? B 2PE 1  C15 
23 1 N 1 A 2PE 200 ? O16 ? B 2PE 1  O16 
24 1 N 1 A 2PE 200 ? C17 ? B 2PE 1  C17 
25 1 N 1 A 2PE 200 ? C18 ? B 2PE 1  C18 
26 1 N 1 A 2PE 200 ? O19 ? B 2PE 1  O19 
27 1 N 1 A 2PE 200 ? C20 ? B 2PE 1  C20 
28 1 N 1 A 2PE 200 ? C21 ? B 2PE 1  C21 
29 1 N 1 A 2PE 200 ? O22 ? B 2PE 1  O22 
30 1 N 1 A 2PE 200 ? C23 ? B 2PE 1  C23 
31 1 N 1 A 2PE 200 ? C24 ? B 2PE 1  C24 
32 1 N 1 A 2PE 200 ? O25 ? B 2PE 1  O25 
33 1 N 1 A 2PE 200 ? C26 ? B 2PE 1  C26 
34 1 N 1 A 2PE 200 ? C27 ? B 2PE 1  C27 
35 1 N 1 A 2PE 200 ? O28 ? B 2PE 1  O28 
# 
loop_
_software.pdbx_ordinal 
_software.name 
_software.version 
_software.date 
_software.type 
_software.contact_author 
_software.contact_author_email 
_software.classification 
_software.location 
_software.language 
_software.citation_id 
1 MolProbity  3beta29                           ?               package 'D.C. & J.S. Richardson lab' 
molprobity@kinemage.biochem.duke.edu 'model building'  http://kinemage.biochem.duke.edu/molprobity/                                
?          ? 
2 PDB_EXTRACT 3.10                              'June 10, 2010' package PDB                          deposit@deposit.rcsb.org 
'data extraction' http://sw-tools.pdb.org/apps/PDB_EXTRACT/                                   C++        ? 
3 SHELX       .                                 ?               package 'George M. Sheldrick'        gsheldr@shelx.uni-ac.gwdg.de 
phasing           http://shelx.uni-ac.gwdg.de/SHELX/                                          Fortran_77 ? 
4 SHARP       .                                 ?               package 'Eric de La Fortelle'        
sharp-develop@globalphasing.com      phasing           http://www.globalphasing.com/sharp/                                         
?          ? 
5 XSCALE      'January 10, 2014 BUILT=20140307' ?               package 'Wolfgang Kabsch'            ? 'data scaling'    
http://www.mpimf-heidelberg.mpg.de/~kabsch/xds/html_doc/xscale_program.html ?          ? 
6 BUSTER-TNT  2.10.0                            ?               program 'Gerard Bricogne'            
buster-develop@GlobalPhasing.com     refinement        http://www.globalphasing.com/buster/                                        
?          ? 
7 XDS         .                                 ?               ?       ?                            ? 'data reduction'  ? ? ? 
8 SHELXD      .                                 ?               ?       ?                            ? phasing           ? ? ? 
9 BUSTER      2.10.0                            ?               ?       ?                            ? refinement        ? ? ? 
# 
_cell.entry_id           4QY7 
_cell.length_a           27.556 
_cell.length_b           37.988 
_cell.length_c           81.245 
_cell.angle_alpha        90.000 
_cell.angle_beta         90.000 
_cell.angle_gamma        90.000 
_cell.pdbx_unique_axis   ? 
_cell.Z_PDB              4 
_cell.length_a_esd       ? 
_cell.length_b_esd       ? 
_cell.length_c_esd       ? 
_cell.angle_alpha_esd    ? 
_cell.angle_beta_esd     ? 
_cell.angle_gamma_esd    ? 
# 
_symmetry.entry_id                         4QY7 
_symmetry.Int_Tables_number                19 
_symmetry.space_group_name_H-M             'P 21 21 21' 
_symmetry.pdbx_full_space_group_name_H-M   ? 
_symmetry.cell_setting                     ? 
_symmetry.space_group_name_Hall            ? 
# 
_exptl.crystals_number   1 
_exptl.method            'X-RAY DIFFRACTION' 
_exptl.entry_id          4QY7 
# 
_exptl_crystal.id                    1 
_exptl_crystal.density_Matthews      1.99 
_exptl_crystal.density_meas          ? 
_exptl_crystal.density_percent_sol   38.15 
_exptl_crystal.description           ? 
_exptl_crystal.F_000                 ? 
_exptl_crystal.preparation           ? 
# 
_exptl_crystal_grow.crystal_id      1 
_exptl_crystal_grow.method          'VAPOR DIFFUSION, SITTING DROP' 
_exptl_crystal_grow.pH              6.0 
_exptl_crystal_grow.temp            277 
_exptl_crystal_grow.pdbx_details    
;5.00% polyethylene glycol 3000, 40.00% polyethylene glycol 400, 0.1M MES pH 6.0, NANODROP, VAPOR DIFFUSION, SITTING DROP, temperature 277K
;
_exptl_crystal_grow.temp_details    ? 
_exptl_crystal_grow.pdbx_pH_range   ? 
# 
_diffrn.id                     1 
_diffrn.ambient_temp           100 
_diffrn.ambient_temp_details   ? 
_diffrn.crystal_id             1 
# 
_diffrn_detector.diffrn_id              1 
_diffrn_detector.detector               CCD 
_diffrn_detector.type                   'MARMOSAIC 325 mm CCD' 
_diffrn_detector.details                'Vertical focusing mirror; double crystal Si(111) monochromator' 
_diffrn_detector.pdbx_collection_date   2014-06-11 
# 
_diffrn_radiation.diffrn_id                        1 
_diffrn_radiation.pdbx_monochromatic_or_laue_m_l   M 
_diffrn_radiation.monochromator                    'double crystal Si(111)' 
_diffrn_radiation.pdbx_diffrn_protocol             MAD 
_diffrn_radiation.wavelength_id                    1 
_diffrn_radiation.pdbx_scattering_type             x-ray 
# 
loop_
_diffrn_radiation_wavelength.id 
_diffrn_radiation_wavelength.wavelength 
_diffrn_radiation_wavelength.wt 
1 0.95369 1.0 
2 0.97937 1.0 
3 0.97922 1.0 
# 
_diffrn_source.diffrn_id                   1 
_diffrn_source.source                      SYNCHROTRON 
_diffrn_source.pdbx_synchrotron_beamline   BL14-1 
_diffrn_source.type                        'SSRL BEAMLINE BL14-1' 
_diffrn_source.pdbx_wavelength_list        0.95369,0.97937,0.97922 
_diffrn_source.pdbx_wavelength             ? 
_diffrn_source.pdbx_synchrotron_site       SSRL 
# 
_reflns.entry_id                     4QY7 
_reflns.d_resolution_high            1.55 
_reflns.d_resolution_low             27.746 
_reflns.number_obs                   12907 
_reflns.pdbx_Rmerge_I_obs            0.031 
_reflns.pdbx_netI_over_sigmaI        14.830 
_reflns.percent_possible_obs         98.300 
_reflns.B_iso_Wilson_estimate        21.025 
_reflns.observed_criterion_sigma_I   -3.000 
_reflns.observed_criterion_sigma_F   ? 
_reflns.number_all                   ? 
_reflns.pdbx_Rsym_value              ? 
_reflns.pdbx_redundancy              ? 
_reflns.R_free_details               ? 
_reflns.limit_h_max                  ? 
_reflns.limit_h_min                  ? 
_reflns.limit_k_max                  ? 
_reflns.limit_k_min                  ? 
_reflns.limit_l_max                  ? 
_reflns.limit_l_min                  ? 
_reflns.observed_criterion_F_max     ? 
_reflns.observed_criterion_F_min     ? 
_reflns.pdbx_chi_squared             ? 
_reflns.pdbx_scaling_rejects         ? 
_reflns.pdbx_ordinal                 1 
_reflns.pdbx_diffrn_id               1 
# 
loop_
_reflns_shell.d_res_high 
_reflns_shell.d_res_low 
_reflns_shell.number_measured_obs 
_reflns_shell.number_measured_all 
_reflns_shell.number_unique_obs 
_reflns_shell.Rmerge_I_obs 
_reflns_shell.meanI_over_sigI_obs 
_reflns_shell.pdbx_Rsym_value 
_reflns_shell.pdbx_chi_squared 
_reflns_shell.pdbx_redundancy 
_reflns_shell.percent_possible_obs 
_reflns_shell.number_unique_all 
_reflns_shell.percent_possible_all 
_reflns_shell.pdbx_ordinal 
_reflns_shell.pdbx_diffrn_id 
1.550 1.610  4536 ? 2442 0.521 1.6  ? ? ? ? ? 94.500 1  1 
1.610 1.670  4093 ? 2183 0.409 2.2  ? ? ? ? ? 99.000 2  1 
1.670 1.750  4739 ? 2492 0.288 3.2  ? ? ? ? ? 99.200 3  1 
1.750 1.840  4397 ? 2309 0.179 4.9  ? ? ? ? ? 99.100 4  1 
1.840 1.950  4318 ? 2275 0.107 8.1  ? ? ? ? ? 99.300 5  1 
1.950 2.100  4532 ? 2372 0.067 12.6 ? ? ? ? ? 99.000 6  1 
2.100 2.310  4559 ? 2376 0.042 18.4 ? ? ? ? ? 99.400 7  1 
2.310 2.650  4580 ? 2401 0.032 21.9 ? ? ? ? ? 98.700 8  1 
2.650 3.330  4560 ? 2359 0.020 32.3 ? ? ? ? ? 98.600 9  1 
3.330 27.746 4512 ? 2346 0.016 42.8 ? ? ? ? ? 96.400 10 1 
# 
_refine.entry_id                                 4QY7 
_refine.ls_d_res_high                            1.5500 
_refine.ls_d_res_low                             27.746 
_refine.pdbx_ls_sigma_F                          0.000 
_refine.pdbx_data_cutoff_high_absF               ? 
_refine.pdbx_data_cutoff_low_absF                ? 
_refine.ls_percent_reflns_obs                    99.2400 
_refine.ls_number_reflns_obs                     12850 
_refine.ls_number_reflns_all                     ? 
_refine.pdbx_ls_cross_valid_method               THROUGHOUT 
_refine.pdbx_R_Free_selection_details            RANDOM 
_refine.details                                  
;1. ZERO OCCUPANCY HYDROGENS WERE INCLUDED DURING REFINEMENT TO IMPROVE THE ANTI-BUMPING RESTRAINTS. 2. ATOM RECORDS CONTAIN SUM OF TLS AND RESIDUAL B FACTORS. 3. ANISOU RECORDS CONTAIN SUM OF TLS AND RESIDUAL U FACTORS. 4. A MET-INHIBITION PROTOCOL WAS USED FOR SELENOMETHIONINE INCORPORATION DURING PROTEIN EXPRESSION. THE OCCUPANCY OF THE SE ATOMS IN THE MSE RESIDUES WAS REDUCED TO 0.75 FOR THE REDUCED SCATTERING POWER DUE TO PARTIAL S-MET INCORPORATION. 5. MAD PHASE RESTRAINTS WERE USED DURING REFINEMENT. 6. NONAETHYLENE GLYCOL (2PE) MOLECULE FROM THE CRYSTALLIZATION SOLUTION ARE MODELED.
;
_refine.ls_R_factor_all                          ? 
_refine.ls_R_factor_obs                          0.1918 
_refine.ls_R_factor_R_work                       0.1903 
_refine.ls_wR_factor_R_work                      ? 
_refine.ls_R_factor_R_free                       0.2232 
_refine.ls_wR_factor_R_free                      ? 
_refine.ls_percent_reflns_R_free                 4.8800 
_refine.ls_number_reflns_R_free                  627 
_refine.ls_R_factor_R_free_error                 ? 
_refine.B_iso_mean                               28.8288 
_refine.solvent_model_param_bsol                 ? 
_refine.solvent_model_param_ksol                 ? 
_refine.pdbx_isotropic_thermal_model             ? 
_refine.aniso_B[1][1]                            -1.7543 
_refine.aniso_B[2][2]                            -0.8936 
_refine.aniso_B[3][3]                            2.6479 
_refine.aniso_B[1][2]                            0.0000 
_refine.aniso_B[1][3]                            0.0000 
_refine.aniso_B[2][3]                            0.0000 
_refine.correlation_coeff_Fo_to_Fc               0.9571 
_refine.correlation_coeff_Fo_to_Fc_free          0.9390 
_refine.overall_SU_R_Cruickshank_DPI             ? 
_refine.overall_SU_R_free                        ? 
_refine.pdbx_overall_ESU_R                       ? 
_refine.pdbx_overall_ESU_R_Free                  ? 
_refine.overall_SU_ML                            ? 
_refine.overall_SU_B                             ? 
_refine.solvent_model_details                    ? 
_refine.pdbx_solvent_vdw_probe_radii             ? 
_refine.pdbx_solvent_ion_probe_radii             ? 
_refine.pdbx_solvent_shrinkage_radii             ? 
_refine.ls_number_parameters                     ? 
_refine.ls_number_restraints                     ? 
_refine.pdbx_starting_model                      ? 
_refine.pdbx_method_to_determine_struct          MAD 
_refine.pdbx_stereochemistry_target_values       ? 
_refine.pdbx_stereochem_target_val_spec_case     ? 
_refine.overall_FOM_work_R_set                   ? 
_refine.B_iso_max                                97.540 
_refine.B_iso_min                                11.530 
_refine.pdbx_overall_phase_error                 ? 
_refine.occupancy_max                            1.000 
_refine.occupancy_min                            0.260 
_refine.pdbx_ls_sigma_I                          ? 
_refine.ls_redundancy_reflns_obs                 ? 
_refine.ls_R_factor_R_free_error_details         ? 
_refine.pdbx_data_cutoff_high_rms_absF           ? 
_refine.overall_FOM_free_R_set                   ? 
_refine.pdbx_diffrn_id                           1 
_refine.pdbx_refine_id                           'X-RAY DIFFRACTION' 
_refine.pdbx_TLS_residual_ADP_flag               ? 
_refine.pdbx_overall_SU_R_free_Cruickshank_DPI   ? 
_refine.pdbx_overall_SU_R_Blow_DPI               ? 
_refine.pdbx_overall_SU_R_free_Blow_DPI          ? 
# 
_refine_analyze.entry_id                        4QY7 
_refine_analyze.Luzzati_coordinate_error_obs    0.232 
_refine_analyze.Luzzati_sigma_a_obs             ? 
_refine_analyze.Luzzati_d_res_low_obs           ? 
_refine_analyze.Luzzati_coordinate_error_free   ? 
_refine_analyze.Luzzati_sigma_a_free            ? 
_refine_analyze.Luzzati_d_res_low_free          ? 
_refine_analyze.number_disordered_residues      ? 
_refine_analyze.occupancy_sum_non_hydrogen      ? 
_refine_analyze.occupancy_sum_hydrogen          ? 
_refine_analyze.pdbx_Luzzati_d_res_high_obs     ? 
_refine_analyze.pdbx_refine_id                  'X-RAY DIFFRACTION' 
# 
_refine_hist.pdbx_refine_id                   'X-RAY DIFFRACTION' 
_refine_hist.cycle_id                         LAST 
_refine_hist.pdbx_number_atoms_protein        730 
_refine_hist.pdbx_number_atoms_nucleic_acid   0 
_refine_hist.pdbx_number_atoms_ligand         7 
_refine_hist.number_atoms_solvent             89 
_refine_hist.number_atoms_total               826 
_refine_hist.d_res_high                       1.5500 
_refine_hist.d_res_low                        27.746 
# 
loop_
_refine_ls_restr.type 
_refine_ls_restr.number 
_refine_ls_restr.dev_ideal 
_refine_ls_restr.dev_ideal_target 
_refine_ls_restr.weight 
_refine_ls_restr.pdbx_restraint_function 
_refine_ls_restr.pdbx_refine_id 
t_dihedral_angle_d        486  ?     ? 2.000  SINUSOIDAL   'X-RAY DIFFRACTION' 
t_trig_c_planes           26   ?     ? 2.000  HARMONIC     'X-RAY DIFFRACTION' 
t_gen_planes              243  ?     ? 5.000  HARMONIC     'X-RAY DIFFRACTION' 
t_it                      1645 ?     ? 20.000 HARMONIC     'X-RAY DIFFRACTION' 
t_nbd                     0    ?     ? 5.000  SEMIHARMONIC 'X-RAY DIFFRACTION' 
t_improper_torsion        ?    ?     ? ?      ?            'X-RAY DIFFRACTION' 
t_pseud_angle             ?    ?     ? ?      ?            'X-RAY DIFFRACTION' 
t_chiral_improper_torsion 110  ?     ? 5.000  SEMIHARMONIC 'X-RAY DIFFRACTION' 
t_sum_occupancies         ?    ?     ? ?      ?            'X-RAY DIFFRACTION' 
t_utility_distance        ?    ?     ? ?      ?            'X-RAY DIFFRACTION' 
t_utility_angle           ?    ?     ? ?      ?            'X-RAY DIFFRACTION' 
t_utility_torsion         ?    ?     ? ?      ?            'X-RAY DIFFRACTION' 
t_ideal_dist_contact      1872 ?     ? 4.000  SEMIHARMONIC 'X-RAY DIFFRACTION' 
t_bond_d                  1645 0.010 ? 2.000  HARMONIC     'X-RAY DIFFRACTION' 
t_angle_deg               3011 1.080 ? 2.000  HARMONIC     'X-RAY DIFFRACTION' 
t_omega_torsion           ?    3.870 ? ?      ?            'X-RAY DIFFRACTION' 
t_other_torsion           ?    2.960 ? ?      ?            'X-RAY DIFFRACTION' 
# 
_refine_ls_shell.d_res_high                       1.5500 
_refine_ls_shell.d_res_low                        1.7000 
_refine_ls_shell.pdbx_total_number_of_bins_used   6 
_refine_ls_shell.percent_reflns_obs               99.2400 
_refine_ls_shell.number_reflns_R_work             2811 
_refine_ls_shell.R_factor_all                     0.2085 
_refine_ls_shell.R_factor_R_work                  0.2077 
_refine_ls_shell.R_factor_R_free                  0.2232 
_refine_ls_shell.percent_reflns_R_free            5.3200 
_refine_ls_shell.number_reflns_R_free             158 
_refine_ls_shell.R_factor_R_free_error            ? 
_refine_ls_shell.number_reflns_all                2969 
_refine_ls_shell.number_reflns_obs                ? 
_refine_ls_shell.redundancy_reflns_obs            ? 
_refine_ls_shell.pdbx_refine_id                   'X-RAY DIFFRACTION' 
# 
_struct.title                     
'Crystal structure of a yobA protein (BSU18810) from Bacillus subtilis subsp. subtilis str. 168 at 1.55 A resolution' 
_struct.entry_id                  4QY7 
_struct.pdbx_model_type_details   ? 
_struct.pdbx_model_details        ? 
_struct.pdbx_CASP_flag            ? 
# 
_struct_keywords.text            
;PF11518 family protein, DUF3221, OB-fold, Structural Genomics, Joint Center for Structural Genomics, JCSG, Protein Structure Initiative, PSI-BIOLOGY, UNKNOWN FUNCTION
;
_struct_keywords.pdbx_keywords   'STRUCTURAL GENOMICS, UNKNOWN FUNCTION' 
_struct_keywords.entry_id        4QY7 
# 
loop_
_struct_asym.id 
_struct_asym.pdbx_blank_PDB_chainid_flag 
_struct_asym.pdbx_modified 
_struct_asym.entity_id 
_struct_asym.details 
A N N 1 ? 
B N N 2 ? 
C N N 3 ? 
# 
_struct_ref.id                         1 
_struct_ref.db_name                    UNP 
_struct_ref.db_code                    YOBA_BACSU 
_struct_ref.pdbx_db_accession          O31835 
_struct_ref.entity_id                  1 
_struct_ref.pdbx_seq_one_letter_code   
;DETKMQSLVGYVVLKDNERAILITDTKAPGKEDYNLSEGQLMNKFKNNIVIVGLSEIDNTDDLKRGEKIKVWFHTRKESN
PPSATIQKYELL
;
_struct_ref.pdbx_align_begin           29 
_struct_ref.pdbx_db_isoform            ? 
# 
_struct_ref_seq.align_id                      1 
_struct_ref_seq.ref_id                        1 
_struct_ref_seq.pdbx_PDB_id_code              4QY7 
_struct_ref_seq.pdbx_strand_id                A 
_struct_ref_seq.seq_align_beg                 2 
_struct_ref_seq.pdbx_seq_align_beg_ins_code   ? 
_struct_ref_seq.seq_align_end                 93 
_struct_ref_seq.pdbx_seq_align_end_ins_code   ? 
_struct_ref_seq.pdbx_db_accession             O31835 
_struct_ref_seq.db_align_beg                  29 
_struct_ref_seq.pdbx_db_align_beg_ins_code    ? 
_struct_ref_seq.db_align_end                  120 
_struct_ref_seq.pdbx_db_align_end_ins_code    ? 
_struct_ref_seq.pdbx_auth_seq_align_beg       29 
_struct_ref_seq.pdbx_auth_seq_align_end       120 
# 
_struct_ref_seq_dif.align_id                     1 
_struct_ref_seq_dif.pdbx_pdb_id_code             4QY7 
_struct_ref_seq_dif.mon_id                       GLY 
_struct_ref_seq_dif.pdbx_pdb_strand_id           A 
_struct_ref_seq_dif.seq_num                      1 
_struct_ref_seq_dif.pdbx_pdb_ins_code            ? 
_struct_ref_seq_dif.pdbx_seq_db_name             UNP 
_struct_ref_seq_dif.pdbx_seq_db_accession_code   O31835 
_struct_ref_seq_dif.db_mon_id                    ? 
_struct_ref_seq_dif.pdbx_seq_db_seq_num          ? 
_struct_ref_seq_dif.details                      'expression tag' 
_struct_ref_seq_dif.pdbx_auth_seq_num            0 
_struct_ref_seq_dif.pdbx_ordinal                 1 
# 
_pdbx_struct_assembly.id                   1 
_pdbx_struct_assembly.details              author_and_software_defined_assembly 
_pdbx_struct_assembly.method_details       PISA 
_pdbx_struct_assembly.oligomeric_details   monomeric 
_pdbx_struct_assembly.oligomeric_count     1 
# 
_pdbx_struct_assembly_gen.assembly_id       1 
_pdbx_struct_assembly_gen.oper_expression   1 
_pdbx_struct_assembly_gen.asym_id_list      A,B,C 
# 
_pdbx_struct_oper_list.id                   1 
_pdbx_struct_oper_list.type                 'identity operation' 
_pdbx_struct_oper_list.name                 1_555 
_pdbx_struct_oper_list.symmetry_operation   x,y,z 
_pdbx_struct_oper_list.matrix[1][1]         1.0000000000 
_pdbx_struct_oper_list.matrix[1][2]         0.0000000000 
_pdbx_struct_oper_list.matrix[1][3]         0.0000000000 
_pdbx_struct_oper_list.vector[1]            0.0000000000 
_pdbx_struct_oper_list.matrix[2][1]         0.0000000000 
_pdbx_struct_oper_list.matrix[2][2]         1.0000000000 
_pdbx_struct_oper_list.matrix[2][3]         0.0000000000 
_pdbx_struct_oper_list.vector[2]            0.0000000000 
_pdbx_struct_oper_list.matrix[3][1]         0.0000000000 
_pdbx_struct_oper_list.matrix[3][2]         0.0000000000 
_pdbx_struct_oper_list.matrix[3][3]         1.0000000000 
_pdbx_struct_oper_list.vector[3]            0.0000000000 
# 
_struct_biol.id        1 
_struct_biol.details   'CRYSTAL PACKING ANALYSIS SUGGESTS THE ASSIGNMENT OF A MONOMER AS THE SIGNIFICANT OLIGOMERIZATION STATE.' 
# 
loop_
_struct_conf.conf_type_id 
_struct_conf.id 
_struct_conf.pdbx_PDB_helix_id 
_struct_conf.beg_label_comp_id 
_struct_conf.beg_label_asym_id 
_struct_conf.beg_label_seq_id 
_struct_conf.pdbx_beg_PDB_ins_code 
_struct_conf.end_label_comp_id 
_struct_conf.end_label_asym_id 
_struct_conf.end_label_seq_id 
_struct_conf.pdbx_end_PDB_ins_code 
_struct_conf.beg_auth_comp_id 
_struct_conf.beg_auth_asym_id 
_struct_conf.beg_auth_seq_id 
_struct_conf.end_auth_comp_id 
_struct_conf.end_auth_asym_id 
_struct_conf.end_auth_seq_id 
_struct_conf.pdbx_PDB_helix_class 
_struct_conf.details 
_struct_conf.pdbx_PDB_helix_length 
HELX_P HELX_P1 1 GLY A 31 ? LEU A 37 ? GLY A 58 LEU A 64 5 ? 7 
HELX_P HELX_P2 2 SER A 38 ? PHE A 46 ? SER A 65 PHE A 73 1 ? 9 
# 
_struct_conf_type.id          HELX_P 
_struct_conf_type.criteria    ? 
_struct_conf_type.reference   ? 
# 
loop_
_struct_conn.id 
_struct_conn.conn_type_id 
_struct_conn.pdbx_leaving_atom_flag 
_struct_conn.pdbx_PDB_id 
_struct_conn.ptnr1_label_asym_id 
_struct_conn.ptnr1_label_comp_id 
_struct_conn.ptnr1_label_seq_id 
_struct_conn.ptnr1_label_atom_id 
_struct_conn.pdbx_ptnr1_label_alt_id 
_struct_conn.pdbx_ptnr1_PDB_ins_code 
_struct_conn.pdbx_ptnr1_standard_comp_id 
_struct_conn.ptnr1_symmetry 
_struct_conn.ptnr2_label_asym_id 
_struct_conn.ptnr2_label_comp_id 
_struct_conn.ptnr2_label_seq_id 
_struct_conn.ptnr2_label_atom_id 
_struct_conn.pdbx_ptnr2_label_alt_id 
_struct_conn.pdbx_ptnr2_PDB_ins_code 
_struct_conn.ptnr1_auth_asym_id 
_struct_conn.ptnr1_auth_comp_id 
_struct_conn.ptnr1_auth_seq_id 
_struct_conn.ptnr2_auth_asym_id 
_struct_conn.ptnr2_auth_comp_id 
_struct_conn.ptnr2_auth_seq_id 
_struct_conn.ptnr2_symmetry 
_struct_conn.pdbx_ptnr3_label_atom_id 
_struct_conn.pdbx_ptnr3_label_seq_id 
_struct_conn.pdbx_ptnr3_label_comp_id 
_struct_conn.pdbx_ptnr3_label_asym_id 
_struct_conn.pdbx_ptnr3_label_alt_id 
_struct_conn.pdbx_ptnr3_PDB_ins_code 
_struct_conn.details 
_struct_conn.pdbx_dist_value 
_struct_conn.pdbx_value_order 
_struct_conn.pdbx_role 
covale1 covale both ? A LYS 5  C ? ? ? 1_555 A MSE 6  N ? ? A LYS 32 A MSE 33 1_555 ? ? ? ? ? ? ? 1.353 ? ? 
covale2 covale both ? A MSE 6  C ? ? ? 1_555 A GLN 7  N ? ? A MSE 33 A GLN 34 1_555 ? ? ? ? ? ? ? 1.329 ? ? 
covale3 covale both ? A LEU 42 C ? ? ? 1_555 A MSE 43 N ? ? A LEU 69 A MSE 70 1_555 ? ? ? ? ? ? ? 1.377 ? ? 
covale4 covale both ? A MSE 43 C ? ? ? 1_555 A ASN 44 N ? ? A MSE 70 A ASN 71 1_555 ? ? ? ? ? ? ? 1.339 ? ? 
# 
_struct_conn_type.id          covale 
_struct_conn_type.criteria    ? 
_struct_conn_type.reference   ? 
# 
loop_
_pdbx_modification_feature.ordinal 
_pdbx_modification_feature.label_comp_id 
_pdbx_modification_feature.label_asym_id 
_pdbx_modification_feature.label_seq_id 
_pdbx_modification_feature.label_alt_id 
_pdbx_modification_feature.modified_residue_label_comp_id 
_pdbx_modification_feature.modified_residue_label_asym_id 
_pdbx_modification_feature.modified_residue_label_seq_id 
_pdbx_modification_feature.modified_residue_label_alt_id 
_pdbx_modification_feature.auth_comp_id 
_pdbx_modification_feature.auth_asym_id 
_pdbx_modification_feature.auth_seq_id 
_pdbx_modification_feature.PDB_ins_code 
_pdbx_modification_feature.symmetry 
_pdbx_modification_feature.modified_residue_auth_comp_id 
_pdbx_modification_feature.modified_residue_auth_asym_id 
_pdbx_modification_feature.modified_residue_auth_seq_id 
_pdbx_modification_feature.modified_residue_PDB_ins_code 
_pdbx_modification_feature.modified_residue_symmetry 
_pdbx_modification_feature.comp_id_linking_atom 
_pdbx_modification_feature.modified_residue_id_linking_atom 
_pdbx_modification_feature.modified_residue_id 
_pdbx_modification_feature.ref_pcm_id 
_pdbx_modification_feature.ref_comp_id 
_pdbx_modification_feature.type 
_pdbx_modification_feature.category 
1 MSE A 6  ? . . . . MSE A 33 ? 1_555 . . . . . . . MET 1 MSE Selenomethionine 'Named protein modification' 
2 MSE A 43 ? . . . . MSE A 70 ? 1_555 . . . . . . . MET 1 MSE Selenomethionine 'Named protein modification' 
# 
_struct_mon_prot_cis.pdbx_id                1 
_struct_mon_prot_cis.label_comp_id          ASN 
_struct_mon_prot_cis.label_seq_id           81 
_struct_mon_prot_cis.label_asym_id          A 
_struct_mon_prot_cis.label_alt_id           . 
_struct_mon_prot_cis.pdbx_PDB_ins_code      ? 
_struct_mon_prot_cis.auth_comp_id           ASN 
_struct_mon_prot_cis.auth_seq_id            108 
_struct_mon_prot_cis.auth_asym_id           A 
_struct_mon_prot_cis.pdbx_label_comp_id_2   PRO 
_struct_mon_prot_cis.pdbx_label_seq_id_2    82 
_struct_mon_prot_cis.pdbx_label_asym_id_2   A 
_struct_mon_prot_cis.pdbx_PDB_ins_code_2    ? 
_struct_mon_prot_cis.pdbx_auth_comp_id_2    PRO 
_struct_mon_prot_cis.pdbx_auth_seq_id_2     109 
_struct_mon_prot_cis.pdbx_auth_asym_id_2    A 
_struct_mon_prot_cis.pdbx_PDB_model_num     1 
_struct_mon_prot_cis.pdbx_omega_angle       0.33 
# 
_struct_sheet.id               A 
_struct_sheet.type             ? 
_struct_sheet.number_strands   6 
_struct_sheet.details          ? 
# 
loop_
_struct_sheet_order.sheet_id 
_struct_sheet_order.range_id_1 
_struct_sheet_order.range_id_2 
_struct_sheet_order.offset 
_struct_sheet_order.sense 
A 1 2 ? parallel      
A 2 3 ? anti-parallel 
A 3 4 ? anti-parallel 
A 4 5 ? anti-parallel 
A 5 6 ? anti-parallel 
# 
loop_
_struct_sheet_range.sheet_id 
_struct_sheet_range.id 
_struct_sheet_range.beg_label_comp_id 
_struct_sheet_range.beg_label_asym_id 
_struct_sheet_range.beg_label_seq_id 
_struct_sheet_range.pdbx_beg_PDB_ins_code 
_struct_sheet_range.end_label_comp_id 
_struct_sheet_range.end_label_asym_id 
_struct_sheet_range.end_label_seq_id 
_struct_sheet_range.pdbx_end_PDB_ins_code 
_struct_sheet_range.beg_auth_comp_id 
_struct_sheet_range.beg_auth_asym_id 
_struct_sheet_range.beg_auth_seq_id 
_struct_sheet_range.end_auth_comp_id 
_struct_sheet_range.end_auth_asym_id 
_struct_sheet_range.end_auth_seq_id 
A 1 SER A 84 ? THR A 86 ? SER A 111 THR A 113 
A 2 ILE A 50 ? GLY A 54 ? ILE A 77  GLY A 81  
A 3 ARG A 20 ? ILE A 24 ? ARG A 47  ILE A 51  
A 4 GLN A 7  ? LYS A 16 ? GLN A 34  LYS A 43  
A 5 LYS A 69 ? PHE A 74 ? LYS A 96  PHE A 101 
A 6 LYS A 89 ? LEU A 93 ? LYS A 116 LEU A 120 
# 
loop_
_pdbx_struct_sheet_hbond.sheet_id 
_pdbx_struct_sheet_hbond.range_id_1 
_pdbx_struct_sheet_hbond.range_id_2 
_pdbx_struct_sheet_hbond.range_1_label_atom_id 
_pdbx_struct_sheet_hbond.range_1_label_comp_id 
_pdbx_struct_sheet_hbond.range_1_label_asym_id 
_pdbx_struct_sheet_hbond.range_1_label_seq_id 
_pdbx_struct_sheet_hbond.range_1_PDB_ins_code 
_pdbx_struct_sheet_hbond.range_1_auth_atom_id 
_pdbx_struct_sheet_hbond.range_1_auth_comp_id 
_pdbx_struct_sheet_hbond.range_1_auth_asym_id 
_pdbx_struct_sheet_hbond.range_1_auth_seq_id 
_pdbx_struct_sheet_hbond.range_2_label_atom_id 
_pdbx_struct_sheet_hbond.range_2_label_comp_id 
_pdbx_struct_sheet_hbond.range_2_label_asym_id 
_pdbx_struct_sheet_hbond.range_2_label_seq_id 
_pdbx_struct_sheet_hbond.range_2_PDB_ins_code 
_pdbx_struct_sheet_hbond.range_2_auth_atom_id 
_pdbx_struct_sheet_hbond.range_2_auth_comp_id 
_pdbx_struct_sheet_hbond.range_2_auth_asym_id 
_pdbx_struct_sheet_hbond.range_2_auth_seq_id 
A 1 2 O ALA A 85 ? O ALA A 112 N GLY A 54 ? N GLY A 81  
A 2 3 O VAL A 51 ? O VAL A 78  N LEU A 23 ? N LEU A 50  
A 3 4 O ILE A 22 ? O ILE A 49  N VAL A 14 ? N VAL A 41  
A 4 5 N GLY A 11 ? N GLY A 38  O ILE A 70 ? O ILE A 97  
A 5 6 N LYS A 69 ? N LYS A 96  O LEU A 93 ? O LEU A 120 
# 
_struct_site.id                   AC1 
_struct_site.pdbx_evidence_code   Software 
_struct_site.pdbx_auth_asym_id    A 
_struct_site.pdbx_auth_comp_id    2PE 
_struct_site.pdbx_auth_seq_id     200 
_struct_site.pdbx_auth_ins_code   ? 
_struct_site.pdbx_num_residues    4 
_struct_site.details              'BINDING SITE FOR RESIDUE 2PE A 200' 
# 
loop_
_struct_site_gen.id 
_struct_site_gen.site_id 
_struct_site_gen.pdbx_num_res 
_struct_site_gen.label_comp_id 
_struct_site_gen.label_asym_id 
_struct_site_gen.label_seq_id 
_struct_site_gen.pdbx_auth_ins_code 
_struct_site_gen.auth_comp_id 
_struct_site_gen.auth_asym_id 
_struct_site_gen.auth_seq_id 
_struct_site_gen.label_atom_id 
_struct_site_gen.label_alt_id 
_struct_site_gen.symmetry 
_struct_site_gen.details 
1 AC1 4 TRP A 73 ? TRP A 100 . ? 1_555 ? 
2 AC1 4 LYS A 89 ? LYS A 116 . ? 1_555 ? 
3 AC1 4 GLU A 91 ? GLU A 118 . ? 1_555 ? 
4 AC1 4 HOH C .  ? HOH A 387 . ? 1_555 ? 
# 
_pdbx_entry_details.entry_id                   4QY7 
_pdbx_entry_details.compound_details           ? 
_pdbx_entry_details.source_details             ? 
_pdbx_entry_details.nonpolymer_details         ? 
_pdbx_entry_details.sequence_details           
;THIS CONSTRUCT WAS EXPRESSED WITH AN N-TERMINAL PURIFICATION TAG MGSDKIHHHHHHENLYFQG. THE TAG WAS REMOVED WITH TEV PROTEASE LEAVING ONLY A GLYCINE (0) FOLLOWED BY RESIDUES 29-120 OF THE TARGET SEQUENCE.
;
_pdbx_entry_details.has_ligand_of_interest     ? 
_pdbx_entry_details.has_protein_modification   Y 
# 
_pdbx_SG_project.project_name          PSI:Biology 
_pdbx_SG_project.full_name_of_center   'Joint Center for Structural Genomics' 
_pdbx_SG_project.id                    1 
_pdbx_SG_project.initial_of_center     JCSG 
# 
loop_
_pdbx_struct_mod_residue.id 
_pdbx_struct_mod_residue.label_asym_id 
_pdbx_struct_mod_residue.label_comp_id 
_pdbx_struct_mod_residue.label_seq_id 
_pdbx_struct_mod_residue.auth_asym_id 
_pdbx_struct_mod_residue.auth_comp_id 
_pdbx_struct_mod_residue.auth_seq_id 
_pdbx_struct_mod_residue.PDB_ins_code 
_pdbx_struct_mod_residue.parent_comp_id 
_pdbx_struct_mod_residue.details 
1 A MSE 6  A MSE 33 ? MET SELENOMETHIONINE 
2 A MSE 43 A MSE 70 ? MET SELENOMETHIONINE 
# 
_pdbx_refine_tls.pdbx_refine_id   'X-RAY DIFFRACTION' 
_pdbx_refine_tls.id               1 
_pdbx_refine_tls.details          ? 
_pdbx_refine_tls.method           refined 
_pdbx_refine_tls.origin_x         -0.4521 
_pdbx_refine_tls.origin_y         0.0276 
_pdbx_refine_tls.origin_z         -0.4215 
_pdbx_refine_tls.T[1][1]          -0.0195 
_pdbx_refine_tls.T[2][2]          -0.0583 
_pdbx_refine_tls.T[3][3]          -0.0635 
_pdbx_refine_tls.T[1][2]          0.0085 
_pdbx_refine_tls.T[1][3]          -0.0063 
_pdbx_refine_tls.T[2][3]          -0.0044 
_pdbx_refine_tls.L[1][1]          2.2942 
_pdbx_refine_tls.L[2][2]          0.9681 
_pdbx_refine_tls.L[3][3]          2.1317 
_pdbx_refine_tls.L[1][2]          -0.2179 
_pdbx_refine_tls.L[1][3]          0.3580 
_pdbx_refine_tls.L[2][3]          -0.6348 
_pdbx_refine_tls.S[1][1]          0.0042 
_pdbx_refine_tls.S[2][2]          -0.0043 
_pdbx_refine_tls.S[3][3]          0.0001 
_pdbx_refine_tls.S[1][2]          -0.0467 
_pdbx_refine_tls.S[1][3]          -0.0683 
_pdbx_refine_tls.S[2][3]          0.0243 
_pdbx_refine_tls.S[2][1]          0.0857 
_pdbx_refine_tls.S[3][1]          -0.1033 
_pdbx_refine_tls.S[3][2]          -0.0013 
# 
_pdbx_refine_tls_group.pdbx_refine_id      'X-RAY DIFFRACTION' 
_pdbx_refine_tls_group.id                  1 
_pdbx_refine_tls_group.refine_tls_id       1 
_pdbx_refine_tls_group.beg_auth_asym_id    A 
_pdbx_refine_tls_group.beg_auth_seq_id     0 
_pdbx_refine_tls_group.end_auth_asym_id    A 
_pdbx_refine_tls_group.end_auth_seq_id     120 
_pdbx_refine_tls_group.selection_details   ? 
_pdbx_refine_tls_group.beg_label_asym_id   . 
_pdbx_refine_tls_group.beg_label_seq_id    . 
_pdbx_refine_tls_group.end_label_asym_id   . 
_pdbx_refine_tls_group.end_label_seq_id    . 
_pdbx_refine_tls_group.selection           ? 
# 
_phasing.method   MAD 
# 
loop_
_chem_comp_atom.comp_id 
_chem_comp_atom.atom_id 
_chem_comp_atom.type_symbol 
_chem_comp_atom.pdbx_aromatic_flag 
_chem_comp_atom.pdbx_stereo_config 
_chem_comp_atom.pdbx_ordinal 
2PE O1   O  N N 1   
2PE C2   C  N N 2   
2PE C3   C  N N 3   
2PE O4   O  N N 4   
2PE C5   C  N N 5   
2PE C6   C  N N 6   
2PE O7   O  N N 7   
2PE C8   C  N N 8   
2PE C9   C  N N 9   
2PE O10  O  N N 10  
2PE C11  C  N N 11  
2PE C12  C  N N 12  
2PE O13  O  N N 13  
2PE C14  C  N N 14  
2PE C15  C  N N 15  
2PE O16  O  N N 16  
2PE C17  C  N N 17  
2PE C18  C  N N 18  
2PE O19  O  N N 19  
2PE C20  C  N N 20  
2PE C21  C  N N 21  
2PE O22  O  N N 22  
2PE C23  C  N N 23  
2PE C24  C  N N 24  
2PE O25  O  N N 25  
2PE C26  C  N N 26  
2PE C27  C  N N 27  
2PE O28  O  N N 28  
2PE HO1  H  N N 29  
2PE H21  H  N N 30  
2PE H22  H  N N 31  
2PE H31  H  N N 32  
2PE H32  H  N N 33  
2PE H51  H  N N 34  
2PE H52  H  N N 35  
2PE H61  H  N N 36  
2PE H62  H  N N 37  
2PE H81  H  N N 38  
2PE H82  H  N N 39  
2PE H91  H  N N 40  
2PE H92  H  N N 41  
2PE H111 H  N N 42  
2PE H112 H  N N 43  
2PE H121 H  N N 44  
2PE H122 H  N N 45  
2PE H141 H  N N 46  
2PE H142 H  N N 47  
2PE H151 H  N N 48  
2PE H152 H  N N 49  
2PE H171 H  N N 50  
2PE H172 H  N N 51  
2PE H181 H  N N 52  
2PE H182 H  N N 53  
2PE H201 H  N N 54  
2PE H202 H  N N 55  
2PE H211 H  N N 56  
2PE H212 H  N N 57  
2PE H231 H  N N 58  
2PE H232 H  N N 59  
2PE H241 H  N N 60  
2PE H242 H  N N 61  
2PE H261 H  N N 62  
2PE H262 H  N N 63  
2PE H271 H  N N 64  
2PE H272 H  N N 65  
2PE HO2  H  N N 66  
ALA N    N  N N 67  
ALA CA   C  N S 68  
ALA C    C  N N 69  
ALA O    O  N N 70  
ALA CB   C  N N 71  
ALA OXT  O  N N 72  
ALA H    H  N N 73  
ALA H2   H  N N 74  
ALA HA   H  N N 75  
ALA HB1  H  N N 76  
ALA HB2  H  N N 77  
ALA HB3  H  N N 78  
ALA HXT  H  N N 79  
ARG N    N  N N 80  
ARG CA   C  N S 81  
ARG C    C  N N 82  
ARG O    O  N N 83  
ARG CB   C  N N 84  
ARG CG   C  N N 85  
ARG CD   C  N N 86  
ARG NE   N  N N 87  
ARG CZ   C  N N 88  
ARG NH1  N  N N 89  
ARG NH2  N  N N 90  
ARG OXT  O  N N 91  
ARG H    H  N N 92  
ARG H2   H  N N 93  
ARG HA   H  N N 94  
ARG HB2  H  N N 95  
ARG HB3  H  N N 96  
ARG HG2  H  N N 97  
ARG HG3  H  N N 98  
ARG HD2  H  N N 99  
ARG HD3  H  N N 100 
ARG HE   H  N N 101 
ARG HH11 H  N N 102 
ARG HH12 H  N N 103 
ARG HH21 H  N N 104 
ARG HH22 H  N N 105 
ARG HXT  H  N N 106 
ASN N    N  N N 107 
ASN CA   C  N S 108 
ASN C    C  N N 109 
ASN O    O  N N 110 
ASN CB   C  N N 111 
ASN CG   C  N N 112 
ASN OD1  O  N N 113 
ASN ND2  N  N N 114 
ASN OXT  O  N N 115 
ASN H    H  N N 116 
ASN H2   H  N N 117 
ASN HA   H  N N 118 
ASN HB2  H  N N 119 
ASN HB3  H  N N 120 
ASN HD21 H  N N 121 
ASN HD22 H  N N 122 
ASN HXT  H  N N 123 
ASP N    N  N N 124 
ASP CA   C  N S 125 
ASP C    C  N N 126 
ASP O    O  N N 127 
ASP CB   C  N N 128 
ASP CG   C  N N 129 
ASP OD1  O  N N 130 
ASP OD2  O  N N 131 
ASP OXT  O  N N 132 
ASP H    H  N N 133 
ASP H2   H  N N 134 
ASP HA   H  N N 135 
ASP HB2  H  N N 136 
ASP HB3  H  N N 137 
ASP HD2  H  N N 138 
ASP HXT  H  N N 139 
GLN N    N  N N 140 
GLN CA   C  N S 141 
GLN C    C  N N 142 
GLN O    O  N N 143 
GLN CB   C  N N 144 
GLN CG   C  N N 145 
GLN CD   C  N N 146 
GLN OE1  O  N N 147 
GLN NE2  N  N N 148 
GLN OXT  O  N N 149 
GLN H    H  N N 150 
GLN H2   H  N N 151 
GLN HA   H  N N 152 
GLN HB2  H  N N 153 
GLN HB3  H  N N 154 
GLN HG2  H  N N 155 
GLN HG3  H  N N 156 
GLN HE21 H  N N 157 
GLN HE22 H  N N 158 
GLN HXT  H  N N 159 
GLU N    N  N N 160 
GLU CA   C  N S 161 
GLU C    C  N N 162 
GLU O    O  N N 163 
GLU CB   C  N N 164 
GLU CG   C  N N 165 
GLU CD   C  N N 166 
GLU OE1  O  N N 167 
GLU OE2  O  N N 168 
GLU OXT  O  N N 169 
GLU H    H  N N 170 
GLU H2   H  N N 171 
GLU HA   H  N N 172 
GLU HB2  H  N N 173 
GLU HB3  H  N N 174 
GLU HG2  H  N N 175 
GLU HG3  H  N N 176 
GLU HE2  H  N N 177 
GLU HXT  H  N N 178 
GLY N    N  N N 179 
GLY CA   C  N N 180 
GLY C    C  N N 181 
GLY O    O  N N 182 
GLY OXT  O  N N 183 
GLY H    H  N N 184 
GLY H2   H  N N 185 
GLY HA2  H  N N 186 
GLY HA3  H  N N 187 
GLY HXT  H  N N 188 
HIS N    N  N N 189 
HIS CA   C  N S 190 
HIS C    C  N N 191 
HIS O    O  N N 192 
HIS CB   C  N N 193 
HIS CG   C  Y N 194 
HIS ND1  N  Y N 195 
HIS CD2  C  Y N 196 
HIS CE1  C  Y N 197 
HIS NE2  N  Y N 198 
HIS OXT  O  N N 199 
HIS H    H  N N 200 
HIS H2   H  N N 201 
HIS HA   H  N N 202 
HIS HB2  H  N N 203 
HIS HB3  H  N N 204 
HIS HD1  H  N N 205 
HIS HD2  H  N N 206 
HIS HE1  H  N N 207 
HIS HE2  H  N N 208 
HIS HXT  H  N N 209 
HOH O    O  N N 210 
HOH H1   H  N N 211 
HOH H2   H  N N 212 
ILE N    N  N N 213 
ILE CA   C  N S 214 
ILE C    C  N N 215 
ILE O    O  N N 216 
ILE CB   C  N S 217 
ILE CG1  C  N N 218 
ILE CG2  C  N N 219 
ILE CD1  C  N N 220 
ILE OXT  O  N N 221 
ILE H    H  N N 222 
ILE H2   H  N N 223 
ILE HA   H  N N 224 
ILE HB   H  N N 225 
ILE HG12 H  N N 226 
ILE HG13 H  N N 227 
ILE HG21 H  N N 228 
ILE HG22 H  N N 229 
ILE HG23 H  N N 230 
ILE HD11 H  N N 231 
ILE HD12 H  N N 232 
ILE HD13 H  N N 233 
ILE HXT  H  N N 234 
LEU N    N  N N 235 
LEU CA   C  N S 236 
LEU C    C  N N 237 
LEU O    O  N N 238 
LEU CB   C  N N 239 
LEU CG   C  N N 240 
LEU CD1  C  N N 241 
LEU CD2  C  N N 242 
LEU OXT  O  N N 243 
LEU H    H  N N 244 
LEU H2   H  N N 245 
LEU HA   H  N N 246 
LEU HB2  H  N N 247 
LEU HB3  H  N N 248 
LEU HG   H  N N 249 
LEU HD11 H  N N 250 
LEU HD12 H  N N 251 
LEU HD13 H  N N 252 
LEU HD21 H  N N 253 
LEU HD22 H  N N 254 
LEU HD23 H  N N 255 
LEU HXT  H  N N 256 
LYS N    N  N N 257 
LYS CA   C  N S 258 
LYS C    C  N N 259 
LYS O    O  N N 260 
LYS CB   C  N N 261 
LYS CG   C  N N 262 
LYS CD   C  N N 263 
LYS CE   C  N N 264 
LYS NZ   N  N N 265 
LYS OXT  O  N N 266 
LYS H    H  N N 267 
LYS H2   H  N N 268 
LYS HA   H  N N 269 
LYS HB2  H  N N 270 
LYS HB3  H  N N 271 
LYS HG2  H  N N 272 
LYS HG3  H  N N 273 
LYS HD2  H  N N 274 
LYS HD3  H  N N 275 
LYS HE2  H  N N 276 
LYS HE3  H  N N 277 
LYS HZ1  H  N N 278 
LYS HZ2  H  N N 279 
LYS HZ3  H  N N 280 
LYS HXT  H  N N 281 
MSE N    N  N N 282 
MSE CA   C  N S 283 
MSE C    C  N N 284 
MSE O    O  N N 285 
MSE OXT  O  N N 286 
MSE CB   C  N N 287 
MSE CG   C  N N 288 
MSE SE   SE N N 289 
MSE CE   C  N N 290 
MSE H    H  N N 291 
MSE H2   H  N N 292 
MSE HA   H  N N 293 
MSE HXT  H  N N 294 
MSE HB2  H  N N 295 
MSE HB3  H  N N 296 
MSE HG2  H  N N 297 
MSE HG3  H  N N 298 
MSE HE1  H  N N 299 
MSE HE2  H  N N 300 
MSE HE3  H  N N 301 
PHE N    N  N N 302 
PHE CA   C  N S 303 
PHE C    C  N N 304 
PHE O    O  N N 305 
PHE CB   C  N N 306 
PHE CG   C  Y N 307 
PHE CD1  C  Y N 308 
PHE CD2  C  Y N 309 
PHE CE1  C  Y N 310 
PHE CE2  C  Y N 311 
PHE CZ   C  Y N 312 
PHE OXT  O  N N 313 
PHE H    H  N N 314 
PHE H2   H  N N 315 
PHE HA   H  N N 316 
PHE HB2  H  N N 317 
PHE HB3  H  N N 318 
PHE HD1  H  N N 319 
PHE HD2  H  N N 320 
PHE HE1  H  N N 321 
PHE HE2  H  N N 322 
PHE HZ   H  N N 323 
PHE HXT  H  N N 324 
PRO N    N  N N 325 
PRO CA   C  N S 326 
PRO C    C  N N 327 
PRO O    O  N N 328 
PRO CB   C  N N 329 
PRO CG   C  N N 330 
PRO CD   C  N N 331 
PRO OXT  O  N N 332 
PRO H    H  N N 333 
PRO HA   H  N N 334 
PRO HB2  H  N N 335 
PRO HB3  H  N N 336 
PRO HG2  H  N N 337 
PRO HG3  H  N N 338 
PRO HD2  H  N N 339 
PRO HD3  H  N N 340 
PRO HXT  H  N N 341 
SER N    N  N N 342 
SER CA   C  N S 343 
SER C    C  N N 344 
SER O    O  N N 345 
SER CB   C  N N 346 
SER OG   O  N N 347 
SER OXT  O  N N 348 
SER H    H  N N 349 
SER H2   H  N N 350 
SER HA   H  N N 351 
SER HB2  H  N N 352 
SER HB3  H  N N 353 
SER HG   H  N N 354 
SER HXT  H  N N 355 
THR N    N  N N 356 
THR CA   C  N S 357 
THR C    C  N N 358 
THR O    O  N N 359 
THR CB   C  N R 360 
THR OG1  O  N N 361 
THR CG2  C  N N 362 
THR OXT  O  N N 363 
THR H    H  N N 364 
THR H2   H  N N 365 
THR HA   H  N N 366 
THR HB   H  N N 367 
THR HG1  H  N N 368 
THR HG21 H  N N 369 
THR HG22 H  N N 370 
THR HG23 H  N N 371 
THR HXT  H  N N 372 
TRP N    N  N N 373 
TRP CA   C  N S 374 
TRP C    C  N N 375 
TRP O    O  N N 376 
TRP CB   C  N N 377 
TRP CG   C  Y N 378 
TRP CD1  C  Y N 379 
TRP CD2  C  Y N 380 
TRP NE1  N  Y N 381 
TRP CE2  C  Y N 382 
TRP CE3  C  Y N 383 
TRP CZ2  C  Y N 384 
TRP CZ3  C  Y N 385 
TRP CH2  C  Y N 386 
TRP OXT  O  N N 387 
TRP H    H  N N 388 
TRP H2   H  N N 389 
TRP HA   H  N N 390 
TRP HB2  H  N N 391 
TRP HB3  H  N N 392 
TRP HD1  H  N N 393 
TRP HE1  H  N N 394 
TRP HE3  H  N N 395 
TRP HZ2  H  N N 396 
TRP HZ3  H  N N 397 
TRP HH2  H  N N 398 
TRP HXT  H  N N 399 
TYR N    N  N N 400 
TYR CA   C  N S 401 
TYR C    C  N N 402 
TYR O    O  N N 403 
TYR CB   C  N N 404 
TYR CG   C  Y N 405 
TYR CD1  C  Y N 406 
TYR CD2  C  Y N 407 
TYR CE1  C  Y N 408 
TYR CE2  C  Y N 409 
TYR CZ   C  Y N 410 
TYR OH   O  N N 411 
TYR OXT  O  N N 412 
TYR H    H  N N 413 
TYR H2   H  N N 414 
TYR HA   H  N N 415 
TYR HB2  H  N N 416 
TYR HB3  H  N N 417 
TYR HD1  H  N N 418 
TYR HD2  H  N N 419 
TYR HE1  H  N N 420 
TYR HE2  H  N N 421 
TYR HH   H  N N 422 
TYR HXT  H  N N 423 
VAL N    N  N N 424 
VAL CA   C  N S 425 
VAL C    C  N N 426 
VAL O    O  N N 427 
VAL CB   C  N N 428 
VAL CG1  C  N N 429 
VAL CG2  C  N N 430 
VAL OXT  O  N N 431 
VAL H    H  N N 432 
VAL H2   H  N N 433 
VAL HA   H  N N 434 
VAL HB   H  N N 435 
VAL HG11 H  N N 436 
VAL HG12 H  N N 437 
VAL HG13 H  N N 438 
VAL HG21 H  N N 439 
VAL HG22 H  N N 440 
VAL HG23 H  N N 441 
VAL HXT  H  N N 442 
# 
loop_
_chem_comp_bond.comp_id 
_chem_comp_bond.atom_id_1 
_chem_comp_bond.atom_id_2 
_chem_comp_bond.value_order 
_chem_comp_bond.pdbx_aromatic_flag 
_chem_comp_bond.pdbx_stereo_config 
_chem_comp_bond.pdbx_ordinal 
2PE O1  C2   sing N N 1   
2PE O1  HO1  sing N N 2   
2PE C2  C3   sing N N 3   
2PE C2  H21  sing N N 4   
2PE C2  H22  sing N N 5   
2PE C3  O4   sing N N 6   
2PE C3  H31  sing N N 7   
2PE C3  H32  sing N N 8   
2PE O4  C5   sing N N 9   
2PE C5  C6   sing N N 10  
2PE C5  H51  sing N N 11  
2PE C5  H52  sing N N 12  
2PE C6  O7   sing N N 13  
2PE C6  H61  sing N N 14  
2PE C6  H62  sing N N 15  
2PE O7  C8   sing N N 16  
2PE C8  C9   sing N N 17  
2PE C8  H81  sing N N 18  
2PE C8  H82  sing N N 19  
2PE C9  O10  sing N N 20  
2PE C9  H91  sing N N 21  
2PE C9  H92  sing N N 22  
2PE O10 C11  sing N N 23  
2PE C11 C12  sing N N 24  
2PE C11 H111 sing N N 25  
2PE C11 H112 sing N N 26  
2PE C12 O13  sing N N 27  
2PE C12 H121 sing N N 28  
2PE C12 H122 sing N N 29  
2PE O13 C14  sing N N 30  
2PE C14 C15  sing N N 31  
2PE C14 H141 sing N N 32  
2PE C14 H142 sing N N 33  
2PE C15 O16  sing N N 34  
2PE C15 H151 sing N N 35  
2PE C15 H152 sing N N 36  
2PE O16 C17  sing N N 37  
2PE C17 C18  sing N N 38  
2PE C17 H171 sing N N 39  
2PE C17 H172 sing N N 40  
2PE C18 O19  sing N N 41  
2PE C18 H181 sing N N 42  
2PE C18 H182 sing N N 43  
2PE O19 C20  sing N N 44  
2PE C20 C21  sing N N 45  
2PE C20 H201 sing N N 46  
2PE C20 H202 sing N N 47  
2PE C21 O22  sing N N 48  
2PE C21 H211 sing N N 49  
2PE C21 H212 sing N N 50  
2PE O22 C23  sing N N 51  
2PE C23 C24  sing N N 52  
2PE C23 H231 sing N N 53  
2PE C23 H232 sing N N 54  
2PE C24 O25  sing N N 55  
2PE C24 H241 sing N N 56  
2PE C24 H242 sing N N 57  
2PE O25 C26  sing N N 58  
2PE C26 C27  sing N N 59  
2PE C26 H261 sing N N 60  
2PE C26 H262 sing N N 61  
2PE C27 O28  sing N N 62  
2PE C27 H271 sing N N 63  
2PE C27 H272 sing N N 64  
2PE O28 HO2  sing N N 65  
ALA N   CA   sing N N 66  
ALA N   H    sing N N 67  
ALA N   H2   sing N N 68  
ALA CA  C    sing N N 69  
ALA CA  CB   sing N N 70  
ALA CA  HA   sing N N 71  
ALA C   O    doub N N 72  
ALA C   OXT  sing N N 73  
ALA CB  HB1  sing N N 74  
ALA CB  HB2  sing N N 75  
ALA CB  HB3  sing N N 76  
ALA OXT HXT  sing N N 77  
ARG N   CA   sing N N 78  
ARG N   H    sing N N 79  
ARG N   H2   sing N N 80  
ARG CA  C    sing N N 81  
ARG CA  CB   sing N N 82  
ARG CA  HA   sing N N 83  
ARG C   O    doub N N 84  
ARG C   OXT  sing N N 85  
ARG CB  CG   sing N N 86  
ARG CB  HB2  sing N N 87  
ARG CB  HB3  sing N N 88  
ARG CG  CD   sing N N 89  
ARG CG  HG2  sing N N 90  
ARG CG  HG3  sing N N 91  
ARG CD  NE   sing N N 92  
ARG CD  HD2  sing N N 93  
ARG CD  HD3  sing N N 94  
ARG NE  CZ   sing N N 95  
ARG NE  HE   sing N N 96  
ARG CZ  NH1  sing N N 97  
ARG CZ  NH2  doub N N 98  
ARG NH1 HH11 sing N N 99  
ARG NH1 HH12 sing N N 100 
ARG NH2 HH21 sing N N 101 
ARG NH2 HH22 sing N N 102 
ARG OXT HXT  sing N N 103 
ASN N   CA   sing N N 104 
ASN N   H    sing N N 105 
ASN N   H2   sing N N 106 
ASN CA  C    sing N N 107 
ASN CA  CB   sing N N 108 
ASN CA  HA   sing N N 109 
ASN C   O    doub N N 110 
ASN C   OXT  sing N N 111 
ASN CB  CG   sing N N 112 
ASN CB  HB2  sing N N 113 
ASN CB  HB3  sing N N 114 
ASN CG  OD1  doub N N 115 
ASN CG  ND2  sing N N 116 
ASN ND2 HD21 sing N N 117 
ASN ND2 HD22 sing N N 118 
ASN OXT HXT  sing N N 119 
ASP N   CA   sing N N 120 
ASP N   H    sing N N 121 
ASP N   H2   sing N N 122 
ASP CA  C    sing N N 123 
ASP CA  CB   sing N N 124 
ASP CA  HA   sing N N 125 
ASP C   O    doub N N 126 
ASP C   OXT  sing N N 127 
ASP CB  CG   sing N N 128 
ASP CB  HB2  sing N N 129 
ASP CB  HB3  sing N N 130 
ASP CG  OD1  doub N N 131 
ASP CG  OD2  sing N N 132 
ASP OD2 HD2  sing N N 133 
ASP OXT HXT  sing N N 134 
GLN N   CA   sing N N 135 
GLN N   H    sing N N 136 
GLN N   H2   sing N N 137 
GLN CA  C    sing N N 138 
GLN CA  CB   sing N N 139 
GLN CA  HA   sing N N 140 
GLN C   O    doub N N 141 
GLN C   OXT  sing N N 142 
GLN CB  CG   sing N N 143 
GLN CB  HB2  sing N N 144 
GLN CB  HB3  sing N N 145 
GLN CG  CD   sing N N 146 
GLN CG  HG2  sing N N 147 
GLN CG  HG3  sing N N 148 
GLN CD  OE1  doub N N 149 
GLN CD  NE2  sing N N 150 
GLN NE2 HE21 sing N N 151 
GLN NE2 HE22 sing N N 152 
GLN OXT HXT  sing N N 153 
GLU N   CA   sing N N 154 
GLU N   H    sing N N 155 
GLU N   H2   sing N N 156 
GLU CA  C    sing N N 157 
GLU CA  CB   sing N N 158 
GLU CA  HA   sing N N 159 
GLU C   O    doub N N 160 
GLU C   OXT  sing N N 161 
GLU CB  CG   sing N N 162 
GLU CB  HB2  sing N N 163 
GLU CB  HB3  sing N N 164 
GLU CG  CD   sing N N 165 
GLU CG  HG2  sing N N 166 
GLU CG  HG3  sing N N 167 
GLU CD  OE1  doub N N 168 
GLU CD  OE2  sing N N 169 
GLU OE2 HE2  sing N N 170 
GLU OXT HXT  sing N N 171 
GLY N   CA   sing N N 172 
GLY N   H    sing N N 173 
GLY N   H2   sing N N 174 
GLY CA  C    sing N N 175 
GLY CA  HA2  sing N N 176 
GLY CA  HA3  sing N N 177 
GLY C   O    doub N N 178 
GLY C   OXT  sing N N 179 
GLY OXT HXT  sing N N 180 
HIS N   CA   sing N N 181 
HIS N   H    sing N N 182 
HIS N   H2   sing N N 183 
HIS CA  C    sing N N 184 
HIS CA  CB   sing N N 185 
HIS CA  HA   sing N N 186 
HIS C   O    doub N N 187 
HIS C   OXT  sing N N 188 
HIS CB  CG   sing N N 189 
HIS CB  HB2  sing N N 190 
HIS CB  HB3  sing N N 191 
HIS CG  ND1  sing Y N 192 
HIS CG  CD2  doub Y N 193 
HIS ND1 CE1  doub Y N 194 
HIS ND1 HD1  sing N N 195 
HIS CD2 NE2  sing Y N 196 
HIS CD2 HD2  sing N N 197 
HIS CE1 NE2  sing Y N 198 
HIS CE1 HE1  sing N N 199 
HIS NE2 HE2  sing N N 200 
HIS OXT HXT  sing N N 201 
HOH O   H1   sing N N 202 
HOH O   H2   sing N N 203 
ILE N   CA   sing N N 204 
ILE N   H    sing N N 205 
ILE N   H2   sing N N 206 
ILE CA  C    sing N N 207 
ILE CA  CB   sing N N 208 
ILE CA  HA   sing N N 209 
ILE C   O    doub N N 210 
ILE C   OXT  sing N N 211 
ILE CB  CG1  sing N N 212 
ILE CB  CG2  sing N N 213 
ILE CB  HB   sing N N 214 
ILE CG1 CD1  sing N N 215 
ILE CG1 HG12 sing N N 216 
ILE CG1 HG13 sing N N 217 
ILE CG2 HG21 sing N N 218 
ILE CG2 HG22 sing N N 219 
ILE CG2 HG23 sing N N 220 
ILE CD1 HD11 sing N N 221 
ILE CD1 HD12 sing N N 222 
ILE CD1 HD13 sing N N 223 
ILE OXT HXT  sing N N 224 
LEU N   CA   sing N N 225 
LEU N   H    sing N N 226 
LEU N   H2   sing N N 227 
LEU CA  C    sing N N 228 
LEU CA  CB   sing N N 229 
LEU CA  HA   sing N N 230 
LEU C   O    doub N N 231 
LEU C   OXT  sing N N 232 
LEU CB  CG   sing N N 233 
LEU CB  HB2  sing N N 234 
LEU CB  HB3  sing N N 235 
LEU CG  CD1  sing N N 236 
LEU CG  CD2  sing N N 237 
LEU CG  HG   sing N N 238 
LEU CD1 HD11 sing N N 239 
LEU CD1 HD12 sing N N 240 
LEU CD1 HD13 sing N N 241 
LEU CD2 HD21 sing N N 242 
LEU CD2 HD22 sing N N 243 
LEU CD2 HD23 sing N N 244 
LEU OXT HXT  sing N N 245 
LYS N   CA   sing N N 246 
LYS N   H    sing N N 247 
LYS N   H2   sing N N 248 
LYS CA  C    sing N N 249 
LYS CA  CB   sing N N 250 
LYS CA  HA   sing N N 251 
LYS C   O    doub N N 252 
LYS C   OXT  sing N N 253 
LYS CB  CG   sing N N 254 
LYS CB  HB2  sing N N 255 
LYS CB  HB3  sing N N 256 
LYS CG  CD   sing N N 257 
LYS CG  HG2  sing N N 258 
LYS CG  HG3  sing N N 259 
LYS CD  CE   sing N N 260 
LYS CD  HD2  sing N N 261 
LYS CD  HD3  sing N N 262 
LYS CE  NZ   sing N N 263 
LYS CE  HE2  sing N N 264 
LYS CE  HE3  sing N N 265 
LYS NZ  HZ1  sing N N 266 
LYS NZ  HZ2  sing N N 267 
LYS NZ  HZ3  sing N N 268 
LYS OXT HXT  sing N N 269 
MSE N   CA   sing N N 270 
MSE N   H    sing N N 271 
MSE N   H2   sing N N 272 
MSE CA  C    sing N N 273 
MSE CA  CB   sing N N 274 
MSE CA  HA   sing N N 275 
MSE C   O    doub N N 276 
MSE C   OXT  sing N N 277 
MSE OXT HXT  sing N N 278 
MSE CB  CG   sing N N 279 
MSE CB  HB2  sing N N 280 
MSE CB  HB3  sing N N 281 
MSE CG  SE   sing N N 282 
MSE CG  HG2  sing N N 283 
MSE CG  HG3  sing N N 284 
MSE SE  CE   sing N N 285 
MSE CE  HE1  sing N N 286 
MSE CE  HE2  sing N N 287 
MSE CE  HE3  sing N N 288 
PHE N   CA   sing N N 289 
PHE N   H    sing N N 290 
PHE N   H2   sing N N 291 
PHE CA  C    sing N N 292 
PHE CA  CB   sing N N 293 
PHE CA  HA   sing N N 294 
PHE C   O    doub N N 295 
PHE C   OXT  sing N N 296 
PHE CB  CG   sing N N 297 
PHE CB  HB2  sing N N 298 
PHE CB  HB3  sing N N 299 
PHE CG  CD1  doub Y N 300 
PHE CG  CD2  sing Y N 301 
PHE CD1 CE1  sing Y N 302 
PHE CD1 HD1  sing N N 303 
PHE CD2 CE2  doub Y N 304 
PHE CD2 HD2  sing N N 305 
PHE CE1 CZ   doub Y N 306 
PHE CE1 HE1  sing N N 307 
PHE CE2 CZ   sing Y N 308 
PHE CE2 HE2  sing N N 309 
PHE CZ  HZ   sing N N 310 
PHE OXT HXT  sing N N 311 
PRO N   CA   sing N N 312 
PRO N   CD   sing N N 313 
PRO N   H    sing N N 314 
PRO CA  C    sing N N 315 
PRO CA  CB   sing N N 316 
PRO CA  HA   sing N N 317 
PRO C   O    doub N N 318 
PRO C   OXT  sing N N 319 
PRO CB  CG   sing N N 320 
PRO CB  HB2  sing N N 321 
PRO CB  HB3  sing N N 322 
PRO CG  CD   sing N N 323 
PRO CG  HG2  sing N N 324 
PRO CG  HG3  sing N N 325 
PRO CD  HD2  sing N N 326 
PRO CD  HD3  sing N N 327 
PRO OXT HXT  sing N N 328 
SER N   CA   sing N N 329 
SER N   H    sing N N 330 
SER N   H2   sing N N 331 
SER CA  C    sing N N 332 
SER CA  CB   sing N N 333 
SER CA  HA   sing N N 334 
SER C   O    doub N N 335 
SER C   OXT  sing N N 336 
SER CB  OG   sing N N 337 
SER CB  HB2  sing N N 338 
SER CB  HB3  sing N N 339 
SER OG  HG   sing N N 340 
SER OXT HXT  sing N N 341 
THR N   CA   sing N N 342 
THR N   H    sing N N 343 
THR N   H2   sing N N 344 
THR CA  C    sing N N 345 
THR CA  CB   sing N N 346 
THR CA  HA   sing N N 347 
THR C   O    doub N N 348 
THR C   OXT  sing N N 349 
THR CB  OG1  sing N N 350 
THR CB  CG2  sing N N 351 
THR CB  HB   sing N N 352 
THR OG1 HG1  sing N N 353 
THR CG2 HG21 sing N N 354 
THR CG2 HG22 sing N N 355 
THR CG2 HG23 sing N N 356 
THR OXT HXT  sing N N 357 
TRP N   CA   sing N N 358 
TRP N   H    sing N N 359 
TRP N   H2   sing N N 360 
TRP CA  C    sing N N 361 
TRP CA  CB   sing N N 362 
TRP CA  HA   sing N N 363 
TRP C   O    doub N N 364 
TRP C   OXT  sing N N 365 
TRP CB  CG   sing N N 366 
TRP CB  HB2  sing N N 367 
TRP CB  HB3  sing N N 368 
TRP CG  CD1  doub Y N 369 
TRP CG  CD2  sing Y N 370 
TRP CD1 NE1  sing Y N 371 
TRP CD1 HD1  sing N N 372 
TRP CD2 CE2  doub Y N 373 
TRP CD2 CE3  sing Y N 374 
TRP NE1 CE2  sing Y N 375 
TRP NE1 HE1  sing N N 376 
TRP CE2 CZ2  sing Y N 377 
TRP CE3 CZ3  doub Y N 378 
TRP CE3 HE3  sing N N 379 
TRP CZ2 CH2  doub Y N 380 
TRP CZ2 HZ2  sing N N 381 
TRP CZ3 CH2  sing Y N 382 
TRP CZ3 HZ3  sing N N 383 
TRP CH2 HH2  sing N N 384 
TRP OXT HXT  sing N N 385 
TYR N   CA   sing N N 386 
TYR N   H    sing N N 387 
TYR N   H2   sing N N 388 
TYR CA  C    sing N N 389 
TYR CA  CB   sing N N 390 
TYR CA  HA   sing N N 391 
TYR C   O    doub N N 392 
TYR C   OXT  sing N N 393 
TYR CB  CG   sing N N 394 
TYR CB  HB2  sing N N 395 
TYR CB  HB3  sing N N 396 
TYR CG  CD1  doub Y N 397 
TYR CG  CD2  sing Y N 398 
TYR CD1 CE1  sing Y N 399 
TYR CD1 HD1  sing N N 400 
TYR CD2 CE2  doub Y N 401 
TYR CD2 HD2  sing N N 402 
TYR CE1 CZ   doub Y N 403 
TYR CE1 HE1  sing N N 404 
TYR CE2 CZ   sing Y N 405 
TYR CE2 HE2  sing N N 406 
TYR CZ  OH   sing N N 407 
TYR OH  HH   sing N N 408 
TYR OXT HXT  sing N N 409 
VAL N   CA   sing N N 410 
VAL N   H    sing N N 411 
VAL N   H2   sing N N 412 
VAL CA  C    sing N N 413 
VAL CA  CB   sing N N 414 
VAL CA  HA   sing N N 415 
VAL C   O    doub N N 416 
VAL C   OXT  sing N N 417 
VAL CB  CG1  sing N N 418 
VAL CB  CG2  sing N N 419 
VAL CB  HB   sing N N 420 
VAL CG1 HG11 sing N N 421 
VAL CG1 HG12 sing N N 422 
VAL CG1 HG13 sing N N 423 
VAL CG2 HG21 sing N N 424 
VAL CG2 HG22 sing N N 425 
VAL CG2 HG23 sing N N 426 
VAL OXT HXT  sing N N 427 
# 
_atom_sites.entry_id                    4QY7 
_atom_sites.fract_transf_matrix[1][1]   0.02036974 
_atom_sites.fract_transf_matrix[1][2]   -0.01752227 
_atom_sites.fract_transf_matrix[1][3]   -0.02439278 
_atom_sites.fract_transf_matrix[2][1]   -0.01947309 
_atom_sites.fract_transf_matrix[2][2]   -0.01729178 
_atom_sites.fract_transf_matrix[2][3]   -0.00384010 
_atom_sites.fract_transf_matrix[3][1]   -0.00456745 
_atom_sites.fract_transf_matrix[3][2]   0.00712771 
_atom_sites.fract_transf_matrix[3][3]   -0.00893426 
_atom_sites.fract_transf_vector[1]      0.282352 
_atom_sites.fract_transf_vector[2]      0.179398 
_atom_sites.fract_transf_vector[3]      0.101700 
# 
loop_
_atom_type.symbol 
C  
N  
O  
SE 
# 
loop_
_atom_site.group_PDB 
_atom_site.id 
_atom_site.type_symbol 
_atom_site.label_atom_id 
_atom_site.label_alt_id 
_atom_site.label_comp_id 
_atom_site.label_asym_id 
_atom_site.label_entity_id 
_atom_site.label_seq_id 
_atom_site.pdbx_PDB_ins_code 
_atom_site.Cartn_x 
_atom_site.Cartn_y 
_atom_site.Cartn_z 
_atom_site.occupancy 
_atom_site.B_iso_or_equiv 
_atom_site.pdbx_formal_charge 
_atom_site.auth_seq_id 
_atom_site.auth_comp_id 
_atom_site.auth_asym_id 
_atom_site.auth_atom_id 
_atom_site.pdbx_PDB_model_num 
ATOM   1   N  N   . GLY A 1 1  ? 30.483  -5.313  8.558   1.00 46.92 ? 0   GLY A N   1 
ATOM   2   C  CA  . GLY A 1 1  ? 29.188  -4.659  8.698   1.00 44.51 ? 0   GLY A CA  1 
ATOM   3   C  C   . GLY A 1 1  ? 28.690  -4.083  7.388   1.00 45.57 ? 0   GLY A C   1 
ATOM   4   O  O   . GLY A 1 1  ? 29.482  -3.668  6.555   1.00 42.17 ? 0   GLY A O   1 
ATOM   5   N  N   . ASP A 1 2  ? 27.374  -4.045  7.187   1.00 43.94 ? 29  ASP A N   1 
ATOM   6   C  CA  . ASP A 1 2  ? 26.796  -3.502  5.958   1.00 44.06 ? 29  ASP A CA  1 
ATOM   7   C  C   . ASP A 1 2  ? 25.609  -2.592  6.274   1.00 48.66 ? 29  ASP A C   1 
ATOM   8   O  O   . ASP A 1 2  ? 25.180  -2.494  7.433   1.00 47.41 ? 29  ASP A O   1 
ATOM   9   C  CB  . ASP A 1 2  ? 26.378  -4.638  5.003   1.00 45.62 ? 29  ASP A CB  1 
ATOM   10  N  N   . GLU A 1 3  ? 25.120  -1.889  5.242   1.00 45.93 ? 30  GLU A N   1 
ATOM   11  C  CA  . GLU A 1 3  ? 23.994  -0.971  5.379   1.00 45.48 ? 30  GLU A CA  1 
ATOM   12  C  C   . GLU A 1 3  ? 22.710  -1.724  5.687   1.00 50.33 ? 30  GLU A C   1 
ATOM   13  O  O   . GLU A 1 3  ? 22.593  -2.902  5.340   1.00 49.61 ? 30  GLU A O   1 
ATOM   14  C  CB  . GLU A 1 3  ? 23.810  -0.120  4.103   1.00 46.61 ? 30  GLU A CB  1 
ATOM   15  N  N   . THR A 1 4  ? 21.749  -1.042  6.349   1.00 47.50 ? 31  THR A N   1 
ATOM   16  C  CA  . THR A 1 4  ? 20.454  -1.633  6.704   1.00 46.47 ? 31  THR A CA  1 
ATOM   17  C  C   . THR A 1 4  ? 19.701  -1.951  5.425   1.00 49.63 ? 31  THR A C   1 
ATOM   18  O  O   . THR A 1 4  ? 19.460  -1.043  4.635   1.00 50.72 ? 31  THR A O   1 
ATOM   19  C  CB  . THR A 1 4  ? 19.649  -0.683  7.606   1.00 59.80 ? 31  THR A CB  1 
ATOM   20  O  OG1 . THR A 1 4  ? 20.485  -0.225  8.671   1.00 64.66 ? 31  THR A OG1 1 
ATOM   21  C  CG2 . THR A 1 4  ? 18.388  -1.341  8.173   1.00 59.31 ? 31  THR A CG2 1 
ATOM   22  N  N   . LYS A 1 5  ? 19.368  -3.234  5.204   1.00 44.25 ? 32  LYS A N   1 
ATOM   23  C  CA  . LYS A 1 5  ? 18.669  -3.677  4.000   1.00 42.07 ? 32  LYS A CA  1 
ATOM   24  C  C   . LYS A 1 5  ? 17.155  -3.595  4.218   1.00 40.43 ? 32  LYS A C   1 
ATOM   25  O  O   . LYS A 1 5  ? 16.625  -4.320  5.063   1.00 42.06 ? 32  LYS A O   1 
ATOM   26  C  CB  . LYS A 1 5  ? 19.094  -5.115  3.637   1.00 45.96 ? 32  LYS A CB  1 
HETATM 27  N  N   . MSE A 1 6  ? 16.456  -2.701  3.481   1.00 30.19 ? 33  MSE A N   1 
HETATM 28  C  CA  . MSE A 1 6  ? 15.004  -2.582  3.620   1.00 26.99 ? 33  MSE A CA  1 
HETATM 29  C  C   . MSE A 1 6  ? 14.307  -3.374  2.534   1.00 24.44 ? 33  MSE A C   1 
HETATM 30  O  O   . MSE A 1 6  ? 14.824  -3.492  1.415   1.00 24.91 ? 33  MSE A O   1 
HETATM 31  C  CB  . MSE A 1 6  ? 14.547  -1.114  3.544   1.00 28.94 ? 33  MSE A CB  1 
HETATM 32  C  CG  . MSE A 1 6  ? 14.649  -0.374  4.891   1.00 35.47 ? 33  MSE A CG  1 
HETATM 33  SE SE  . MSE A 1 6  ? 13.399  1.109   4.892   0.75 39.26 ? 33  MSE A SE  1 
HETATM 34  C  CE  . MSE A 1 6  ? 14.217  2.192   3.594   1.00 36.90 ? 33  MSE A CE  1 
ATOM   35  N  N   . GLN A 1 7  ? 13.121  -3.880  2.855   1.00 17.74 ? 34  GLN A N   1 
ATOM   36  C  CA  . GLN A 1 7  ? 12.315  -4.588  1.884   1.00 16.47 ? 34  GLN A CA  1 
ATOM   37  C  C   . GLN A 1 7  ? 11.514  -3.606  1.077   1.00 19.24 ? 34  GLN A C   1 
ATOM   38  O  O   . GLN A 1 7  ? 11.283  -2.476  1.514   1.00 19.02 ? 34  GLN A O   1 
ATOM   39  C  CB  . GLN A 1 7  ? 11.344  -5.538  2.576   1.00 17.97 ? 34  GLN A CB  1 
ATOM   40  C  CG  . GLN A 1 7  ? 11.993  -6.523  3.496   1.00 19.89 ? 34  GLN A CG  1 
ATOM   41  C  CD  . GLN A 1 7  ? 10.987  -7.567  3.874   1.00 28.33 ? 34  GLN A CD  1 
ATOM   42  O  OE1 . GLN A 1 7  ? 10.398  -8.221  3.003   1.00 26.59 ? 34  GLN A OE1 1 
ATOM   43  N  NE2 . GLN A 1 7  ? 10.730  -7.708  5.152   1.00 27.53 ? 34  GLN A NE2 1 
ATOM   44  N  N   . SER A 1 8  ? 11.036  -4.045  -0.074  1.00 15.81 ? 35  SER A N   1 
ATOM   45  C  CA  . SER A 1 8  ? 10.175  -3.193  -0.885  1.00 14.92 ? 35  SER A CA  1 
ATOM   46  C  C   . SER A 1 8  ? 9.133   -4.006  -1.620  1.00 16.37 ? 35  SER A C   1 
ATOM   47  O  O   . SER A 1 8  ? 9.319   -5.211  -1.856  1.00 16.42 ? 35  SER A O   1 
ATOM   48  C  CB  . SER A 1 8  ? 10.993  -2.418  -1.917  1.00 18.94 ? 35  SER A CB  1 
ATOM   49  O  OG  . SER A 1 8  ? 11.607  -3.268  -2.884  1.00 21.88 ? 35  SER A OG  1 
ATOM   50  N  N   . LEU A 1 9  ? 8.047   -3.337  -2.007  1.00 13.03 ? 36  LEU A N   1 
ATOM   51  C  CA  . LEU A 1 9  ? 7.039   -3.964  -2.856  1.00 13.04 ? 36  LEU A CA  1 
ATOM   52  C  C   . LEU A 1 9  ? 6.316   -2.919  -3.653  1.00 14.19 ? 36  LEU A C   1 
ATOM   53  O  O   . LEU A 1 9  ? 6.292   -1.751  -3.257  1.00 14.36 ? 36  LEU A O   1 
ATOM   54  C  CB  . LEU A 1 9  ? 6.063   -4.845  -2.051  1.00 14.55 ? 36  LEU A CB  1 
ATOM   55  C  CG  . LEU A 1 9  ? 5.195   -4.164  -1.010  1.00 16.58 ? 36  LEU A CG  1 
ATOM   56  C  CD1 . LEU A 1 9  ? 3.885   -3.668  -1.647  1.00 16.10 ? 36  LEU A CD1 1 
ATOM   57  C  CD2 . LEU A 1 9  ? 4.807   -5.153  0.125   1.00 19.30 ? 36  LEU A CD2 1 
ATOM   58  N  N   . VAL A 1 10 ? 5.694   -3.344  -4.758  1.00 12.49 ? 37  VAL A N   1 
ATOM   59  C  CA  . VAL A 1 10 ? 4.996   -2.447  -5.662  1.00 12.26 ? 37  VAL A CA  1 
ATOM   60  C  C   . VAL A 1 10 ? 3.525   -2.749  -5.656  1.00 15.16 ? 37  VAL A C   1 
ATOM   61  O  O   . VAL A 1 10 ? 3.124   -3.911  -5.606  1.00 15.17 ? 37  VAL A O   1 
ATOM   62  C  CB  . VAL A 1 10 ? 5.578   -2.632  -7.095  1.00 14.25 ? 37  VAL A CB  1 
ATOM   63  C  CG1 . VAL A 1 10 ? 4.696   -1.922  -8.139  1.00 15.56 ? 37  VAL A CG1 1 
ATOM   64  C  CG2 . VAL A 1 10 ? 7.023   -2.129  -7.162  1.00 15.38 ? 37  VAL A CG2 1 
ATOM   65  N  N   . GLY A 1 11 ? 2.721   -1.694  -5.719  1.00 13.14 ? 38  GLY A N   1 
ATOM   66  C  CA  . GLY A 1 11 ? 1.271   -1.894  -5.766  1.00 13.91 ? 38  GLY A CA  1 
ATOM   67  C  C   . GLY A 1 11 ? 0.558   -0.641  -6.177  1.00 14.86 ? 38  GLY A C   1 
ATOM   68  O  O   . GLY A 1 11 ? 1.180   0.408   -6.314  1.00 15.13 ? 38  GLY A O   1 
ATOM   69  N  N   . TYR A 1 12 ? -0.730  -0.772  -6.409  1.00 12.27 ? 39  TYR A N   1 
ATOM   70  C  CA  . TYR A 1 12 ? -1.573  0.347   -6.828  1.00 12.56 ? 39  TYR A CA  1 
ATOM   71  C  C   . TYR A 1 12 ? -2.406  0.829   -5.676  1.00 14.84 ? 39  TYR A C   1 
ATOM   72  O  O   . TYR A 1 12 ? -3.061  0.004   -5.038  1.00 12.65 ? 39  TYR A O   1 
ATOM   73  C  CB  . TYR A 1 12 ? -2.515  -0.062  -7.978  1.00 14.84 ? 39  TYR A CB  1 
ATOM   74  C  CG  . TYR A 1 12 ? -1.791  -0.471  -9.233  1.00 18.81 ? 39  TYR A CG  1 
ATOM   75  C  CD1 . TYR A 1 12 ? -1.265  -1.756  -9.368  1.00 19.81 ? 39  TYR A CD1 1 
ATOM   76  C  CD2 . TYR A 1 12 ? -1.512  0.453   -10.228 1.00 21.90 ? 39  TYR A CD2 1 
ATOM   77  C  CE1 . TYR A 1 12 ? -0.542  -2.127  -10.499 1.00 20.04 ? 39  TYR A CE1 1 
ATOM   78  C  CE2 . TYR A 1 12 ? -0.816  0.082   -11.384 1.00 22.66 ? 39  TYR A CE2 1 
ATOM   79  C  CZ  . TYR A 1 12 ? -0.324  -1.207  -11.501 1.00 26.48 ? 39  TYR A CZ  1 
ATOM   80  O  OH  . TYR A 1 12 ? 0.379   -1.616  -12.623 1.00 31.73 ? 39  TYR A OH  1 
ATOM   81  N  N   . VAL A 1 13 ? -2.480  2.145   -5.463  1.00 12.28 ? 40  VAL A N   1 
ATOM   82  C  CA  . VAL A 1 13 ? -3.262  2.710   -4.352  1.00 11.53 ? 40  VAL A CA  1 
ATOM   83  C  C   . VAL A 1 13 ? -4.734  2.654   -4.690  1.00 15.11 ? 40  VAL A C   1 
ATOM   84  O  O   . VAL A 1 13 ? -5.125  3.320   -5.624  1.00 16.64 ? 40  VAL A O   1 
ATOM   85  C  CB  . VAL A 1 13 ? -2.851  4.169   -4.042  1.00 14.85 ? 40  VAL A CB  1 
ATOM   86  C  CG1 . VAL A 1 13 ? -3.671  4.763   -2.881  1.00 15.50 ? 40  VAL A CG1 1 
ATOM   87  C  CG2 . VAL A 1 13 ? -1.355  4.267   -3.736  1.00 14.70 ? 40  VAL A CG2 1 
ATOM   88  N  N   . VAL A 1 14 ? -5.544  1.903   -3.935  1.00 14.15 ? 41  VAL A N   1 
ATOM   89  C  CA  A VAL A 1 14 ? -7.002  1.811   -4.178  0.50 13.98 ? 41  VAL A CA  1 
ATOM   90  C  CA  B VAL A 1 14 ? -6.981  1.878   -4.232  0.50 14.33 ? 41  VAL A CA  1 
ATOM   91  C  C   . VAL A 1 14 ? -7.773  2.610   -3.133  1.00 18.95 ? 41  VAL A C   1 
ATOM   92  O  O   . VAL A 1 14 ? -8.814  3.187   -3.456  1.00 20.67 ? 41  VAL A O   1 
ATOM   93  C  CB  A VAL A 1 14 ? -7.557  0.364   -4.282  0.50 17.22 ? 41  VAL A CB  1 
ATOM   94  C  CB  B VAL A 1 14 ? -7.480  0.443   -4.510  0.50 18.40 ? 41  VAL A CB  1 
ATOM   95  C  CG1 A VAL A 1 14 ? -7.185  -0.255  -5.621  0.50 18.80 ? 41  VAL A CG1 1 
ATOM   96  C  CG1 B VAL A 1 14 ? -8.967  0.434   -4.859  0.50 17.96 ? 41  VAL A CG1 1 
ATOM   97  C  CG2 A VAL A 1 14 ? -7.117  -0.525  -3.124  0.50 15.39 ? 41  VAL A CG2 1 
ATOM   98  C  CG2 B VAL A 1 14 ? -6.678  -0.146  -5.664  0.50 18.75 ? 41  VAL A CG2 1 
ATOM   99  N  N   . LEU A 1 15 ? -7.277  2.666   -1.891  1.00 16.39 ? 42  LEU A N   1 
ATOM   100 C  CA  A LEU A 1 15 ? -7.877  3.465   -0.817  0.50 16.44 ? 42  LEU A CA  1 
ATOM   101 C  CA  B LEU A 1 15 ? -7.890  3.420   -0.787  0.50 17.97 ? 42  LEU A CA  1 
ATOM   102 C  C   . LEU A 1 15 ? -6.773  4.183   -0.071  1.00 20.07 ? 42  LEU A C   1 
ATOM   103 O  O   . LEU A 1 15 ? -5.694  3.627   0.109   1.00 17.67 ? 42  LEU A O   1 
ATOM   104 C  CB  A LEU A 1 15 ? -8.670  2.591   0.156   0.50 16.94 ? 42  LEU A CB  1 
ATOM   105 C  CB  B LEU A 1 15 ? -8.590  2.436   0.189   0.50 19.64 ? 42  LEU A CB  1 
ATOM   106 C  CG  A LEU A 1 15 ? -9.886  1.860   -0.407  0.50 20.73 ? 42  LEU A CG  1 
ATOM   107 C  CG  B LEU A 1 15 ? -10.142 2.286   0.240   0.50 26.72 ? 42  LEU A CG  1 
ATOM   108 C  CD1 A LEU A 1 15 ? -10.260 0.673   0.477   0.50 22.08 ? 42  LEU A CD1 1 
ATOM   109 C  CD1 B LEU A 1 15 ? -10.831 2.614   -1.081  0.50 28.17 ? 42  LEU A CD1 1 
ATOM   110 C  CD2 A LEU A 1 15 ? -11.079 2.818   -0.556  0.50 25.80 ? 42  LEU A CD2 1 
ATOM   111 C  CD2 B LEU A 1 15 ? -10.533 0.865   0.680   0.50 30.51 ? 42  LEU A CD2 1 
ATOM   112 N  N   . LYS A 1 16 ? -7.013  5.421   0.354   1.00 17.18 ? 43  LYS A N   1 
ATOM   113 C  CA  . LYS A 1 16 ? -5.995  6.175   1.086   1.00 16.47 ? 43  LYS A CA  1 
ATOM   114 C  C   . LYS A 1 16 ? -6.698  7.101   2.036   1.00 22.59 ? 43  LYS A C   1 
ATOM   115 O  O   . LYS A 1 16 ? -7.612  7.814   1.617   1.00 25.44 ? 43  LYS A O   1 
ATOM   116 C  CB  . LYS A 1 16 ? -5.090  6.983   0.125   1.00 18.66 ? 43  LYS A CB  1 
ATOM   117 C  CG  . LYS A 1 16 ? -3.862  7.625   0.835   1.00 19.17 ? 43  LYS A CG  1 
ATOM   118 C  CD  . LYS A 1 16 ? -4.113  9.098   1.202   1.00 25.93 ? 43  LYS A CD  1 
ATOM   119 C  CE  . LYS A 1 16 ? -2.965  9.713   1.955   1.00 26.58 ? 43  LYS A CE  1 
ATOM   120 N  NZ  . LYS A 1 16 ? -3.134  11.196  2.091   1.00 25.58 ? 43  LYS A NZ  1 
ATOM   121 N  N   . ASP A 1 17 ? -6.324  7.052   3.307   1.00 21.28 ? 44  ASP A N   1 
ATOM   122 C  CA  . ASP A 1 17 ? -6.824  7.983   4.313   1.00 21.05 ? 44  ASP A CA  1 
ATOM   123 C  C   . ASP A 1 17 ? -5.591  8.519   5.008   1.00 23.61 ? 44  ASP A C   1 
ATOM   124 O  O   . ASP A 1 17 ? -4.479  8.214   4.575   1.00 21.52 ? 44  ASP A O   1 
ATOM   125 C  CB  . ASP A 1 17 ? -7.872  7.330   5.223   1.00 23.17 ? 44  ASP A CB  1 
ATOM   126 C  CG  . ASP A 1 17 ? -7.410  6.236   6.161   1.00 30.12 ? 44  ASP A CG  1 
ATOM   127 O  OD1 . ASP A 1 17 ? -6.223  6.256   6.573   1.00 28.29 ? 44  ASP A OD1 1 
ATOM   128 O  OD2 . ASP A 1 17 ? -8.261  5.420   6.578   1.00 39.88 ? 44  ASP A OD2 1 
ATOM   129 N  N   . ASN A 1 18 ? -5.755  9.323   6.061   1.00 24.49 ? 45  ASN A N   1 
ATOM   130 C  CA  A ASN A 1 18 ? -4.584  9.931   6.690   0.50 24.22 ? 45  ASN A CA  1 
ATOM   131 C  CA  B ASN A 1 18 ? -4.643  9.945   6.779   0.50 24.39 ? 45  ASN A CA  1 
ATOM   132 C  C   . ASN A 1 18 ? -3.664  8.921   7.361   1.00 26.55 ? 45  ASN A C   1 
ATOM   133 O  O   . ASN A 1 18 ? -2.475  9.208   7.466   1.00 28.28 ? 45  ASN A O   1 
ATOM   134 C  CB  A ASN A 1 18 ? -4.991  10.984  7.715   0.50 28.64 ? 45  ASN A CB  1 
ATOM   135 C  CB  B ASN A 1 18 ? -5.199  10.815  7.937   0.50 28.44 ? 45  ASN A CB  1 
ATOM   136 C  CG  A ASN A 1 18 ? -5.733  12.140  7.095   0.50 42.25 ? 45  ASN A CG  1 
ATOM   137 C  CG  B ASN A 1 18 ? -4.173  11.676  8.637   0.50 49.60 ? 45  ASN A CG  1 
ATOM   138 O  OD1 A ASN A 1 18 ? -5.270  12.776  6.139   0.50 38.95 ? 45  ASN A OD1 1 
ATOM   139 O  OD1 B ASN A 1 18 ? -3.548  11.258  9.620   0.50 39.04 ? 45  ASN A OD1 1 
ATOM   140 N  ND2 A ASN A 1 18 ? -6.935  12.386  7.555   0.50 30.65 ? 45  ASN A ND2 1 
ATOM   141 N  ND2 B ASN A 1 18 ? -4.002  12.912  8.177   0.50 43.16 ? 45  ASN A ND2 1 
ATOM   142 N  N   . GLU A 1 19 ? -4.165  7.749   7.793   1.00 20.51 ? 46  GLU A N   1 
ATOM   143 C  CA  . GLU A 1 19 ? -3.301  6.791   8.495   1.00 19.65 ? 46  GLU A CA  1 
ATOM   144 C  C   . GLU A 1 19 ? -2.777  5.643   7.671   1.00 20.26 ? 46  GLU A C   1 
ATOM   145 O  O   . GLU A 1 19 ? -1.753  5.084   8.039   1.00 20.13 ? 46  GLU A O   1 
ATOM   146 C  CB  . GLU A 1 19 ? -4.086  6.166   9.681   1.00 21.21 ? 46  GLU A CB  1 
ATOM   147 C  CG  . GLU A 1 19 ? -4.507  7.164   10.753  1.00 26.14 ? 46  GLU A CG  1 
ATOM   148 C  CD  . GLU A 1 19 ? -3.377  8.000   11.330  1.00 46.38 ? 46  GLU A CD  1 
ATOM   149 O  OE1 . GLU A 1 19 ? -2.219  7.517   11.336  1.00 31.55 ? 46  GLU A OE1 1 
ATOM   150 O  OE2 . GLU A 1 19 ? -3.645  9.146   11.757  1.00 39.23 ? 46  GLU A OE2 1 
ATOM   151 N  N   . ARG A 1 20 ? -3.453  5.261   6.607   1.00 18.28 ? 47  ARG A N   1 
ATOM   152 C  CA  A ARG A 1 20 ? -3.032  4.086   5.850   0.65 17.50 ? 47  ARG A CA  1 
ATOM   153 C  CA  B ARG A 1 20 ? -3.009  4.104   5.840   0.35 17.26 ? 47  ARG A CA  1 
ATOM   154 C  C   . ARG A 1 20 ? -3.462  4.158   4.409   1.00 19.45 ? 47  ARG A C   1 
ATOM   155 O  O   . ARG A 1 20 ? -4.406  4.876   4.073   1.00 18.84 ? 47  ARG A O   1 
ATOM   156 C  CB  A ARG A 1 20 ? -3.656  2.826   6.489   0.65 19.63 ? 47  ARG A CB  1 
ATOM   157 C  CB  B ARG A 1 20 ? -3.554  2.816   6.487   0.35 18.57 ? 47  ARG A CB  1 
ATOM   158 C  CG  A ARG A 1 20 ? -5.194  2.753   6.401   0.65 26.77 ? 47  ARG A CG  1 
ATOM   159 C  CG  B ARG A 1 20 ? -5.087  2.745   6.586   0.35 26.27 ? 47  ARG A CG  1 
ATOM   160 C  CD  A ARG A 1 20 ? -5.682  1.909   5.222   0.65 31.21 ? 47  ARG A CD  1 
ATOM   161 C  CD  B ARG A 1 20 ? -5.758  2.104   5.369   0.35 34.12 ? 47  ARG A CD  1 
ATOM   162 N  NE  A ARG A 1 20 ? -7.141  1.904   5.082   0.65 23.80 ? 47  ARG A NE  1 
ATOM   163 N  NE  B ARG A 1 20 ? -7.190  1.906   5.578   0.35 38.54 ? 47  ARG A NE  1 
ATOM   164 C  CZ  A ARG A 1 20 ? -7.884  2.784   4.405   0.65 32.19 ? 47  ARG A CZ  1 
ATOM   165 C  CZ  B ARG A 1 20 ? -7.722  0.929   6.306   0.35 46.71 ? 47  ARG A CZ  1 
ATOM   166 N  NH1 A ARG A 1 20 ? -7.315  3.814   3.782   0.65 20.04 ? 47  ARG A NH1 1 
ATOM   167 N  NH1 B ARG A 1 20 ? -6.942  0.043   6.917   0.35 33.72 ? 47  ARG A NH1 1 
ATOM   168 N  NH2 A ARG A 1 20 ? -9.202  2.646   4.354   0.65 30.88 ? 47  ARG A NH2 1 
ATOM   169 N  NH2 B ARG A 1 20 ? -9.040  0.833   6.436   0.35 26.91 ? 47  ARG A NH2 1 
ATOM   170 N  N   . ALA A 1 21 ? -2.844  3.330   3.587   1.00 15.78 ? 48  ALA A N   1 
ATOM   171 C  CA  . ALA A 1 21 ? -3.277  3.162   2.213   1.00 14.65 ? 48  ALA A CA  1 
ATOM   172 C  C   . ALA A 1 21 ? -3.438  1.676   1.963   1.00 15.84 ? 48  ALA A C   1 
ATOM   173 O  O   . ALA A 1 21 ? -2.719  0.869   2.555   1.00 15.85 ? 48  ALA A O   1 
ATOM   174 C  CB  . ALA A 1 21 ? -2.306  3.795   1.220   1.00 15.80 ? 48  ALA A CB  1 
ATOM   175 N  N   . ILE A 1 22 ? -4.392  1.298   1.124   1.00 14.22 ? 49  ILE A N   1 
ATOM   176 C  CA  . ILE A 1 22 ? -4.594  -0.088  0.720   1.00 14.98 ? 49  ILE A CA  1 
ATOM   177 C  C   . ILE A 1 22 ? -4.064  -0.213  -0.678  1.00 15.60 ? 49  ILE A C   1 
ATOM   178 O  O   . ILE A 1 22 ? -4.502  0.544   -1.555  1.00 15.50 ? 49  ILE A O   1 
ATOM   179 C  CB  . ILE A 1 22 ? -6.082  -0.491  0.783   1.00 18.86 ? 49  ILE A CB  1 
ATOM   180 C  CG1 . ILE A 1 22 ? -6.593  -0.266  2.236   1.00 21.29 ? 49  ILE A CG1 1 
ATOM   181 C  CG2 . ILE A 1 22 ? -6.293  -1.957  0.268   1.00 19.35 ? 49  ILE A CG2 1 
ATOM   182 C  CD1 . ILE A 1 22 ? -7.728  -1.089  2.714   1.00 37.79 ? 49  ILE A CD1 1 
ATOM   183 N  N   . LEU A 1 23 ? -3.104  -1.126  -0.879  1.00 13.18 ? 50  LEU A N   1 
ATOM   184 C  CA  . LEU A 1 23 ? -2.501  -1.351  -2.186  1.00 12.59 ? 50  LEU A CA  1 
ATOM   185 C  C   . LEU A 1 23 ? -2.925  -2.667  -2.762  1.00 16.41 ? 50  LEU A C   1 
ATOM   186 O  O   . LEU A 1 23 ? -2.940  -3.671  -2.046  1.00 16.16 ? 50  LEU A O   1 
ATOM   187 C  CB  . LEU A 1 23 ? -0.974  -1.372  -2.091  1.00 12.94 ? 50  LEU A CB  1 
ATOM   188 C  CG  . LEU A 1 23 ? -0.306  -0.256  -1.349  1.00 18.83 ? 50  LEU A CG  1 
ATOM   189 C  CD1 . LEU A 1 23 ? 1.214   -0.381  -1.476  1.00 19.77 ? 50  LEU A CD1 1 
ATOM   190 C  CD2 . LEU A 1 23 ? -0.779  1.095   -1.839  1.00 19.75 ? 50  LEU A CD2 1 
ATOM   191 N  N   . ILE A 1 24 ? -3.186  -2.688  -4.073  1.00 15.95 ? 51  ILE A N   1 
ATOM   192 C  CA  . ILE A 1 24 ? -3.457  -3.928  -4.803  1.00 16.62 ? 51  ILE A CA  1 
ATOM   193 C  C   . ILE A 1 24 ? -2.166  -4.315  -5.480  1.00 19.34 ? 51  ILE A C   1 
ATOM   194 O  O   . ILE A 1 24 ? -1.563  -3.489  -6.162  1.00 18.24 ? 51  ILE A O   1 
ATOM   195 C  CB  . ILE A 1 24 ? -4.611  -3.734  -5.805  1.00 18.52 ? 51  ILE A CB  1 
ATOM   196 C  CG1 . ILE A 1 24 ? -5.911  -3.449  -5.039  1.00 18.60 ? 51  ILE A CG1 1 
ATOM   197 C  CG2 . ILE A 1 24 ? -4.724  -4.954  -6.750  1.00 21.68 ? 51  ILE A CG2 1 
ATOM   198 C  CD1 . ILE A 1 24 ? -6.271  -4.386  -3.925  1.00 29.87 ? 51  ILE A CD1 1 
ATOM   199 N  N   . THR A 1 25 ? -1.768  -5.571  -5.351  1.00 16.68 ? 52  THR A N   1 
ATOM   200 C  CA  . THR A 1 25 ? -0.486  -6.075  -5.889  1.00 19.60 ? 52  THR A CA  1 
ATOM   201 C  C   . THR A 1 25 ? -0.635  -7.150  -6.956  1.00 32.34 ? 52  THR A C   1 
ATOM   202 O  O   . THR A 1 25 ? 0.278   -7.956  -7.133  1.00 34.51 ? 52  THR A O   1 
ATOM   203 C  CB  . THR A 1 25 ? 0.329   -6.619  -4.738  1.00 24.77 ? 52  THR A CB  1 
ATOM   204 O  OG1 . THR A 1 25 ? -0.389  -7.731  -4.179  1.00 23.39 ? 52  THR A OG1 1 
ATOM   205 C  CG2 . THR A 1 25 ? 0.579   -5.564  -3.687  1.00 20.50 ? 52  THR A CG2 1 
ATOM   206 N  N   . ASP A 1 26 ? -1.731  -7.148  -7.694  1.00 33.29 ? 53  ASP A N   1 
ATOM   207 C  CA  . ASP A 1 26 ? -1.884  -8.047  -8.847  1.00 36.70 ? 53  ASP A CA  1 
ATOM   208 C  C   . ASP A 1 26 ? -1.001  -7.477  -9.996  1.00 45.68 ? 53  ASP A C   1 
ATOM   209 O  O   . ASP A 1 26 ? -0.568  -6.325  -9.906  1.00 45.70 ? 53  ASP A O   1 
ATOM   210 C  CB  . ASP A 1 26 ? -3.369  -8.151  -9.254  1.00 39.59 ? 53  ASP A CB  1 
ATOM   211 N  N   . THR A 1 27 ? -0.715  -8.265  -11.051 1.00 47.07 ? 54  THR A N   1 
ATOM   212 C  CA  . THR A 1 27 ? 0.119   -7.796  -12.174 1.00 48.34 ? 54  THR A CA  1 
ATOM   213 C  C   . THR A 1 27 ? -0.509  -6.610  -12.889 1.00 53.48 ? 54  THR A C   1 
ATOM   214 O  O   . THR A 1 27 ? 0.129   -5.574  -13.074 1.00 55.07 ? 54  THR A O   1 
ATOM   215 C  CB  . THR A 1 27 ? 0.352   -8.919  -13.196 1.00 61.38 ? 54  THR A CB  1 
ATOM   216 O  OG1 . THR A 1 27 ? -0.911  -9.471  -13.572 1.00 63.58 ? 54  THR A OG1 1 
ATOM   217 C  CG2 . THR A 1 27 ? 1.275   -10.010 -12.670 1.00 61.55 ? 54  THR A CG2 1 
ATOM   218 N  N   . LYS A 1 28 ? -1.756  -6.777  -13.314 1.00 48.44 ? 55  LYS A N   1 
ATOM   219 C  CA  . LYS A 1 28 ? -2.467  -5.726  -14.022 1.00 46.78 ? 55  LYS A CA  1 
ATOM   220 C  C   . LYS A 1 28 ? -2.983  -4.686  -13.030 1.00 45.43 ? 55  LYS A C   1 
ATOM   221 O  O   . LYS A 1 28 ? -3.322  -5.030  -11.898 1.00 44.66 ? 55  LYS A O   1 
ATOM   222 C  CB  . LYS A 1 28 ? -3.617  -6.316  -14.873 1.00 49.87 ? 55  LYS A CB  1 
ATOM   223 C  CG  . LYS A 1 28 ? -4.828  -6.829  -14.091 1.00 63.91 ? 55  LYS A CG  1 
ATOM   224 C  CD  . LYS A 1 28 ? -5.660  -7.840  -14.903 1.00 75.22 ? 55  LYS A CD  1 
ATOM   225 C  CE  . LYS A 1 28 ? -7.152  -7.628  -14.784 1.00 85.75 ? 55  LYS A CE  1 
ATOM   226 N  NZ  . LYS A 1 28 ? -7.914  -8.902  -14.861 1.00 97.54 ? 55  LYS A NZ  1 
ATOM   227 N  N   . ALA A 1 29 ? -3.022  -3.419  -13.453 1.00 38.52 ? 56  ALA A N   1 
ATOM   228 C  CA  . ALA A 1 29 ? -3.553  -2.345  -12.631 1.00 36.66 ? 56  ALA A CA  1 
ATOM   229 C  C   . ALA A 1 29 ? -5.045  -2.558  -12.393 1.00 37.56 ? 56  ALA A C   1 
ATOM   230 O  O   . ALA A 1 29 ? -5.717  -3.072  -13.289 1.00 38.94 ? 56  ALA A O   1 
ATOM   231 C  CB  . ALA A 1 29 ? -3.333  -1.004  -13.312 1.00 37.23 ? 56  ALA A CB  1 
ATOM   232 N  N   . PRO A 1 30 ? -5.605  -2.171  -11.231 1.00 28.75 ? 57  PRO A N   1 
ATOM   233 C  CA  . PRO A 1 30 ? -7.068  -2.293  -11.061 1.00 26.58 ? 57  PRO A CA  1 
ATOM   234 C  C   . PRO A 1 30 ? -7.849  -1.586  -12.169 1.00 26.99 ? 57  PRO A C   1 
ATOM   235 O  O   . PRO A 1 30 ? -7.417  -0.553  -12.708 1.00 25.60 ? 57  PRO A O   1 
ATOM   236 C  CB  . PRO A 1 30 ? -7.345  -1.604  -9.714  1.00 27.23 ? 57  PRO A CB  1 
ATOM   237 C  CG  . PRO A 1 30 ? -6.037  -1.548  -9.012  1.00 32.09 ? 57  PRO A CG  1 
ATOM   238 C  CD  . PRO A 1 30 ? -4.969  -1.516  -10.070 1.00 28.91 ? 57  PRO A CD  1 
ATOM   239 N  N   . GLY A 1 31 ? -9.028  -2.120  -12.482 1.00 22.89 ? 58  GLY A N   1 
ATOM   240 C  CA  . GLY A 1 31 ? -9.880  -1.501  -13.478 1.00 22.20 ? 58  GLY A CA  1 
ATOM   241 C  C   . GLY A 1 31 ? -10.533 -0.272  -12.901 1.00 23.59 ? 58  GLY A C   1 
ATOM   242 O  O   . GLY A 1 31 ? -10.612 -0.141  -11.680 1.00 22.13 ? 58  GLY A O   1 
ATOM   243 N  N   . LYS A 1 32 ? -11.019 0.631   -13.730 1.00 19.63 ? 59  LYS A N   1 
ATOM   244 C  CA  . LYS A 1 32 ? -11.662 1.847   -13.239 1.00 20.24 ? 59  LYS A CA  1 
ATOM   245 C  C   . LYS A 1 32 ? -12.772 1.590   -12.191 1.00 24.40 ? 59  LYS A C   1 
ATOM   246 O  O   . LYS A 1 32 ? -12.892 2.366   -11.233 1.00 25.18 ? 59  LYS A O   1 
ATOM   247 C  CB  . LYS A 1 32 ? -12.248 2.662   -14.409 1.00 22.80 ? 59  LYS A CB  1 
ATOM   248 C  CG  . LYS A 1 32 ? -12.779 4.032   -13.998 1.00 36.86 ? 59  LYS A CG  1 
ATOM   249 C  CD  . LYS A 1 32 ? -13.010 4.934   -15.209 1.00 49.29 ? 59  LYS A CD  1 
ATOM   250 C  CE  . LYS A 1 32 ? -13.988 6.054   -14.916 1.00 65.90 ? 59  LYS A CE  1 
ATOM   251 N  NZ  . LYS A 1 32 ? -14.340 6.815   -16.144 1.00 73.95 ? 59  LYS A NZ  1 
ATOM   252 N  N   . GLU A 1 33 ? -13.579 0.548   -12.366 1.00 20.21 ? 60  GLU A N   1 
ATOM   253 C  CA  . GLU A 1 33 ? -14.696 0.290   -11.421 1.00 19.57 ? 60  GLU A CA  1 
ATOM   254 C  C   . GLU A 1 33 ? -14.245 -0.333  -10.122 1.00 22.28 ? 60  GLU A C   1 
ATOM   255 O  O   . GLU A 1 33 ? -15.004 -0.280  -9.148  1.00 22.80 ? 60  GLU A O   1 
ATOM   256 C  CB  . GLU A 1 33 ? -15.780 -0.572  -12.044 1.00 22.62 ? 60  GLU A CB  1 
ATOM   257 C  CG  . GLU A 1 33 ? -16.490 0.189   -13.140 1.00 27.74 ? 60  GLU A CG  1 
ATOM   258 C  CD  . GLU A 1 33 ? -17.590 -0.574  -13.840 1.00 43.97 ? 60  GLU A CD  1 
ATOM   259 O  OE1 . GLU A 1 33 ? -17.863 -1.736  -13.470 1.00 34.84 ? 60  GLU A OE1 1 
ATOM   260 O  OE2 . GLU A 1 33 ? -18.193 0.008   -14.766 1.00 37.12 ? 60  GLU A OE2 1 
ATOM   261 N  N   . ASP A 1 34 ? -12.996 -0.805  -10.037 1.00 17.96 ? 61  ASP A N   1 
ATOM   262 C  CA  . ASP A 1 34 ? -12.488 -1.323  -8.752  1.00 18.15 ? 61  ASP A CA  1 
ATOM   263 C  C   . ASP A 1 34 ? -12.371 -0.165  -7.731  1.00 22.24 ? 61  ASP A C   1 
ATOM   264 O  O   . ASP A 1 34 ? -12.339 -0.426  -6.537  1.00 20.45 ? 61  ASP A O   1 
ATOM   265 C  CB  . ASP A 1 34 ? -11.144 -2.044  -8.908  1.00 19.98 ? 61  ASP A CB  1 
ATOM   266 C  CG  . ASP A 1 34 ? -11.258 -3.304  -9.771  1.00 25.21 ? 61  ASP A CG  1 
ATOM   267 O  OD1 . ASP A 1 34 ? -12.331 -3.924  -9.775  1.00 25.10 ? 61  ASP A OD1 1 
ATOM   268 O  OD2 . ASP A 1 34 ? -10.292 -3.625  -10.484 1.00 29.01 ? 61  ASP A OD2 1 
ATOM   269 N  N   . TYR A 1 35 ? -12.363 1.095   -8.196  1.00 19.29 ? 62  TYR A N   1 
ATOM   270 C  CA  . TYR A 1 35 ? -12.289 2.260   -7.314  1.00 20.55 ? 62  TYR A CA  1 
ATOM   271 C  C   . TYR A 1 35 ? -13.661 2.631   -6.718  1.00 25.31 ? 62  TYR A C   1 
ATOM   272 O  O   . TYR A 1 35 ? -13.738 3.596   -5.951  1.00 26.46 ? 62  TYR A O   1 
ATOM   273 C  CB  . TYR A 1 35 ? -11.644 3.454   -8.070  1.00 21.68 ? 62  TYR A CB  1 
ATOM   274 C  CG  . TYR A 1 35 ? -10.200 3.156   -8.441  1.00 21.71 ? 62  TYR A CG  1 
ATOM   275 C  CD1 . TYR A 1 35 ? -9.175  3.312   -7.515  1.00 22.30 ? 62  TYR A CD1 1 
ATOM   276 C  CD2 . TYR A 1 35 ? -9.871  2.622   -9.690  1.00 22.13 ? 62  TYR A CD2 1 
ATOM   277 C  CE1 . TYR A 1 35 ? -7.861  2.965   -7.825  1.00 22.71 ? 62  TYR A CE1 1 
ATOM   278 C  CE2 . TYR A 1 35 ? -8.569  2.238   -9.993  1.00 21.69 ? 62  TYR A CE2 1 
ATOM   279 C  CZ  . TYR A 1 35 ? -7.556  2.455   -9.076  1.00 28.28 ? 62  TYR A CZ  1 
ATOM   280 O  OH  . TYR A 1 35 ? -6.263  2.087   -9.364  1.00 28.72 ? 62  TYR A OH  1 
ATOM   281 N  N   . ASN A 1 36 ? -14.743 1.887   -7.006  1.00 22.29 ? 63  ASN A N   1 
ATOM   282 C  CA  . ASN A 1 36 ? -16.011 2.163   -6.320  1.00 23.50 ? 63  ASN A CA  1 
ATOM   283 C  C   . ASN A 1 36 ? -16.312 1.009   -5.363  1.00 26.49 ? 63  ASN A C   1 
ATOM   284 O  O   . ASN A 1 36 ? -17.379 0.988   -4.757  1.00 29.59 ? 63  ASN A O   1 
ATOM   285 C  CB  . ASN A 1 36 ? -17.156 2.437   -7.302  1.00 27.68 ? 63  ASN A CB  1 
ATOM   286 C  CG  . ASN A 1 36 ? -17.549 1.293   -8.202  1.00 36.95 ? 63  ASN A CG  1 
ATOM   287 O  OD1 . ASN A 1 36 ? -17.611 0.126   -7.773  1.00 30.30 ? 63  ASN A OD1 1 
ATOM   288 N  ND2 . ASN A 1 36 ? -17.943 1.614   -9.449  1.00 29.61 ? 63  ASN A ND2 1 
ATOM   289 N  N   . LEU A 1 37 ? -15.378 0.045   -5.207  1.00 22.63 ? 64  LEU A N   1 
ATOM   290 C  CA  . LEU A 1 37 ? -15.617 -1.072  -4.308  1.00 21.72 ? 64  LEU A CA  1 
ATOM   291 C  C   . LEU A 1 37 ? -15.337 -0.672  -2.883  1.00 25.79 ? 64  LEU A C   1 
ATOM   292 O  O   . LEU A 1 37 ? -14.443 0.145   -2.614  1.00 23.85 ? 64  LEU A O   1 
ATOM   293 C  CB  . LEU A 1 37 ? -14.723 -2.267  -4.677  1.00 20.41 ? 64  LEU A CB  1 
ATOM   294 C  CG  . LEU A 1 37 ? -14.981 -2.898  -6.045  1.00 23.38 ? 64  LEU A CG  1 
ATOM   295 C  CD1 . LEU A 1 37 ? -13.950 -3.964  -6.354  1.00 21.73 ? 64  LEU A CD1 1 
ATOM   296 C  CD2 . LEU A 1 37 ? -16.373 -3.502  -6.121  1.00 28.02 ? 64  LEU A CD2 1 
ATOM   297 N  N   . SER A 1 38 ? -16.064 -1.286  -1.951  1.00 25.78 ? 65  SER A N   1 
ATOM   298 C  CA  . SER A 1 38 ? -15.809 -1.054  -0.537  1.00 26.10 ? 65  SER A CA  1 
ATOM   299 C  C   . SER A 1 38 ? -14.549 -1.786  -0.132  1.00 28.26 ? 65  SER A C   1 
ATOM   300 O  O   . SER A 1 38 ? -14.078 -2.684  -0.846  1.00 27.07 ? 65  SER A O   1 
ATOM   301 C  CB  . SER A 1 38 ? -16.975 -1.550  0.315   1.00 29.24 ? 65  SER A CB  1 
ATOM   302 O  OG  . SER A 1 38 ? -17.052 -2.967  0.235   1.00 32.14 ? 65  SER A OG  1 
ATOM   303 N  N   . GLU A 1 39 ? -14.027 -1.465  1.045   1.00 25.05 ? 66  GLU A N   1 
ATOM   304 C  CA  . GLU A 1 39 ? -12.875 -2.187  1.548   1.00 24.83 ? 66  GLU A CA  1 
ATOM   305 C  C   . GLU A 1 39 ? -13.194 -3.684  1.652   1.00 27.38 ? 66  GLU A C   1 
ATOM   306 O  O   . GLU A 1 39 ? -12.372 -4.490  1.242   1.00 25.86 ? 66  GLU A O   1 
ATOM   307 C  CB  . GLU A 1 39 ? -12.441 -1.624  2.902   1.00 26.91 ? 66  GLU A CB  1 
ATOM   308 C  CG  . GLU A 1 39 ? -11.221 -2.355  3.428   1.00 31.98 ? 66  GLU A CG  1 
ATOM   309 C  CD  . GLU A 1 39 ? -10.556 -1.702  4.613   1.00 45.83 ? 66  GLU A CD  1 
ATOM   310 O  OE1 . GLU A 1 39 ? -10.798 -0.500  4.865   1.00 41.22 ? 66  GLU A OE1 1 
ATOM   311 O  OE2 . GLU A 1 39 ? -9.723  -2.388  5.244   1.00 32.53 ? 66  GLU A OE2 1 
ATOM   312 N  N   . GLY A 1 40 ? -14.397 -4.039  2.126   1.00 26.90 ? 67  GLY A N   1 
ATOM   313 C  CA  . GLY A 1 40 ? -14.815 -5.436  2.220   1.00 27.56 ? 67  GLY A CA  1 
ATOM   314 C  C   . GLY A 1 40 ? -14.832 -6.139  0.879   1.00 30.03 ? 67  GLY A C   1 
ATOM   315 O  O   . GLY A 1 40 ? -14.404 -7.288  0.758   1.00 30.62 ? 67  GLY A O   1 
ATOM   316 N  N   . GLN A 1 41 ? -15.321 -5.447  -0.153  1.00 24.90 ? 68  GLN A N   1 
ATOM   317 C  CA  . GLN A 1 41 ? -15.377 -6.013  -1.500  1.00 23.95 ? 68  GLN A CA  1 
ATOM   318 C  C   . GLN A 1 41 ? -13.991 -6.179  -2.086  1.00 25.97 ? 68  GLN A C   1 
ATOM   319 O  O   . GLN A 1 41 ? -13.753 -7.155  -2.813  1.00 25.25 ? 68  GLN A O   1 
ATOM   320 C  CB  . GLN A 1 41 ? -16.206 -5.123  -2.412  1.00 24.87 ? 68  GLN A CB  1 
ATOM   321 C  CG  . GLN A 1 41 ? -17.710 -5.241  -2.156  1.00 25.21 ? 68  GLN A CG  1 
ATOM   322 C  CD  . GLN A 1 41 ? -18.493 -4.250  -2.971  1.00 39.73 ? 68  GLN A CD  1 
ATOM   323 O  OE1 . GLN A 1 41 ? -18.177 -3.051  -3.005  1.00 29.14 ? 68  GLN A OE1 1 
ATOM   324 N  NE2 . GLN A 1 41 ? -19.543 -4.716  -3.651  1.00 33.83 ? 68  GLN A NE2 1 
ATOM   325 N  N   . LEU A 1 42 ? -13.086 -5.203  -1.823  1.00 23.17 ? 69  LEU A N   1 
ATOM   326 C  CA  . LEU A 1 42 ? -11.696 -5.324  -2.274  1.00 21.90 ? 69  LEU A CA  1 
ATOM   327 C  C   . LEU A 1 42 ? -11.035 -6.506  -1.605  1.00 25.41 ? 69  LEU A C   1 
ATOM   328 O  O   . LEU A 1 42 ? -10.304 -7.229  -2.285  1.00 24.80 ? 69  LEU A O   1 
ATOM   329 C  CB  . LEU A 1 42 ? -10.869 -4.072  -1.943  1.00 20.60 ? 69  LEU A CB  1 
ATOM   330 C  CG  . LEU A 1 42 ? -11.186 -2.829  -2.741  1.00 23.73 ? 69  LEU A CG  1 
ATOM   331 C  CD1 . LEU A 1 42 ? -10.605 -1.629  -2.070  1.00 23.39 ? 69  LEU A CD1 1 
ATOM   332 C  CD2 . LEU A 1 42 ? -10.669 -2.928  -4.193  1.00 21.31 ? 69  LEU A CD2 1 
HETATM 333 N  N   . MSE A 1 43 ? -11.297 -6.700  -0.267  1.00 24.79 ? 70  MSE A N   1 
HETATM 334 C  CA  A MSE A 1 43 ? -10.720 -7.829  0.481   0.65 24.85 ? 70  MSE A CA  1 
HETATM 335 C  CA  B MSE A 1 43 ? -10.742 -7.828  0.497   0.35 27.14 ? 70  MSE A CA  1 
HETATM 336 C  C   . MSE A 1 43 ? -11.118 -9.155  -0.171  1.00 32.39 ? 70  MSE A C   1 
HETATM 337 O  O   . MSE A 1 43 ? -10.289 -10.065 -0.261  1.00 33.90 ? 70  MSE A O   1 
HETATM 338 C  CB  A MSE A 1 43 ? -11.147 -7.804  1.963   0.65 25.64 ? 70  MSE A CB  1 
HETATM 339 C  CB  B MSE A 1 43 ? -11.219 -7.819  1.976   0.35 30.48 ? 70  MSE A CB  1 
HETATM 340 C  CG  A MSE A 1 43 ? -10.623 -6.594  2.737   0.65 28.21 ? 70  MSE A CG  1 
HETATM 341 C  CG  B MSE A 1 43 ? -10.081 -7.676  2.988   0.35 37.66 ? 70  MSE A CG  1 
HETATM 342 SE SE  A MSE A 1 43 ? -8.725  -6.612  2.984   0.49 30.04 ? 70  MSE A SE  1 
HETATM 343 SE SE  B MSE A 1 43 ? -8.767  -9.095  2.828   0.26 46.84 ? 70  MSE A SE  1 
HETATM 344 C  CE  A MSE A 1 43 ? -8.363  -4.751  2.999   0.65 26.55 ? 70  MSE A CE  1 
HETATM 345 C  CE  B MSE A 1 43 ? -9.384  -10.276 4.188   0.35 44.80 ? 70  MSE A CE  1 
ATOM   346 N  N   . ASN A 1 44 ? -12.361 -9.254  -0.660  1.00 31.79 ? 71  ASN A N   1 
ATOM   347 C  CA  . ASN A 1 44 ? -12.851 -10.468 -1.330  1.00 33.32 ? 71  ASN A CA  1 
ATOM   348 C  C   . ASN A 1 44 ? -12.249 -10.633 -2.731  1.00 35.56 ? 71  ASN A C   1 
ATOM   349 O  O   . ASN A 1 44 ? -11.684 -11.682 -3.038  1.00 38.05 ? 71  ASN A O   1 
ATOM   350 C  CB  . ASN A 1 44 ? -14.369 -10.422 -1.431  1.00 36.81 ? 71  ASN A CB  1 
ATOM   351 C  CG  . ASN A 1 44 ? -14.956 -11.646 -2.074  1.00 69.03 ? 71  ASN A CG  1 
ATOM   352 O  OD1 . ASN A 1 44 ? -14.792 -12.758 -1.563  1.00 63.59 ? 71  ASN A OD1 1 
ATOM   353 N  ND2 . ASN A 1 44 ? -15.617 -11.476 -3.222  1.00 63.06 ? 71  ASN A ND2 1 
ATOM   354 N  N   . LYS A 1 45 ? -12.335 -9.599  -3.569  1.00 27.72 ? 72  LYS A N   1 
ATOM   355 C  CA  . LYS A 1 45 ? -11.854 -9.678  -4.946  1.00 26.04 ? 72  LYS A CA  1 
ATOM   356 C  C   . LYS A 1 45 ? -10.336 -9.857  -5.067  1.00 30.97 ? 72  LYS A C   1 
ATOM   357 O  O   . LYS A 1 45 ? -9.891  -10.613 -5.926  1.00 31.92 ? 72  LYS A O   1 
ATOM   358 C  CB  . LYS A 1 45 ? -12.265 -8.404  -5.695  1.00 26.63 ? 72  LYS A CB  1 
ATOM   359 C  CG  . LYS A 1 45 ? -11.849 -8.383  -7.152  1.00 31.73 ? 72  LYS A CG  1 
ATOM   360 C  CD  . LYS A 1 45 ? -12.630 -7.370  -7.964  1.00 35.14 ? 72  LYS A CD  1 
ATOM   361 C  CE  . LYS A 1 45 ? -12.168 -7.407  -9.402  1.00 40.56 ? 72  LYS A CE  1 
ATOM   362 N  NZ  . LYS A 1 45 ? -13.006 -6.558  -10.279 1.00 45.63 ? 72  LYS A NZ  1 
ATOM   363 N  N   . PHE A 1 46 ? -9.550  -9.149  -4.254  1.00 25.62 ? 73  PHE A N   1 
ATOM   364 C  CA  . PHE A 1 46 ? -8.086  -9.199  -4.379  1.00 24.10 ? 73  PHE A CA  1 
ATOM   365 C  C   . PHE A 1 46 ? -7.423  -9.976  -3.241  1.00 29.07 ? 73  PHE A C   1 
ATOM   366 O  O   . PHE A 1 46 ? -6.303  -9.655  -2.871  1.00 27.75 ? 73  PHE A O   1 
ATOM   367 C  CB  . PHE A 1 46 ? -7.529  -7.756  -4.436  1.00 23.25 ? 73  PHE A CB  1 
ATOM   368 C  CG  . PHE A 1 46 ? -7.969  -7.038  -5.688  1.00 23.30 ? 73  PHE A CG  1 
ATOM   369 C  CD1 . PHE A 1 46 ? -7.426  -7.364  -6.921  1.00 25.77 ? 73  PHE A CD1 1 
ATOM   370 C  CD2 . PHE A 1 46 ? -8.932  -6.042  -5.634  1.00 24.60 ? 73  PHE A CD2 1 
ATOM   371 C  CE1 . PHE A 1 46 ? -7.860  -6.723  -8.086  1.00 27.51 ? 73  PHE A CE1 1 
ATOM   372 C  CE2 . PHE A 1 46 ? -9.361  -5.398  -6.800  1.00 27.61 ? 73  PHE A CE2 1 
ATOM   373 C  CZ  . PHE A 1 46 ? -8.796  -5.717  -8.009  1.00 25.74 ? 73  PHE A CZ  1 
ATOM   374 N  N   . LYS A 1 47 ? -8.095  -11.011 -2.705  1.00 27.93 ? 74  LYS A N   1 
ATOM   375 C  CA  . LYS A 1 47 ? -7.576  -11.871 -1.638  1.00 27.79 ? 74  LYS A CA  1 
ATOM   376 C  C   . LYS A 1 47 ? -6.146  -12.340 -1.983  1.00 27.36 ? 74  LYS A C   1 
ATOM   377 O  O   . LYS A 1 47 ? -5.880  -12.685 -3.135  1.00 25.96 ? 74  LYS A O   1 
ATOM   378 C  CB  . LYS A 1 47 ? -8.527  -13.078 -1.465  1.00 32.05 ? 74  LYS A CB  1 
ATOM   379 C  CG  . LYS A 1 47 ? -8.141  -14.074 -0.375  1.00 45.34 ? 74  LYS A CG  1 
ATOM   380 C  CD  . LYS A 1 47 ? -9.050  -15.299 -0.435  1.00 60.29 ? 74  LYS A CD  1 
ATOM   381 C  CE  . LYS A 1 47 ? -8.597  -16.397 0.485   1.00 74.05 ? 74  LYS A CE  1 
ATOM   382 N  NZ  . LYS A 1 47 ? -9.217  -17.705 0.139   1.00 87.03 ? 74  LYS A NZ  1 
ATOM   383 N  N   . ASN A 1 48 ? -5.225  -12.221 -1.018  1.00 24.08 ? 75  ASN A N   1 
ATOM   384 C  CA  . ASN A 1 48 ? -3.799  -12.547 -1.172  1.00 23.48 ? 75  ASN A CA  1 
ATOM   385 C  C   . ASN A 1 48 ? -3.106  -11.626 -2.186  1.00 25.97 ? 75  ASN A C   1 
ATOM   386 O  O   . ASN A 1 48 ? -1.958  -11.898 -2.527  1.00 27.11 ? 75  ASN A O   1 
ATOM   387 C  CB  . ASN A 1 48 ? -3.565  -14.016 -1.550  1.00 28.84 ? 75  ASN A CB  1 
ATOM   388 C  CG  . ASN A 1 48 ? -4.257  -14.956 -0.612  1.00 49.29 ? 75  ASN A CG  1 
ATOM   389 O  OD1 . ASN A 1 48 ? -4.398  -14.672 0.586   1.00 40.34 ? 75  ASN A OD1 1 
ATOM   390 N  ND2 . ASN A 1 48 ? -4.732  -16.080 -1.131  1.00 43.29 ? 75  ASN A ND2 1 
ATOM   391 N  N   . ASN A 1 49 ? -3.764  -10.525 -2.643  1.00 18.40 ? 76  ASN A N   1 
ATOM   392 C  CA  . ASN A 1 49 ? -3.121  -9.570  -3.550  1.00 18.63 ? 76  ASN A CA  1 
ATOM   393 C  C   . ASN A 1 49 ? -3.346  -8.129  -3.005  1.00 19.40 ? 76  ASN A C   1 
ATOM   394 O  O   . ASN A 1 49 ? -3.513  -7.189  -3.776  1.00 19.96 ? 76  ASN A O   1 
ATOM   395 C  CB  . ASN A 1 49 ? -3.669  -9.723  -4.965  1.00 20.18 ? 76  ASN A CB  1 
ATOM   396 C  CG  . ASN A 1 49 ? -3.055  -10.898 -5.678  1.00 47.09 ? 76  ASN A CG  1 
ATOM   397 O  OD1 . ASN A 1 49 ? -3.660  -11.961 -5.791  1.00 49.36 ? 76  ASN A OD1 1 
ATOM   398 N  ND2 . ASN A 1 49 ? -1.813  -10.744 -6.109  1.00 38.14 ? 76  ASN A ND2 1 
ATOM   399 N  N   . ILE A 1 50 ? -3.387  -7.989  -1.677  1.00 17.86 ? 77  ILE A N   1 
ATOM   400 C  CA  . ILE A 1 50 ? -3.616  -6.726  -0.987  1.00 18.34 ? 77  ILE A CA  1 
ATOM   401 C  C   . ILE A 1 50 ? -2.553  -6.542  0.056   1.00 17.92 ? 77  ILE A C   1 
ATOM   402 O  O   . ILE A 1 50 ? -2.167  -7.515  0.731   1.00 18.30 ? 77  ILE A O   1 
ATOM   403 C  CB  . ILE A 1 50 ? -4.994  -6.700  -0.267  1.00 23.20 ? 77  ILE A CB  1 
ATOM   404 C  CG1 . ILE A 1 50 ? -6.142  -6.738  -1.237  1.00 24.76 ? 77  ILE A CG1 1 
ATOM   405 C  CG2 . ILE A 1 50 ? -5.153  -5.484  0.696   1.00 23.81 ? 77  ILE A CG2 1 
ATOM   406 C  CD1 . ILE A 1 50 ? -7.201  -7.527  -0.679  1.00 38.87 ? 77  ILE A CD1 1 
ATOM   407 N  N   . VAL A 1 51 ? -2.110  -5.303  0.233   1.00 15.06 ? 78  VAL A N   1 
ATOM   408 C  CA  A VAL A 1 51 ? -1.166  -4.920  1.277   0.50 13.95 ? 78  VAL A CA  1 
ATOM   409 C  CA  B VAL A 1 51 ? -1.212  -4.974  1.327   0.50 15.50 ? 78  VAL A CA  1 
ATOM   410 C  C   . VAL A 1 51 ? -1.701  -3.654  1.920   1.00 17.62 ? 78  VAL A C   1 
ATOM   411 O  O   . VAL A 1 51 ? -2.133  -2.740  1.180   1.00 17.40 ? 78  VAL A O   1 
ATOM   412 C  CB  A VAL A 1 51 ? 0.269   -4.687  0.749   0.50 15.40 ? 78  VAL A CB  1 
ATOM   413 C  CB  B VAL A 1 51 ? 0.287   -4.931  0.956   0.50 19.70 ? 78  VAL A CB  1 
ATOM   414 C  CG1 A VAL A 1 51 ? 1.224   -4.386  1.909   0.50 14.40 ? 78  VAL A CG1 1 
ATOM   415 C  CG1 B VAL A 1 51 ? 0.784   -6.303  0.519   0.50 20.68 ? 78  VAL A CG1 1 
ATOM   416 C  CG2 A VAL A 1 51 ? 0.761   -5.887  -0.068  0.50 15.48 ? 78  VAL A CG2 1 
ATOM   417 C  CG2 B VAL A 1 51 ? 0.556   -3.921  -0.124  0.50 19.09 ? 78  VAL A CG2 1 
ATOM   418 N  N   . ILE A 1 52 ? -1.642  -3.556  3.243   1.00 15.63 ? 79  ILE A N   1 
ATOM   419 C  CA  . ILE A 1 52 ? -2.056  -2.352  3.935   1.00 15.88 ? 79  ILE A CA  1 
ATOM   420 C  C   . ILE A 1 52 ? -0.772  -1.654  4.347   1.00 17.11 ? 79  ILE A C   1 
ATOM   421 O  O   . ILE A 1 52 ? 0.044   -2.283  4.996   1.00 18.49 ? 79  ILE A O   1 
ATOM   422 C  CB  . ILE A 1 52 ? -2.964  -2.725  5.127   1.00 21.06 ? 79  ILE A CB  1 
ATOM   423 C  CG1 . ILE A 1 52 ? -4.274  -3.366  4.580   1.00 23.46 ? 79  ILE A CG1 1 
ATOM   424 C  CG2 . ILE A 1 52 ? -3.256  -1.469  5.978   1.00 25.06 ? 79  ILE A CG2 1 
ATOM   425 C  CD1 . ILE A 1 52 ? -5.030  -4.037  5.484   1.00 34.47 ? 79  ILE A CD1 1 
ATOM   426 N  N   . VAL A 1 53 ? -0.572  -0.395  3.981   1.00 15.03 ? 80  VAL A N   1 
ATOM   427 C  CA  . VAL A 1 53 ? 0.640   0.316   4.351   1.00 15.15 ? 80  VAL A CA  1 
ATOM   428 C  C   . VAL A 1 53 ? 0.296   1.444   5.330   1.00 19.46 ? 80  VAL A C   1 
ATOM   429 O  O   . VAL A 1 53 ? -0.548  2.284   5.053   1.00 18.18 ? 80  VAL A O   1 
ATOM   430 C  CB  . VAL A 1 53 ? 1.473   0.824   3.155   1.00 18.88 ? 80  VAL A CB  1 
ATOM   431 C  CG1 . VAL A 1 53 ? 2.006   -0.366  2.332   1.00 19.07 ? 80  VAL A CG1 1 
ATOM   432 C  CG2 . VAL A 1 53 ? 0.689   1.785   2.260   1.00 18.45 ? 80  VAL A CG2 1 
ATOM   433 N  N   . GLY A 1 54 ? 0.887   1.389   6.505   1.00 17.19 ? 81  GLY A N   1 
ATOM   434 C  CA  . GLY A 1 54 ? 0.715   2.429   7.496   1.00 18.19 ? 81  GLY A CA  1 
ATOM   435 C  C   . GLY A 1 54 ? 1.556   3.631   7.109   1.00 20.86 ? 81  GLY A C   1 
ATOM   436 O  O   . GLY A 1 54 ? 2.743   3.483   6.793   1.00 18.88 ? 81  GLY A O   1 
ATOM   437 N  N   . LEU A 1 55 ? 0.963   4.830   7.170   1.00 17.61 ? 82  LEU A N   1 
ATOM   438 C  CA  . LEU A 1 55 ? 1.643   6.067   6.754   1.00 17.53 ? 82  LEU A CA  1 
ATOM   439 C  C   . LEU A 1 55 ? 2.101   6.986   7.913   1.00 23.74 ? 82  LEU A C   1 
ATOM   440 O  O   . LEU A 1 55 ? 2.588   8.093   7.621   1.00 23.67 ? 82  LEU A O   1 
ATOM   441 C  CB  . LEU A 1 55 ? 0.648   6.850   5.867   1.00 17.63 ? 82  LEU A CB  1 
ATOM   442 C  CG  . LEU A 1 55 ? 0.119   6.106   4.627   1.00 19.65 ? 82  LEU A CG  1 
ATOM   443 C  CD1 . LEU A 1 55 ? -0.978  6.906   3.944   1.00 21.49 ? 82  LEU A CD1 1 
ATOM   444 C  CD2 . LEU A 1 55 ? 1.253   5.753   3.668   1.00 21.58 ? 82  LEU A CD2 1 
ATOM   445 N  N   . SER A 1 56 ? 2.022   6.533   9.182   1.00 23.39 ? 83  SER A N   1 
ATOM   446 C  CA  A SER A 1 56 ? 2.401   7.354   10.348  0.50 25.12 ? 83  SER A CA  1 
ATOM   447 C  CA  B SER A 1 56 ? 2.397   7.354   10.349  0.50 24.68 ? 83  SER A CA  1 
ATOM   448 C  C   . SER A 1 56 ? 3.801   7.946   10.266  1.00 29.28 ? 83  SER A C   1 
ATOM   449 O  O   . SER A 1 56 ? 4.033   9.019   10.827  1.00 30.45 ? 83  SER A O   1 
ATOM   450 C  CB  A SER A 1 56 ? 2.330   6.527   11.626  0.50 29.01 ? 83  SER A CB  1 
ATOM   451 C  CB  B SER A 1 56 ? 2.312   6.531   11.630  0.50 27.14 ? 83  SER A CB  1 
ATOM   452 O  OG  A SER A 1 56 ? 1.028   6.005   11.820  0.50 40.17 ? 83  SER A OG  1 
ATOM   453 O  OG  B SER A 1 56 ? 3.227   5.447   11.610  0.50 32.46 ? 83  SER A OG  1 
ATOM   454 N  N   . GLU A 1 57 ? 4.749   7.231   9.643   1.00 26.21 ? 84  GLU A N   1 
ATOM   455 C  CA  . GLU A 1 57 ? 6.133   7.684   9.585   1.00 28.12 ? 84  GLU A CA  1 
ATOM   456 C  C   . GLU A 1 57 ? 6.447   8.588   8.407   1.00 33.23 ? 84  GLU A C   1 
ATOM   457 O  O   . GLU A 1 57 ? 7.516   9.170   8.434   1.00 34.84 ? 84  GLU A O   1 
ATOM   458 C  CB  . GLU A 1 57 ? 7.099   6.481   9.572   1.00 29.48 ? 84  GLU A CB  1 
ATOM   459 C  CG  . GLU A 1 57 ? 7.056   5.659   10.844  1.00 39.57 ? 84  GLU A CG  1 
ATOM   460 C  CD  . GLU A 1 57 ? 7.582   6.419   12.043  1.00 67.93 ? 84  GLU A CD  1 
ATOM   461 O  OE1 . GLU A 1 57 ? 8.796   6.723   12.068  1.00 72.09 ? 84  GLU A OE1 1 
ATOM   462 O  OE2 . GLU A 1 57 ? 6.766   6.768   12.927  1.00 65.65 ? 84  GLU A OE2 1 
ATOM   463 N  N   . ILE A 1 58 ? 5.540   8.768   7.431   1.00 28.56 ? 85  ILE A N   1 
ATOM   464 C  CA  . ILE A 1 58 ? 5.797   9.623   6.281   1.00 29.35 ? 85  ILE A CA  1 
ATOM   465 C  C   . ILE A 1 58 ? 5.410   11.039  6.653   1.00 36.85 ? 85  ILE A C   1 
ATOM   466 O  O   . ILE A 1 58 ? 4.296   11.256  7.124   1.00 37.14 ? 85  ILE A O   1 
ATOM   467 C  CB  . ILE A 1 58 ? 5.034   9.149   5.023   1.00 29.96 ? 85  ILE A CB  1 
ATOM   468 C  CG1 . ILE A 1 58 ? 5.288   7.645   4.694   1.00 29.61 ? 85  ILE A CG1 1 
ATOM   469 C  CG2 . ILE A 1 58 ? 5.397   10.047  3.850   1.00 31.07 ? 85  ILE A CG2 1 
ATOM   470 C  CD1 . ILE A 1 58 ? 6.707   7.261   4.358   1.00 31.27 ? 85  ILE A CD1 1 
ATOM   471 N  N   . ASP A 1 59 ? 6.301   11.999  6.402   1.00 36.75 ? 86  ASP A N   1 
ATOM   472 C  CA  . ASP A 1 59 ? 6.093   13.415  6.758   1.00 38.63 ? 86  ASP A CA  1 
ATOM   473 C  C   . ASP A 1 59 ? 4.881   14.047  6.044   1.00 40.65 ? 86  ASP A C   1 
ATOM   474 O  O   . ASP A 1 59 ? 4.082   14.714  6.697   1.00 42.49 ? 86  ASP A O   1 
ATOM   475 C  CB  . ASP A 1 59 ? 7.359   14.251  6.477   1.00 42.48 ? 86  ASP A CB  1 
ATOM   476 C  CG  . ASP A 1 59 ? 7.891   14.198  5.059   1.00 59.77 ? 86  ASP A CG  1 
ATOM   477 O  OD1 . ASP A 1 59 ? 7.320   13.446  4.234   1.00 61.99 ? 86  ASP A OD1 1 
ATOM   478 O  OD2 . ASP A 1 59 ? 8.903   14.872  4.783   1.00 68.77 ? 86  ASP A OD2 1 
ATOM   479 N  N   . ASN A 1 60 ? 4.727   13.806  4.739   1.00 34.22 ? 87  ASN A N   1 
ATOM   480 C  CA  . ASN A 1 60 ? 3.613   14.351  3.962   1.00 32.76 ? 87  ASN A CA  1 
ATOM   481 C  C   . ASN A 1 60 ? 3.165   13.330  2.925   1.00 32.30 ? 87  ASN A C   1 
ATOM   482 O  O   . ASN A 1 60 ? 3.998   12.812  2.184   1.00 32.42 ? 87  ASN A O   1 
ATOM   483 C  CB  . ASN A 1 60 ? 4.034   15.652  3.284   1.00 30.81 ? 87  ASN A CB  1 
ATOM   484 C  CG  . ASN A 1 60 ? 2.880   16.378  2.617   1.00 53.81 ? 87  ASN A CG  1 
ATOM   485 O  OD1 . ASN A 1 60 ? 2.406   15.980  1.544   1.00 45.03 ? 87  ASN A OD1 1 
ATOM   486 N  ND2 . ASN A 1 60 ? 2.378   17.443  3.241   1.00 50.94 ? 87  ASN A ND2 1 
ATOM   487 N  N   . THR A 1 61 ? 1.863   13.020  2.875   1.00 25.91 ? 88  THR A N   1 
ATOM   488 C  CA  . THR A 1 61 ? 1.341   12.027  1.928   1.00 21.86 ? 88  THR A CA  1 
ATOM   489 C  C   . THR A 1 61 ? 0.300   12.631  0.987   1.00 26.10 ? 88  THR A C   1 
ATOM   490 O  O   . THR A 1 61 ? -0.535  11.894  0.463   1.00 25.31 ? 88  THR A O   1 
ATOM   491 C  CB  . THR A 1 61 ? 0.734   10.850  2.701   1.00 27.06 ? 88  THR A CB  1 
ATOM   492 O  OG1 . THR A 1 61 ? -0.416  11.315  3.423   1.00 30.94 ? 88  THR A OG1 1 
ATOM   493 C  CG2 . THR A 1 61 ? 1.721   10.241  3.659   1.00 27.25 ? 88  THR A CG2 1 
ATOM   494 N  N   . ASP A 1 62 ? 0.354   13.952  0.749   1.00 25.01 ? 89  ASP A N   1 
ATOM   495 C  CA  . ASP A 1 62 ? -0.627  14.627  -0.111  1.00 26.42 ? 89  ASP A CA  1 
ATOM   496 C  C   . ASP A 1 62 ? -0.643  14.053  -1.524  1.00 32.66 ? 89  ASP A C   1 
ATOM   497 O  O   . ASP A 1 62 ? -1.727  13.874  -2.075  1.00 33.16 ? 89  ASP A O   1 
ATOM   498 C  CB  . ASP A 1 62 ? -0.355  16.137  -0.154  1.00 29.96 ? 89  ASP A CB  1 
ATOM   499 C  CG  . ASP A 1 62 ? -0.595  16.854  1.163   1.00 41.24 ? 89  ASP A CG  1 
ATOM   500 O  OD1 . ASP A 1 62 ? -1.238  16.254  2.060   1.00 41.49 ? 89  ASP A OD1 1 
ATOM   501 O  OD2 . ASP A 1 62 ? -0.145  18.024  1.298   1.00 43.73 ? 89  ASP A OD2 1 
ATOM   502 N  N   . ASP A 1 63 ? 0.532   13.698  -2.078  1.00 29.05 ? 90  ASP A N   1 
ATOM   503 C  CA  . ASP A 1 63 ? 0.638   13.129  -3.434  1.00 28.95 ? 90  ASP A CA  1 
ATOM   504 C  C   . ASP A 1 63 ? 0.331   11.621  -3.520  1.00 29.35 ? 90  ASP A C   1 
ATOM   505 O  O   . ASP A 1 63 ? 0.349   11.052  -4.628  1.00 27.35 ? 90  ASP A O   1 
ATOM   506 C  CB  . ASP A 1 63 ? 2.045   13.400  -4.017  1.00 32.31 ? 90  ASP A CB  1 
ATOM   507 C  CG  . ASP A 1 63 ? 3.201   12.746  -3.282  1.00 46.85 ? 90  ASP A CG  1 
ATOM   508 O  OD1 . ASP A 1 63 ? 3.006   12.329  -2.122  1.00 47.54 ? 90  ASP A OD1 1 
ATOM   509 O  OD2 . ASP A 1 63 ? 4.317   12.709  -3.845  1.00 54.59 ? 90  ASP A OD2 1 
ATOM   510 N  N   . LEU A 1 64 ? 0.083   10.947  -2.373  1.00 23.99 ? 91  LEU A N   1 
ATOM   511 C  CA  . LEU A 1 64 ? -0.264  9.541   -2.386  1.00 22.67 ? 91  LEU A CA  1 
ATOM   512 C  C   . LEU A 1 64 ? -1.765  9.475   -2.620  1.00 25.17 ? 91  LEU A C   1 
ATOM   513 O  O   . LEU A 1 64 ? -2.538  9.778   -1.717  1.00 26.04 ? 91  LEU A O   1 
ATOM   514 C  CB  . LEU A 1 64 ? 0.159   8.900   -1.070  1.00 22.35 ? 91  LEU A CB  1 
ATOM   515 C  CG  . LEU A 1 64 ? 0.137   7.414   -1.061  1.00 25.43 ? 91  LEU A CG  1 
ATOM   516 C  CD1 . LEU A 1 64 ? 1.133   6.861   -2.063  1.00 24.53 ? 91  LEU A CD1 1 
ATOM   517 C  CD2 . LEU A 1 64 ? 0.448   6.905   0.341   1.00 27.38 ? 91  LEU A CD2 1 
ATOM   518 N  N   . LYS A 1 65 ? -2.165  9.267   -3.870  1.00 20.69 ? 92  LYS A N   1 
ATOM   519 C  CA  . LYS A 1 65 ? -3.574  9.300   -4.262  1.00 20.78 ? 92  LYS A CA  1 
ATOM   520 C  C   . LYS A 1 65 ? -4.012  8.015   -4.895  1.00 22.37 ? 92  LYS A C   1 
ATOM   521 O  O   . LYS A 1 65 ? -3.183  7.270   -5.448  1.00 19.96 ? 92  LYS A O   1 
ATOM   522 C  CB  . LYS A 1 65 ? -3.804  10.425  -5.271  1.00 23.20 ? 92  LYS A CB  1 
ATOM   523 C  CG  . LYS A 1 65 ? -3.256  11.775  -4.795  1.00 30.35 ? 92  LYS A CG  1 
ATOM   524 C  CD  . LYS A 1 65 ? -3.827  12.948  -5.523  1.00 34.42 ? 92  LYS A CD  1 
ATOM   525 C  CE  . LYS A 1 65 ? -3.330  14.228  -4.900  1.00 42.17 ? 92  LYS A CE  1 
ATOM   526 N  NZ  . LYS A 1 65 ? -3.926  15.425  -5.547  1.00 41.77 ? 92  LYS A NZ  1 
ATOM   527 N  N   . ARG A 1 66 ? -5.328  7.791   -4.881  1.00 19.94 ? 93  ARG A N   1 
ATOM   528 C  CA  . ARG A 1 66 ? -5.928  6.617   -5.528  1.00 18.45 ? 93  ARG A CA  1 
ATOM   529 C  C   . ARG A 1 66 ? -5.552  6.584   -6.991  1.00 22.75 ? 93  ARG A C   1 
ATOM   530 O  O   . ARG A 1 66 ? -5.558  7.629   -7.680  1.00 22.58 ? 93  ARG A O   1 
ATOM   531 C  CB  . ARG A 1 66 ? -7.466  6.621   -5.414  1.00 19.81 ? 93  ARG A CB  1 
ATOM   532 C  CG  . ARG A 1 66 ? -8.016  6.405   -4.010  1.00 25.64 ? 93  ARG A CG  1 
ATOM   533 C  CD  . ARG A 1 66 ? -9.517  6.147   -4.071  1.00 27.75 ? 93  ARG A CD  1 
ATOM   534 N  NE  . ARG A 1 66 ? -10.247 7.210   -4.777  1.00 33.01 ? 93  ARG A NE  1 
ATOM   535 C  CZ  . ARG A 1 66 ? -11.446 7.070   -5.340  1.00 45.50 ? 93  ARG A CZ  1 
ATOM   536 N  NH1 . ARG A 1 66 ? -12.086 5.903   -5.287  1.00 28.23 ? 93  ARG A NH1 1 
ATOM   537 N  NH2 . ARG A 1 66 ? -12.018 8.096   -5.963  1.00 43.70 ? 93  ARG A NH2 1 
ATOM   538 N  N   . GLY A 1 67 ? -5.194  5.404   -7.451  1.00 17.08 ? 94  GLY A N   1 
ATOM   539 C  CA  . GLY A 1 67 ? -4.805  5.214   -8.842  1.00 18.03 ? 94  GLY A CA  1 
ATOM   540 C  C   . GLY A 1 67 ? -3.321  5.285   -9.088  1.00 20.01 ? 94  GLY A C   1 
ATOM   541 O  O   . GLY A 1 67 ? -2.858  4.848   -10.148 1.00 21.34 ? 94  GLY A O   1 
ATOM   542 N  N   . GLU A 1 68 ? -2.547  5.815   -8.132  1.00 17.22 ? 95  GLU A N   1 
ATOM   543 C  CA  . GLU A 1 68 ? -1.106  5.844   -8.287  1.00 16.84 ? 95  GLU A CA  1 
ATOM   544 C  C   . GLU A 1 68 ? -0.511  4.461   -8.122  1.00 17.83 ? 95  GLU A C   1 
ATOM   545 O  O   . GLU A 1 68 ? -0.914  3.713   -7.224  1.00 17.21 ? 95  GLU A O   1 
ATOM   546 C  CB  . GLU A 1 68 ? -0.460  6.777   -7.253  1.00 18.11 ? 95  GLU A CB  1 
ATOM   547 C  CG  . GLU A 1 68 ? -0.805  8.252   -7.474  1.00 25.21 ? 95  GLU A CG  1 
ATOM   548 C  CD  . GLU A 1 68 ? -0.219  8.929   -8.697  1.00 53.57 ? 95  GLU A CD  1 
ATOM   549 O  OE1 . GLU A 1 68 ? 0.690   8.354   -9.337  1.00 49.21 ? 95  GLU A OE1 1 
ATOM   550 O  OE2 . GLU A 1 68 ? -0.641  10.070  -8.985  1.00 50.30 ? 95  GLU A OE2 1 
ATOM   551 N  N   . LYS A 1 69 ? 0.491   4.151   -8.954  1.00 16.02 ? 96  LYS A N   1 
ATOM   552 C  CA  . LYS A 1 69 ? 1.302   2.947   -8.807  1.00 14.86 ? 96  LYS A CA  1 
ATOM   553 C  C   . LYS A 1 69 ? 2.535   3.374   -8.008  1.00 17.66 ? 96  LYS A C   1 
ATOM   554 O  O   . LYS A 1 69 ? 3.184   4.365   -8.362  1.00 16.93 ? 96  LYS A O   1 
ATOM   555 C  CB  . LYS A 1 69 ? 1.696   2.388   -10.173 1.00 17.73 ? 96  LYS A CB  1 
ATOM   556 C  CG  . LYS A 1 69 ? 2.385   1.035   -10.078 1.00 17.94 ? 96  LYS A CG  1 
ATOM   557 C  CD  . LYS A 1 69 ? 2.920   0.659   -11.455 1.00 21.63 ? 96  LYS A CD  1 
ATOM   558 C  CE  . LYS A 1 69 ? 3.458   -0.752  -11.497 1.00 21.34 ? 96  LYS A CE  1 
ATOM   559 N  NZ  . LYS A 1 69 ? 3.733   -1.174  -12.898 1.00 25.52 ? 96  LYS A NZ  1 
ATOM   560 N  N   . ILE A 1 70 ? 2.837   2.677   -6.922  1.00 13.65 ? 97  ILE A N   1 
ATOM   561 C  CA  . ILE A 1 70 ? 3.967   3.079   -6.087  1.00 13.08 ? 97  ILE A CA  1 
ATOM   562 C  C   . ILE A 1 70 ? 4.833   1.905   -5.694  1.00 14.98 ? 97  ILE A C   1 
ATOM   563 O  O   . ILE A 1 70 ? 4.390   0.745   -5.697  1.00 13.42 ? 97  ILE A O   1 
ATOM   564 C  CB  . ILE A 1 70 ? 3.461   3.786   -4.779  1.00 15.62 ? 97  ILE A CB  1 
ATOM   565 C  CG1 . ILE A 1 70 ? 2.712   2.786   -3.845  1.00 15.70 ? 97  ILE A CG1 1 
ATOM   566 C  CG2 . ILE A 1 70 ? 2.528   4.981   -5.112  1.00 16.26 ? 97  ILE A CG2 1 
ATOM   567 C  CD1 . ILE A 1 70 ? 2.262   3.420   -2.504  1.00 15.97 ? 97  ILE A CD1 1 
ATOM   568 N  N   . LYS A 1 71 ? 6.056   2.236   -5.308  1.00 13.12 ? 98  LYS A N   1 
ATOM   569 C  CA  . LYS A 1 71 ? 6.980   1.316   -4.657  1.00 12.27 ? 98  LYS A CA  1 
ATOM   570 C  C   . LYS A 1 71 ? 7.098   1.786   -3.223  1.00 16.16 ? 98  LYS A C   1 
ATOM   571 O  O   . LYS A 1 71 ? 7.327   2.978   -3.004  1.00 15.64 ? 98  LYS A O   1 
ATOM   572 C  CB  . LYS A 1 71 ? 8.336   1.341   -5.336  1.00 13.70 ? 98  LYS A CB  1 
ATOM   573 C  CG  . LYS A 1 71 ? 9.278   0.265   -4.805  1.00 18.33 ? 98  LYS A CG  1 
ATOM   574 C  CD  . LYS A 1 71 ? 10.468  0.145   -5.763  1.00 23.21 ? 98  LYS A CD  1 
ATOM   575 C  CE  . LYS A 1 71 ? 11.441  -0.913  -5.378  1.00 34.39 ? 98  LYS A CE  1 
ATOM   576 N  NZ  . LYS A 1 71 ? 12.650  -0.852  -6.257  1.00 38.37 ? 98  LYS A NZ  1 
ATOM   577 N  N   . VAL A 1 72 ? 6.971   0.885   -2.242  1.00 13.57 ? 99  VAL A N   1 
ATOM   578 C  CA  . VAL A 1 72 ? 7.106   1.259   -0.828  1.00 13.68 ? 99  VAL A CA  1 
ATOM   579 C  C   . VAL A 1 72 ? 8.283   0.525   -0.247  1.00 16.29 ? 99  VAL A C   1 
ATOM   580 O  O   . VAL A 1 72 ? 8.580   -0.600  -0.721  1.00 14.91 ? 99  VAL A O   1 
ATOM   581 C  CB  . VAL A 1 72 ? 5.824   0.975   -0.006  1.00 14.87 ? 99  VAL A CB  1 
ATOM   582 C  CG1 . VAL A 1 72 ? 4.638   1.777   -0.571  1.00 14.34 ? 99  VAL A CG1 1 
ATOM   583 C  CG2 . VAL A 1 72 ? 5.492   -0.528  0.029   1.00 15.28 ? 99  VAL A CG2 1 
ATOM   584 N  N   . TRP A 1 73 ? 8.895   1.113   0.800   1.00 14.96 ? 100 TRP A N   1 
ATOM   585 C  CA  A TRP A 1 73 ? 10.025  0.513   1.517   0.50 15.63 ? 100 TRP A CA  1 
ATOM   586 C  CA  B TRP A 1 73 ? 10.032  0.537   1.495   0.50 15.48 ? 100 TRP A CA  1 
ATOM   587 C  C   . TRP A 1 73 ? 9.677   0.356   2.966   1.00 18.58 ? 100 TRP A C   1 
ATOM   588 O  O   . TRP A 1 73 ? 9.038   1.247   3.552   1.00 18.84 ? 100 TRP A O   1 
ATOM   589 C  CB  A TRP A 1 73 ? 11.304  1.339   1.395   0.50 15.82 ? 100 TRP A CB  1 
ATOM   590 C  CB  B TRP A 1 73 ? 11.250  1.444   1.319   0.50 15.50 ? 100 TRP A CB  1 
ATOM   591 C  CG  A TRP A 1 73 ? 11.975  1.186   0.077   0.50 17.15 ? 100 TRP A CG  1 
ATOM   592 C  CG  B TRP A 1 73 ? 11.688  1.556   -0.109  0.50 16.47 ? 100 TRP A CG  1 
ATOM   593 C  CD1 A TRP A 1 73 ? 12.974  0.314   -0.242  0.50 20.58 ? 100 TRP A CD1 1 
ATOM   594 C  CD1 B TRP A 1 73 ? 11.213  2.412   -1.060  0.50 19.51 ? 100 TRP A CD1 1 
ATOM   595 C  CD2 A TRP A 1 73 ? 11.671  1.905   -1.110  0.50 16.65 ? 100 TRP A CD2 1 
ATOM   596 C  CD2 B TRP A 1 73 ? 12.708  0.778   -0.738  0.50 17.04 ? 100 TRP A CD2 1 
ATOM   597 N  NE1 A TRP A 1 73 ? 13.311  0.451   -1.566  0.50 20.43 ? 100 TRP A NE1 1 
ATOM   598 N  NE1 B TRP A 1 73 ? 11.872  2.205   -2.252  0.50 19.79 ? 100 TRP A NE1 1 
ATOM   599 C  CE2 A TRP A 1 73 ? 12.545  1.441   -2.118  0.50 21.16 ? 100 TRP A CE2 1 
ATOM   600 C  CE2 B TRP A 1 73 ? 12.799  1.208   -2.078  0.50 21.26 ? 100 TRP A CE2 1 
ATOM   601 C  CE3 A TRP A 1 73 ? 10.761  2.925   -1.424  0.50 17.31 ? 100 TRP A CE3 1 
ATOM   602 C  CE3 B TRP A 1 73 ? 13.541  -0.265  -0.301  0.50 19.26 ? 100 TRP A CE3 1 
ATOM   603 C  CZ2 A TRP A 1 73 ? 12.526  1.952   -3.413  0.50 20.76 ? 100 TRP A CZ2 1 
ATOM   604 C  CZ2 B TRP A 1 73 ? 13.704  0.644   -2.979  0.50 21.84 ? 100 TRP A CZ2 1 
ATOM   605 C  CZ3 A TRP A 1 73 ? 10.730  3.417   -2.714  0.50 19.51 ? 100 TRP A CZ3 1 
ATOM   606 C  CZ3 B TRP A 1 73 ? 14.441  -0.816  -1.194  0.50 21.88 ? 100 TRP A CZ3 1 
ATOM   607 C  CH2 A TRP A 1 73 ? 11.613  2.944   -3.689  0.50 20.95 ? 100 TRP A CH2 1 
ATOM   608 C  CH2 B TRP A 1 73 ? 14.520  -0.360  -2.517  0.50 22.77 ? 100 TRP A CH2 1 
ATOM   609 N  N   . PHE A 1 74 ? 10.065  -0.796  3.561   1.00 16.06 ? 101 PHE A N   1 
ATOM   610 C  CA  . PHE A 1 74 ? 9.709   -1.077  4.946   1.00 16.12 ? 101 PHE A CA  1 
ATOM   611 C  C   . PHE A 1 74 ? 10.662  -2.096  5.539   1.00 20.35 ? 101 PHE A C   1 
ATOM   612 O  O   . PHE A 1 74 ? 11.340  -2.795  4.787   1.00 21.24 ? 101 PHE A O   1 
ATOM   613 C  CB  . PHE A 1 74 ? 8.259   -1.618  5.009   1.00 16.94 ? 101 PHE A CB  1 
ATOM   614 C  CG  . PHE A 1 74 ? 8.046   -2.855  4.164   1.00 16.70 ? 101 PHE A CG  1 
ATOM   615 C  CD1 . PHE A 1 74 ? 7.702   -2.755  2.816   1.00 17.07 ? 101 PHE A CD1 1 
ATOM   616 C  CD2 . PHE A 1 74 ? 8.130   -4.125  4.725   1.00 17.98 ? 101 PHE A CD2 1 
ATOM   617 C  CE1 . PHE A 1 74 ? 7.584   -3.901  2.025   1.00 18.52 ? 101 PHE A CE1 1 
ATOM   618 C  CE2 . PHE A 1 74 ? 7.992   -5.261  3.936   1.00 18.47 ? 101 PHE A CE2 1 
ATOM   619 C  CZ  . PHE A 1 74 ? 7.678   -5.143  2.596   1.00 17.42 ? 101 PHE A CZ  1 
ATOM   620 N  N   . HIS A 1 75 ? 10.726  -2.187  6.861   1.00 20.40 ? 102 HIS A N   1 
ATOM   621 C  CA  . HIS A 1 75 ? 11.623  -3.161  7.487   1.00 22.04 ? 102 HIS A CA  1 
ATOM   622 C  C   . HIS A 1 75 ? 11.004  -4.565  7.489   1.00 26.17 ? 102 HIS A C   1 
ATOM   623 O  O   . HIS A 1 75 ? 11.654  -5.528  7.058   1.00 26.32 ? 102 HIS A O   1 
ATOM   624 C  CB  . HIS A 1 75 ? 11.976  -2.733  8.909   1.00 24.21 ? 102 HIS A CB  1 
ATOM   625 C  CG  . HIS A 1 75 ? 12.751  -1.460  8.928   1.00 29.37 ? 102 HIS A CG  1 
ATOM   626 N  ND1 . HIS A 1 75 ? 14.051  -1.392  8.425   1.00 32.86 ? 102 HIS A ND1 1 
ATOM   627 C  CD2 . HIS A 1 75 ? 12.368  -0.224  9.315   1.00 32.26 ? 102 HIS A CD2 1 
ATOM   628 C  CE1 . HIS A 1 75 ? 14.416  -0.128  8.551   1.00 32.87 ? 102 HIS A CE1 1 
ATOM   629 N  NE2 . HIS A 1 75 ? 13.439  0.612   9.092   1.00 32.91 ? 102 HIS A NE2 1 
ATOM   630 N  N   . THR A 1 76 ? 9.771   -4.689  7.991   1.00 22.84 ? 103 THR A N   1 
ATOM   631 C  CA  . THR A 1 76 ? 9.108   -5.992  8.093   1.00 23.08 ? 103 THR A CA  1 
ATOM   632 C  C   . THR A 1 76 ? 7.623   -5.920  7.935   1.00 23.29 ? 103 THR A C   1 
ATOM   633 O  O   . THR A 1 76 ? 7.027   -4.863  8.140   1.00 24.02 ? 103 THR A O   1 
ATOM   634 C  CB  . THR A 1 76 ? 9.418   -6.606  9.476   1.00 34.15 ? 103 THR A CB  1 
ATOM   635 O  OG1 . THR A 1 76 ? 8.966   -7.963  9.495   1.00 41.61 ? 103 THR A OG1 1 
ATOM   636 C  CG2 . THR A 1 76 ? 8.751   -5.855  10.621  1.00 28.20 ? 103 THR A CG2 1 
ATOM   637 N  N   . ARG A 1 77 ? 7.017   -7.066  7.592   1.00 22.04 ? 104 ARG A N   1 
ATOM   638 C  CA  . ARG A 1 77 ? 5.574   -7.199  7.499   1.00 22.15 ? 104 ARG A CA  1 
ATOM   639 C  C   . ARG A 1 77 ? 5.059   -7.589  8.847   1.00 24.55 ? 104 ARG A C   1 
ATOM   640 O  O   . ARG A 1 77 ? 5.659   -8.433  9.527   1.00 27.51 ? 104 ARG A O   1 
ATOM   641 C  CB  . ARG A 1 77 ? 5.103   -8.276  6.494   1.00 23.11 ? 104 ARG A CB  1 
ATOM   642 C  CG  . ARG A 1 77 ? 5.274   -7.961  5.012   1.00 27.56 ? 104 ARG A CG  1 
ATOM   643 C  CD  . ARG A 1 77 ? 5.120   -9.251  4.193   1.00 24.93 ? 104 ARG A CD  1 
ATOM   644 N  NE  . ARG A 1 77 ? 5.393   -9.022  2.761   1.00 26.14 ? 104 ARG A NE  1 
ATOM   645 C  CZ  . ARG A 1 77 ? 6.606   -8.866  2.235   1.00 31.03 ? 104 ARG A CZ  1 
ATOM   646 N  NH1 . ARG A 1 77 ? 7.688   -8.892  3.010   1.00 26.73 ? 104 ARG A NH1 1 
ATOM   647 N  NH2 . ARG A 1 77 ? 6.748   -8.644  0.931   1.00 24.20 ? 104 ARG A NH2 1 
ATOM   648 N  N   . LYS A 1 78 ? 3.914   -7.058  9.208   1.00 18.73 ? 105 LYS A N   1 
ATOM   649 C  CA  . LYS A 1 78 ? 3.231   -7.492  10.425  1.00 17.52 ? 105 LYS A CA  1 
ATOM   650 C  C   . LYS A 1 78 ? 2.578   -8.826  10.139  1.00 20.11 ? 105 LYS A C   1 
ATOM   651 O  O   . LYS A 1 78 ? 2.307   -9.139  8.972   1.00 18.90 ? 105 LYS A O   1 
ATOM   652 C  CB  . LYS A 1 78 ? 2.175   -6.467  10.851  1.00 19.47 ? 105 LYS A CB  1 
ATOM   653 C  CG  . LYS A 1 78 ? 2.791   -5.143  11.289  1.00 31.17 ? 105 LYS A CG  1 
ATOM   654 C  CD  . LYS A 1 78 ? 1.919   -3.952  10.948  1.00 41.01 ? 105 LYS A CD  1 
ATOM   655 C  CE  . LYS A 1 78 ? 2.586   -2.632  11.268  1.00 54.48 ? 105 LYS A CE  1 
ATOM   656 N  NZ  . LYS A 1 78 ? 2.995   -2.538  12.692  1.00 59.34 ? 105 LYS A NZ  1 
ATOM   657 N  N   . GLU A 1 79 ? 2.255   -9.566  11.191  1.00 17.13 ? 106 GLU A N   1 
ATOM   658 C  CA  . GLU A 1 79 ? 1.649   -10.886 11.108  1.00 16.54 ? 106 GLU A CA  1 
ATOM   659 C  C   . GLU A 1 79 ? 0.166   -10.656 10.980  1.00 20.84 ? 106 GLU A C   1 
ATOM   660 O  O   . GLU A 1 79 ? -0.540  -10.666 11.971  1.00 22.55 ? 106 GLU A O   1 
ATOM   661 C  CB  . GLU A 1 79 ? 2.025   -11.732 12.345  1.00 18.79 ? 106 GLU A CB  1 
ATOM   662 C  CG  . GLU A 1 79 ? 1.532   -13.158 12.266  1.00 24.79 ? 106 GLU A CG  1 
ATOM   663 C  CD  . GLU A 1 79 ? 2.014   -14.031 13.410  1.00 29.11 ? 106 GLU A CD  1 
ATOM   664 O  OE1 . GLU A 1 79 ? 2.704   -13.512 14.318  1.00 30.61 ? 106 GLU A OE1 1 
ATOM   665 O  OE2 . GLU A 1 79 ? 1.693   -15.240 13.403  1.00 31.32 ? 106 GLU A OE2 1 
ATOM   666 N  N   . SER A 1 80 ? -0.278  -10.334 9.765   1.00 16.12 ? 107 SER A N   1 
ATOM   667 C  CA  . SER A 1 80 ? -1.665  -10.034 9.517   1.00 15.23 ? 107 SER A CA  1 
ATOM   668 C  C   . SER A 1 80 ? -2.057  -10.553 8.136   1.00 19.59 ? 107 SER A C   1 
ATOM   669 O  O   . SER A 1 80 ? -1.185  -10.819 7.299   1.00 18.04 ? 107 SER A O   1 
ATOM   670 C  CB  . SER A 1 80 ? -1.881  -8.518  9.597   1.00 17.52 ? 107 SER A CB  1 
ATOM   671 O  OG  . SER A 1 80 ? -1.216  -7.822  8.550   1.00 19.08 ? 107 SER A OG  1 
ATOM   672 N  N   . ASN A 1 81 ? -3.351  -10.708 7.930   1.00 16.93 ? 108 ASN A N   1 
ATOM   673 C  CA  . ASN A 1 81 ? -3.905  -11.116 6.627   1.00 16.57 ? 108 ASN A CA  1 
ATOM   674 C  C   . ASN A 1 81 ? -5.049  -10.174 6.305   1.00 20.97 ? 108 ASN A C   1 
ATOM   675 O  O   . ASN A 1 81 ? -6.082  -10.240 6.957   1.00 20.93 ? 108 ASN A O   1 
ATOM   676 C  CB  . ASN A 1 81 ? -4.372  -12.564 6.665   1.00 20.35 ? 108 ASN A CB  1 
ATOM   677 C  CG  . ASN A 1 81 ? -4.778  -13.080 5.303   1.00 47.82 ? 108 ASN A CG  1 
ATOM   678 O  OD1 . ASN A 1 81 ? -4.935  -12.313 4.343   1.00 36.00 ? 108 ASN A OD1 1 
ATOM   679 N  ND2 . ASN A 1 81 ? -4.951  -14.392 5.190   1.00 46.18 ? 108 ASN A ND2 1 
ATOM   680 N  N   . PRO A 1 82 ? -4.908  -9.291  5.321   1.00 19.89 ? 109 PRO A N   1 
ATOM   681 C  CA  . PRO A 1 82 ? -3.741  -9.088  4.448   1.00 19.35 ? 109 PRO A CA  1 
ATOM   682 C  C   . PRO A 1 82 ? -2.501  -8.625  5.198   1.00 20.24 ? 109 PRO A C   1 
ATOM   683 O  O   . PRO A 1 82 ? -2.610  -8.016  6.261   1.00 19.38 ? 109 PRO A O   1 
ATOM   684 C  CB  . PRO A 1 82 ? -4.180  -7.960  3.494   1.00 20.91 ? 109 PRO A CB  1 
ATOM   685 C  CG  . PRO A 1 82 ? -5.627  -7.834  3.635   1.00 26.24 ? 109 PRO A CG  1 
ATOM   686 C  CD  . PRO A 1 82 ? -6.007  -8.373  4.988   1.00 22.30 ? 109 PRO A CD  1 
ATOM   687 N  N   . PRO A 1 83 ? -1.318  -8.835  4.619   1.00 20.18 ? 110 PRO A N   1 
ATOM   688 C  CA  . PRO A 1 83 ? -0.114  -8.318  5.257   1.00 19.59 ? 110 PRO A CA  1 
ATOM   689 C  C   . PRO A 1 83 ? -0.170  -6.808  5.364   1.00 22.54 ? 110 PRO A C   1 
ATOM   690 O  O   . PRO A 1 83 ? -0.849  -6.135  4.578   1.00 19.10 ? 110 PRO A O   1 
ATOM   691 C  CB  . PRO A 1 83 ? 1.042   -8.763  4.339   1.00 21.64 ? 110 PRO A CB  1 
ATOM   692 C  CG  . PRO A 1 83 ? 0.442   -9.340  3.159   1.00 27.06 ? 110 PRO A CG  1 
ATOM   693 C  CD  . PRO A 1 83 ? -1.040  -9.490  3.328   1.00 22.95 ? 110 PRO A CD  1 
ATOM   694 N  N   . SER A 1 84 ? 0.499   -6.289  6.350   1.00 20.74 ? 111 SER A N   1 
ATOM   695 C  CA  . SER A 1 84 ? 0.558   -4.873  6.584   1.00 19.48 ? 111 SER A CA  1 
ATOM   696 C  C   . SER A 1 84 ? 1.951   -4.476  6.994   1.00 22.22 ? 111 SER A C   1 
ATOM   697 O  O   . SER A 1 84 ? 2.727   -5.322  7.474   1.00 21.87 ? 111 SER A O   1 
ATOM   698 C  CB  . SER A 1 84 ? -0.453  -4.476  7.647   1.00 24.24 ? 111 SER A CB  1 
ATOM   699 O  OG  . SER A 1 84 ? -0.339  -5.344  8.762   1.00 26.46 ? 111 SER A OG  1 
ATOM   700 N  N   . ALA A 1 85 ? 2.311   -3.221  6.723   1.00 16.69 ? 112 ALA A N   1 
ATOM   701 C  CA  . ALA A 1 85 ? 3.628   -2.766  7.140   1.00 17.99 ? 112 ALA A CA  1 
ATOM   702 C  C   . ALA A 1 85 ? 3.646   -1.289  7.328   1.00 19.58 ? 112 ALA A C   1 
ATOM   703 O  O   . ALA A 1 85 ? 2.984   -0.574  6.560   1.00 18.44 ? 112 ALA A O   1 
ATOM   704 C  CB  . ALA A 1 85 ? 4.672   -3.150  6.095   1.00 18.61 ? 112 ALA A CB  1 
ATOM   705 N  N   . THR A 1 86 ? 4.441   -0.817  8.300   1.00 17.08 ? 113 THR A N   1 
ATOM   706 C  CA  . THR A 1 86 ? 4.674   0.629   8.466   1.00 17.84 ? 113 THR A CA  1 
ATOM   707 C  C   . THR A 1 86 ? 5.743   1.006   7.466   1.00 19.12 ? 113 THR A C   1 
ATOM   708 O  O   . THR A 1 86 ? 6.814   0.414   7.533   1.00 20.62 ? 113 THR A O   1 
ATOM   709 C  CB  . THR A 1 86 ? 5.163   0.934   9.865   1.00 24.73 ? 113 THR A CB  1 
ATOM   710 O  OG1 . THR A 1 86 ? 4.207   0.432   10.791  1.00 25.25 ? 113 THR A OG1 1 
ATOM   711 C  CG2 . THR A 1 86 ? 5.386   2.433   10.073  1.00 24.31 ? 113 THR A CG2 1 
ATOM   712 N  N   . ILE A 1 87 ? 5.494   1.929   6.540   1.00 17.59 ? 114 ILE A N   1 
ATOM   713 C  CA  . ILE A 1 87 ? 6.497   2.186   5.506   1.00 15.63 ? 114 ILE A CA  1 
ATOM   714 C  C   . ILE A 1 87 ? 7.351   3.372   5.861   1.00 19.40 ? 114 ILE A C   1 
ATOM   715 O  O   . ILE A 1 87 ? 6.904   4.256   6.596   1.00 19.97 ? 114 ILE A O   1 
ATOM   716 C  CB  . ILE A 1 87 ? 5.870   2.339   4.103   1.00 17.61 ? 114 ILE A CB  1 
ATOM   717 C  CG1 . ILE A 1 87 ? 4.869   3.535   4.026   1.00 18.72 ? 114 ILE A CG1 1 
ATOM   718 C  CG2 . ILE A 1 87 ? 5.157   1.015   3.721   1.00 16.56 ? 114 ILE A CG2 1 
ATOM   719 C  CD1 . ILE A 1 87 ? 4.552   4.018   2.582   1.00 18.79 ? 114 ILE A CD1 1 
ATOM   720 N  N   . GLN A 1 88 ? 8.599   3.363   5.392   1.00 17.55 ? 115 GLN A N   1 
ATOM   721 C  CA  A GLN A 1 88 ? 9.559   4.443   5.656   0.50 18.59 ? 115 GLN A CA  1 
ATOM   722 C  CA  B GLN A 1 88 ? 9.514   4.477   5.684   0.50 18.50 ? 115 GLN A CA  1 
ATOM   723 C  C   . GLN A 1 88 ? 9.675   5.380   4.468   1.00 20.79 ? 115 GLN A C   1 
ATOM   724 O  O   . GLN A 1 88 ? 10.138  6.510   4.615   1.00 21.22 ? 115 GLN A O   1 
ATOM   725 C  CB  A GLN A 1 88 ? 10.951  3.865   5.965   0.50 20.96 ? 115 GLN A CB  1 
ATOM   726 C  CB  B GLN A 1 88 ? 10.886  3.974   6.167   0.50 20.92 ? 115 GLN A CB  1 
ATOM   727 C  CG  A GLN A 1 88 ? 10.987  2.851   7.113   0.50 25.42 ? 115 GLN A CG  1 
ATOM   728 C  CG  B GLN A 1 88 ? 10.915  3.615   7.654   0.50 24.49 ? 115 GLN A CG  1 
ATOM   729 C  CD  A GLN A 1 88 ? 10.505  3.417   8.426   0.50 42.20 ? 115 GLN A CD  1 
ATOM   730 C  CD  B GLN A 1 88 ? 10.086  2.398   7.990   0.50 40.73 ? 115 GLN A CD  1 
ATOM   731 O  OE1 A GLN A 1 88 ? 10.748  4.583   8.754   0.50 38.18 ? 115 GLN A OE1 1 
ATOM   732 O  OE1 B GLN A 1 88 ? 10.150  1.373   7.309   0.50 34.75 ? 115 GLN A OE1 1 
ATOM   733 N  NE2 A GLN A 1 88 ? 9.833   2.599   9.225   0.50 39.11 ? 115 GLN A NE2 1 
ATOM   734 N  NE2 B GLN A 1 88 ? 9.291   2.466   9.053   0.50 29.93 ? 115 GLN A NE2 1 
ATOM   735 N  N   . LYS A 1 89 ? 9.279   4.914   3.270   1.00 16.15 ? 116 LYS A N   1 
ATOM   736 C  CA  . LYS A 1 89 ? 9.397   5.728   2.092   1.00 17.00 ? 116 LYS A CA  1 
ATOM   737 C  C   . LYS A 1 89 ? 8.537   5.183   1.002   1.00 18.90 ? 116 LYS A C   1 
ATOM   738 O  O   . LYS A 1 89 ? 8.189   3.997   0.998   1.00 16.45 ? 116 LYS A O   1 
ATOM   739 C  CB  . LYS A 1 89 ? 10.878  5.687   1.649   1.00 21.25 ? 116 LYS A CB  1 
ATOM   740 C  CG  . LYS A 1 89 ? 11.210  6.382   0.319   1.00 31.96 ? 116 LYS A CG  1 
ATOM   741 C  CD  . LYS A 1 89 ? 12.717  6.535   0.127   1.00 44.56 ? 116 LYS A CD  1 
ATOM   742 C  CE  . LYS A 1 89 ? 13.412  5.258   -0.280  1.00 61.70 ? 116 LYS A CE  1 
ATOM   743 N  NZ  . LYS A 1 89 ? 14.886  5.363   -0.112  1.00 76.31 ? 116 LYS A NZ  1 
ATOM   744 N  N   . TYR A 1 90 ? 8.153   6.038   0.069   1.00 17.22 ? 117 TYR A N   1 
ATOM   745 C  CA  . TYR A 1 90 ? 7.499   5.531   -1.129  1.00 15.91 ? 117 TYR A CA  1 
ATOM   746 C  C   . TYR A 1 90 ? 7.950   6.341   -2.313  1.00 18.84 ? 117 TYR A C   1 
ATOM   747 O  O   . TYR A 1 90 ? 8.433   7.475   -2.175  1.00 19.11 ? 117 TYR A O   1 
ATOM   748 C  CB  . TYR A 1 90 ? 5.967   5.484   -1.064  1.00 18.51 ? 117 TYR A CB  1 
ATOM   749 C  CG  . TYR A 1 90 ? 5.328   6.846   -0.905  1.00 23.11 ? 117 TYR A CG  1 
ATOM   750 C  CD1 . TYR A 1 90 ? 4.978   7.606   -2.012  1.00 25.33 ? 117 TYR A CD1 1 
ATOM   751 C  CD2 . TYR A 1 90 ? 4.955   7.316   0.348   1.00 25.35 ? 117 TYR A CD2 1 
ATOM   752 C  CE1 . TYR A 1 90 ? 4.416   8.875   -1.866  1.00 26.93 ? 117 TYR A CE1 1 
ATOM   753 C  CE2 . TYR A 1 90 ? 4.337   8.550   0.503   1.00 26.91 ? 117 TYR A CE2 1 
ATOM   754 C  CZ  . TYR A 1 90 ? 4.076   9.331   -0.602  1.00 33.07 ? 117 TYR A CZ  1 
ATOM   755 O  OH  . TYR A 1 90 ? 3.475   10.543  -0.397  1.00 36.81 ? 117 TYR A OH  1 
ATOM   756 N  N   . GLU A 1 91 ? 7.813   5.718   -3.480  1.00 16.35 ? 118 GLU A N   1 
ATOM   757 C  CA  A GLU A 1 91 ? 8.156   6.349   -4.749  0.50 17.00 ? 118 GLU A CA  1 
ATOM   758 C  CA  B GLU A 1 91 ? 8.172   6.300   -4.775  0.50 16.41 ? 118 GLU A CA  1 
ATOM   759 C  C   . GLU A 1 91 ? 7.011   6.180   -5.714  1.00 20.22 ? 118 GLU A C   1 
ATOM   760 O  O   . GLU A 1 91 ? 6.462   5.090   -5.813  1.00 18.15 ? 118 GLU A O   1 
ATOM   761 C  CB  A GLU A 1 91 ? 9.440   5.749   -5.324  0.50 18.77 ? 118 GLU A CB  1 
ATOM   762 C  CB  B GLU A 1 91 ? 9.367   5.558   -5.390  0.50 17.63 ? 118 GLU A CB  1 
ATOM   763 C  CG  A GLU A 1 91 ? 9.878   6.436   -6.605  0.50 27.04 ? 118 GLU A CG  1 
ATOM   764 C  CG  B GLU A 1 91 ? 10.643  5.559   -4.576  0.50 21.46 ? 118 GLU A CG  1 
ATOM   765 C  CD  A GLU A 1 91 ? 11.286  6.110   -7.047  0.50 40.04 ? 118 GLU A CD  1 
ATOM   766 C  CD  B GLU A 1 91 ? 11.738  4.760   -5.256  0.50 28.87 ? 118 GLU A CD  1 
ATOM   767 O  OE1 A GLU A 1 91 ? 11.668  4.921   -6.969  0.50 31.25 ? 118 GLU A OE1 1 
ATOM   768 O  OE1 B GLU A 1 91 ? 12.383  5.303   -6.181  0.50 26.41 ? 118 GLU A OE1 1 
ATOM   769 O  OE2 A GLU A 1 91 ? 11.999  7.039   -7.492  0.50 35.36 ? 118 GLU A OE2 1 
ATOM   770 O  OE2 B GLU A 1 91 ? 11.954  3.591   -4.867  0.50 20.66 ? 118 GLU A OE2 1 
ATOM   771 N  N   . LEU A 1 92 ? 6.646   7.267   -6.437  1.00 16.88 ? 119 LEU A N   1 
ATOM   772 C  CA  . LEU A 1 92 ? 5.571   7.192   -7.415  1.00 16.97 ? 119 LEU A CA  1 
ATOM   773 C  C   . LEU A 1 92 ? 6.160   6.614   -8.713  1.00 21.23 ? 119 LEU A C   1 
ATOM   774 O  O   . LEU A 1 92 ? 7.173   7.114   -9.208  1.00 21.62 ? 119 LEU A O   1 
ATOM   775 C  CB  . LEU A 1 92 ? 4.922   8.583   -7.679  1.00 19.88 ? 119 LEU A CB  1 
ATOM   776 C  CG  . LEU A 1 92 ? 4.257   9.311   -6.448  1.00 26.01 ? 119 LEU A CG  1 
ATOM   777 C  CD1 . LEU A 1 92 ? 3.498   10.566  -6.905  1.00 27.59 ? 119 LEU A CD1 1 
ATOM   778 C  CD2 . LEU A 1 92 ? 3.263   8.437   -5.709  1.00 28.28 ? 119 LEU A CD2 1 
ATOM   779 N  N   . LEU A 1 93 ? 5.553   5.553   -9.243  1.00 17.57 ? 120 LEU A N   1 
ATOM   780 C  CA  . LEU A 1 93 ? 6.042   4.889   -10.455 1.00 18.33 ? 120 LEU A CA  1 
ATOM   781 C  C   . LEU A 1 93 ? 5.278   5.385   -11.693 1.00 26.11 ? 120 LEU A C   1 
ATOM   782 O  O   . LEU A 1 93 ? 4.104   5.814   -11.566 1.00 29.05 ? 120 LEU A O   1 
ATOM   783 C  CB  . LEU A 1 93 ? 5.870   3.370   -10.307 1.00 17.95 ? 120 LEU A CB  1 
ATOM   784 C  CG  . LEU A 1 93 ? 6.590   2.730   -9.126  1.00 21.86 ? 120 LEU A CG  1 
ATOM   785 C  CD1 . LEU A 1 93 ? 6.387   1.217   -9.119  1.00 23.82 ? 120 LEU A CD1 1 
ATOM   786 C  CD2 . LEU A 1 93 ? 8.077   3.084   -9.080  1.00 24.84 ? 120 LEU A CD2 1 
ATOM   787 O  OXT . LEU A 1 93 ? 5.834   5.310   -12.813 1.00 26.65 ? 120 LEU A OXT 1 
HETATM 788 O  O1  . 2PE B 2 .  ? 14.870  10.307  -2.290  1.00 68.15 ? 200 2PE A O1  1 
HETATM 789 C  C2  . 2PE B 2 .  ? 14.385  9.896   -3.576  1.00 68.42 ? 200 2PE A C2  1 
HETATM 790 C  C3  . 2PE B 2 .  ? 15.175  8.691   -4.078  1.00 68.78 ? 200 2PE A C3  1 
HETATM 791 O  O4  . 2PE B 2 .  ? 14.272  7.623   -4.388  1.00 68.51 ? 200 2PE A O4  1 
HETATM 792 C  C5  . 2PE B 2 .  ? 14.362  6.470   -3.547  1.00 67.37 ? 200 2PE A C5  1 
HETATM 793 C  C6  . 2PE B 2 .  ? 15.300  5.447   -4.177  1.00 66.66 ? 200 2PE A C6  1 
HETATM 794 O  O7  . 2PE B 2 .  ? 15.341  4.276   -3.367  1.00 66.26 ? 200 2PE A O7  1 
HETATM 795 O  O   . HOH C 3 .  ? 4.660   5.141   7.779   1.00 22.55 ? 301 HOH A O   1 
HETATM 796 O  O   . HOH C 3 .  ? -12.454 1.058   -4.108  1.00 24.41 ? 302 HOH A O   1 
HETATM 797 O  O   . HOH C 3 .  ? 9.711   -4.004  -5.066  1.00 20.74 ? 303 HOH A O   1 
HETATM 798 O  O   . HOH C 3 .  ? 3.914   -6.437  -4.820  1.00 19.54 ? 304 HOH A O   1 
HETATM 799 O  O   . HOH C 3 .  ? 7.914   9.835   -5.673  1.00 26.18 ? 305 HOH A O   1 
HETATM 800 O  O   . HOH C 3 .  ? -4.710  -7.097  8.009   1.00 23.61 ? 306 HOH A O   1 
HETATM 801 O  O   . HOH C 3 .  ? -17.424 -2.285  -9.148  1.00 29.50 ? 307 HOH A O   1 
HETATM 802 O  O   . HOH C 3 .  ? 0.847   -9.019  -2.318  1.00 27.25 ? 308 HOH A O   1 
HETATM 803 O  O   . HOH C 3 .  ? -3.187  -10.011 0.588   1.00 26.89 ? 309 HOH A O   1 
HETATM 804 O  O   . HOH C 3 .  ? 5.980   -2.863  9.694   1.00 22.52 ? 310 HOH A O   1 
HETATM 805 O  O   . HOH C 3 .  ? 3.335   -7.681  -2.514  1.00 23.88 ? 311 HOH A O   1 
HETATM 806 O  O   . HOH C 3 .  ? 1.714   10.620  7.593   1.00 38.91 ? 312 HOH A O   1 
HETATM 807 O  O   . HOH C 3 .  ? -5.635  1.484   -11.951 1.00 39.18 ? 313 HOH A O   1 
HETATM 808 O  O   . HOH C 3 .  ? -9.744  6.462   -0.448  1.00 33.56 ? 314 HOH A O   1 
HETATM 809 O  O   . HOH C 3 .  ? -3.430  12.128  -0.813  1.00 23.99 ? 315 HOH A O   1 
HETATM 810 O  O   . HOH C 3 .  ? 4.898   -9.196  -1.021  1.00 28.32 ? 316 HOH A O   1 
HETATM 811 O  O   . HOH C 3 .  ? -15.199 -3.643  -10.106 1.00 33.93 ? 317 HOH A O   1 
HETATM 812 O  O   . HOH C 3 .  ? 13.821  1.640   -6.563  1.00 41.52 ? 318 HOH A O   1 
HETATM 813 O  O   . HOH C 3 .  ? -15.738 -6.301  -9.596  1.00 45.45 ? 319 HOH A O   1 
HETATM 814 O  O   . HOH C 3 .  ? -11.423 3.590   -3.922  1.00 29.89 ? 320 HOH A O   1 
HETATM 815 O  O   . HOH C 3 .  ? -15.246 2.550   -1.597  1.00 40.67 ? 321 HOH A O   1 
HETATM 816 O  O   . HOH C 3 .  ? 3.241   -8.668  13.821  1.00 25.77 ? 322 HOH A O   1 
HETATM 817 O  O   . HOH C 3 .  ? -14.907 0.774   2.387   1.00 41.53 ? 323 HOH A O   1 
HETATM 818 O  O   . HOH C 3 .  ? -0.635  9.463   9.675   1.00 52.43 ? 324 HOH A O   1 
HETATM 819 O  O   . HOH C 3 .  ? -21.376 1.231   -7.598  1.00 34.15 ? 325 HOH A O   1 
HETATM 820 O  O   . HOH C 3 .  ? 4.277   -15.099 15.644  1.00 39.83 ? 326 HOH A O   1 
HETATM 821 O  O   . HOH C 3 .  ? -14.806 4.306   -3.481  1.00 46.30 ? 327 HOH A O   1 
HETATM 822 O  O   . HOH C 3 .  ? 8.974   8.892   -8.603  1.00 40.82 ? 328 HOH A O   1 
HETATM 823 O  O   . HOH C 3 .  ? -0.149  14.680  4.149   1.00 41.35 ? 329 HOH A O   1 
HETATM 824 O  O   . HOH C 3 .  ? -16.384 -2.642  3.630   1.00 35.76 ? 330 HOH A O   1 
HETATM 825 O  O   . HOH C 3 .  ? -0.586  10.909  6.102   1.00 37.35 ? 331 HOH A O   1 
HETATM 826 O  O   . HOH C 3 .  ? 10.756  8.743   -2.742  1.00 35.74 ? 332 HOH A O   1 
HETATM 827 O  O   . HOH C 3 .  ? -1.938  10.420  13.673  1.00 36.73 ? 333 HOH A O   1 
HETATM 828 O  O   . HOH C 3 .  ? -15.816 -8.296  -4.199  1.00 37.45 ? 334 HOH A O   1 
HETATM 829 O  O   . HOH C 3 .  ? 10.572  9.757   -5.215  1.00 45.06 ? 335 HOH A O   1 
HETATM 830 O  O   . HOH C 3 .  ? -3.046  14.066  2.527   1.00 35.91 ? 336 HOH A O   1 
HETATM 831 O  O   . HOH C 3 .  ? -6.902  9.664   -3.121  1.00 31.79 ? 337 HOH A O   1 
HETATM 832 O  O   . HOH C 3 .  ? -20.549 0.130   -15.522 1.00 40.88 ? 338 HOH A O   1 
HETATM 833 O  O   . HOH C 3 .  ? -9.778  5.278   2.726   1.00 42.61 ? 339 HOH A O   1 
HETATM 834 O  O   . HOH C 3 .  ? -6.922  10.067  -7.503  1.00 41.02 ? 340 HOH A O   1 
HETATM 835 O  O   . HOH C 3 .  ? 5.899   -1.019  12.743  1.00 35.24 ? 341 HOH A O   1 
HETATM 836 O  O   . HOH C 3 .  ? -0.284  -9.440  0.008   1.00 51.95 ? 342 HOH A O   1 
HETATM 837 O  O   . HOH C 3 .  ? -9.265  10.252  -4.307  1.00 49.54 ? 343 HOH A O   1 
HETATM 838 O  O   . HOH C 3 .  ? 0.413   12.143  -7.035  1.00 39.43 ? 344 HOH A O   1 
HETATM 839 O  O   . HOH C 3 .  ? 13.803  3.226   9.909   1.00 49.92 ? 345 HOH A O   1 
HETATM 840 O  O   . HOH C 3 .  ? 17.941  1.543   4.155   1.00 62.13 ? 346 HOH A O   1 
HETATM 841 O  O   . HOH C 3 .  ? -21.707 0.213   -10.126 1.00 37.84 ? 347 HOH A O   1 
HETATM 842 O  O   . HOH C 3 .  ? 17.056  2.860   6.624   1.00 46.73 ? 348 HOH A O   1 
HETATM 843 O  O   . HOH C 3 .  ? -6.332  -15.156 2.394   1.00 46.55 ? 349 HOH A O   1 
HETATM 844 O  O   . HOH C 3 .  ? -3.809  14.825  5.066   1.00 60.34 ? 350 HOH A O   1 
HETATM 845 O  O   . HOH C 3 .  ? 10.412  15.436  2.805   1.00 54.48 ? 351 HOH A O   1 
HETATM 846 O  O   . HOH C 3 .  ? 2.012   10.726  12.187  1.00 52.18 ? 352 HOH A O   1 
HETATM 847 O  O   . HOH C 3 .  ? -16.254 -4.463  5.536   1.00 45.92 ? 353 HOH A O   1 
HETATM 848 O  O   . HOH C 3 .  ? -9.204  9.135   -1.810  1.00 54.34 ? 354 HOH A O   1 
HETATM 849 O  O   . HOH C 3 .  ? 1.396   6.048   -10.841 1.00 27.43 ? 355 HOH A O   1 
HETATM 850 O  O   A HOH C 3 .  ? 2.234   -5.142  -8.103  0.50 21.19 ? 356 HOH A O   1 
HETATM 851 O  O   B HOH C 3 .  ? 3.109   -5.268  -8.987  0.50 28.22 ? 356 HOH A O   1 
HETATM 852 O  O   . HOH C 3 .  ? -5.507  11.720  3.361   1.00 33.46 ? 357 HOH A O   1 
HETATM 853 O  O   . HOH C 3 .  ? -0.833  -11.988 0.781   1.00 37.60 ? 358 HOH A O   1 
HETATM 854 O  O   . HOH C 3 .  ? -19.801 -0.260  -5.823  1.00 40.06 ? 359 HOH A O   1 
HETATM 855 O  O   . HOH C 3 .  ? 2.741   9.532   -10.757 1.00 43.26 ? 360 HOH A O   1 
HETATM 856 O  O   . HOH C 3 .  ? 15.174  -4.242  7.724   1.00 48.67 ? 361 HOH A O   1 
HETATM 857 O  O   . HOH C 3 .  ? 1.601   3.709   10.377  1.00 37.24 ? 362 HOH A O   1 
HETATM 858 O  O   . HOH C 3 .  ? -19.716 -0.977  -3.249  1.00 37.59 ? 363 HOH A O   1 
HETATM 859 O  O   . HOH C 3 .  ? -9.714  13.028  -3.815  1.00 44.31 ? 364 HOH A O   1 
HETATM 860 O  O   . HOH C 3 .  ? 18.164  -0.613  2.345   1.00 67.28 ? 365 HOH A O   1 
HETATM 861 O  O   A HOH C 3 .  ? 9.192   -0.127  8.195   0.50 22.72 ? 366 HOH A O   1 
HETATM 862 O  O   B HOH C 3 .  ? 8.728   -1.603  8.895   0.50 23.51 ? 366 HOH A O   1 
HETATM 863 O  O   . HOH C 3 .  ? 3.073   -9.578  0.996   1.00 38.98 ? 367 HOH A O   1 
HETATM 864 O  O   . HOH C 3 .  ? -16.138 -9.424  1.517   1.00 63.90 ? 368 HOH A O   1 
HETATM 865 O  O   . HOH C 3 .  ? -19.192 -1.476  -11.093 1.00 49.44 ? 369 HOH A O   1 
HETATM 866 O  O   . HOH C 3 .  ? -3.683  9.536   -9.789  1.00 55.79 ? 370 HOH A O   1 
HETATM 867 O  O   . HOH C 3 .  ? -12.511 5.668   -1.659  1.00 46.13 ? 371 HOH A O   1 
HETATM 868 O  O   . HOH C 3 .  ? -2.567  7.832   -11.901 1.00 68.06 ? 372 HOH A O   1 
HETATM 869 O  O   . HOH C 3 .  ? -0.952  5.410   10.568  1.00 46.71 ? 373 HOH A O   1 
HETATM 870 O  O   . HOH C 3 .  ? 9.329   0.488   11.512  1.00 58.15 ? 374 HOH A O   1 
HETATM 871 O  O   . HOH C 3 .  ? 1.715   -1.215  -14.760 1.00 41.55 ? 375 HOH A O   1 
HETATM 872 O  O   . HOH C 3 .  ? 9.831   -2.807  12.101  1.00 54.46 ? 376 HOH A O   1 
HETATM 873 O  O   . HOH C 3 .  ? -7.093  -18.031 2.572   1.00 54.51 ? 377 HOH A O   1 
HETATM 874 O  O   . HOH C 3 .  ? 3.342   14.756  -0.766  1.00 51.48 ? 378 HOH A O   1 
HETATM 875 O  O   . HOH C 3 .  ? -16.225 -4.053  -12.550 1.00 48.16 ? 379 HOH A O   1 
HETATM 876 O  O   . HOH C 3 .  ? 3.179   17.663  5.932   1.00 57.73 ? 380 HOH A O   1 
HETATM 877 O  O   . HOH C 3 .  ? -8.221  -1.781  7.182   1.00 28.62 ? 381 HOH A O   1 
HETATM 878 O  O   . HOH C 3 .  ? -6.406  -3.610  -15.704 1.00 55.38 ? 382 HOH A O   1 
HETATM 879 O  O   . HOH C 3 .  ? 0.129   0.876   -14.670 1.00 58.40 ? 383 HOH A O   1 
HETATM 880 O  O   . HOH C 3 .  ? 5.630   -10.608 13.796  1.00 48.43 ? 384 HOH A O   1 
HETATM 881 O  O   . HOH C 3 .  ? -1.232  -12.624 5.134   1.00 37.75 ? 385 HOH A O   1 
HETATM 882 O  O   . HOH C 3 .  ? 7.228   11.381  -3.674  1.00 63.48 ? 386 HOH A O   1 
HETATM 883 O  O   . HOH C 3 .  ? 15.831  3.133   -1.107  1.00 54.11 ? 387 HOH A O   1 
HETATM 884 O  O   . HOH C 3 .  ? 16.396  4.329   1.862   1.00 70.37 ? 388 HOH A O   1 
HETATM 885 O  O   . HOH C 3 .  ? 16.427  1.710   1.068   1.00 69.07 ? 389 HOH A O   1 
# 
loop_
_atom_site_anisotrop.id 
_atom_site_anisotrop.type_symbol 
_atom_site_anisotrop.pdbx_label_atom_id 
_atom_site_anisotrop.pdbx_label_alt_id 
_atom_site_anisotrop.pdbx_label_comp_id 
_atom_site_anisotrop.pdbx_label_asym_id 
_atom_site_anisotrop.pdbx_label_seq_id 
_atom_site_anisotrop.pdbx_PDB_ins_code 
_atom_site_anisotrop.U[1][1] 
_atom_site_anisotrop.U[2][2] 
_atom_site_anisotrop.U[3][3] 
_atom_site_anisotrop.U[1][2] 
_atom_site_anisotrop.U[1][3] 
_atom_site_anisotrop.U[2][3] 
_atom_site_anisotrop.pdbx_auth_seq_id 
_atom_site_anisotrop.pdbx_auth_comp_id 
_atom_site_anisotrop.pdbx_auth_asym_id 
_atom_site_anisotrop.pdbx_auth_atom_id 
1   N  N   . GLY A 1  ? 0.3437 0.9039 0.5350 0.0049  -0.0991 0.1953  0   GLY A N   
2   C  CA  . GLY A 1  ? 0.3380 0.8497 0.5034 -0.0076 -0.0995 0.1794  0   GLY A CA  
3   C  C   . GLY A 1  ? 0.3590 0.8509 0.5214 -0.0110 -0.0906 0.1691  0   GLY A C   
4   O  O   . GLY A 1  ? 0.3013 0.8220 0.4791 -0.0148 -0.0884 0.1747  0   GLY A O   
5   N  N   . ASP A 2  ? 0.3603 0.8058 0.5033 -0.0098 -0.0852 0.1552  29  ASP A N   
6   C  CA  . ASP A 2  ? 0.3701 0.7955 0.5086 -0.0126 -0.0772 0.1456  29  ASP A CA  
7   C  C   . ASP A 2  ? 0.4501 0.8338 0.5648 -0.0279 -0.0805 0.1324  29  ASP A C   
8   O  O   . ASP A 2  ? 0.4436 0.8132 0.5445 -0.0340 -0.0878 0.1296  29  ASP A O   
9   C  CB  . ASP A 2  ? 0.3926 0.8052 0.5354 0.0115  -0.0639 0.1416  29  ASP A CB  
10  N  N   . GLU A 3  ? 0.4227 0.7897 0.5328 -0.0338 -0.0752 0.1251  30  GLU A N   
11  C  CA  . GLU A 3  ? 0.4369 0.7650 0.5261 -0.0465 -0.0773 0.1129  30  GLU A CA  
12  C  C   . GLU A 3  ? 0.5150 0.8077 0.5896 -0.0340 -0.0720 0.1036  30  GLU A C   
13  O  O   . GLU A 3  ? 0.5035 0.7965 0.5849 -0.0155 -0.0645 0.1051  30  GLU A O   
14  C  CB  . GLU A 3  ? 0.4532 0.7744 0.5433 -0.0535 -0.0724 0.1097  30  GLU A CB  
15  N  N   . THR A 4  ? 0.4958 0.7584 0.5506 -0.0440 -0.0761 0.0942  31  THR A N   
16  C  CA  . THR A 4  ? 0.4979 0.7290 0.5389 -0.0345 -0.0714 0.0863  31  THR A CA  
17  C  C   . THR A 4  ? 0.5434 0.7566 0.5857 -0.0247 -0.0608 0.0803  31  THR A C   
18  O  O   . THR A 4  ? 0.5612 0.7656 0.6003 -0.0327 -0.0593 0.0756  31  THR A O   
19  C  CB  . THR A 4  ? 0.6819 0.8887 0.7014 -0.0473 -0.0775 0.0772  31  THR A CB  
20  O  OG1 . THR A 4  ? 0.7376 0.9638 0.7553 -0.0588 -0.0888 0.0815  31  THR A OG1 
21  C  CG2 . THR A 4  ? 0.6884 0.8702 0.6950 -0.0377 -0.0732 0.0718  31  THR A CG2 
22  N  N   . LYS A 5  ? 0.4753 0.6834 0.5227 -0.0076 -0.0541 0.0809  32  LYS A N   
23  C  CA  . LYS A 5  ? 0.4528 0.6447 0.5011 0.0024  -0.0450 0.0743  32  LYS A CA  
24  C  C   . LYS A 5  ? 0.4487 0.6060 0.4813 0.0012  -0.0430 0.0649  32  LYS A C   
25  O  O   . LYS A 5  ? 0.4744 0.6209 0.5028 0.0063  -0.0436 0.0658  32  LYS A O   
26  C  CB  . LYS A 5  ? 0.4943 0.6959 0.5563 0.0213  -0.0396 0.0785  32  LYS A CB  
27  N  N   . MSE A 6  ? 0.3271 0.4687 0.3515 -0.0056 -0.0408 0.0572  33  MSE A N   
28  C  CA  . MSE A 6  ? 0.3007 0.4128 0.3118 -0.0060 -0.0386 0.0488  33  MSE A CA  
29  C  C   . MSE A 6  ? 0.2713 0.3718 0.2858 0.0050  -0.0311 0.0439  33  MSE A C   
30  O  O   . MSE A 6  ? 0.2708 0.3826 0.2931 0.0096  -0.0275 0.0438  33  MSE A O   
31  C  CB  . MSE A 6  ? 0.3335 0.4331 0.3329 -0.0190 -0.0412 0.0433  33  MSE A CB  
32  C  CG  . MSE A 6  ? 0.4206 0.5180 0.4092 -0.0295 -0.0490 0.0431  33  MSE A CG  
33  SE SE  . MSE A 6  ? 0.4853 0.5515 0.4551 -0.0387 -0.0498 0.0320  33  MSE A SE  
34  C  CE  . MSE A 6  ? 0.4499 0.5241 0.4282 -0.0485 -0.0510 0.0350  33  MSE A CE  
35  N  N   . GLN A 7  ? 0.1956 0.2751 0.2034 0.0086  -0.0292 0.0397  34  GLN A N   
36  C  CA  . GLN A 7  ? 0.1834 0.2493 0.1931 0.0168  -0.0237 0.0337  34  GLN A CA  
37  C  C   . GLN A 7  ? 0.2248 0.2799 0.2265 0.0109  -0.0218 0.0270  34  GLN A C   
38  O  O   . GLN A 7  ? 0.2264 0.2771 0.2193 0.0014  -0.0245 0.0262  34  GLN A O   
39  C  CB  . GLN A 7  ? 0.2085 0.2577 0.2165 0.0212  -0.0231 0.0337  34  GLN A CB  
40  C  CG  . GLN A 7  ? 0.2278 0.2849 0.2431 0.0270  -0.0253 0.0424  34  GLN A CG  
41  C  CD  . GLN A 7  ? 0.3405 0.3795 0.3564 0.0316  -0.0240 0.0433  34  GLN A CD  
42  O  OE1 . GLN A 7  ? 0.3217 0.3473 0.3413 0.0368  -0.0208 0.0376  34  GLN A OE1 
43  N  NE2 . GLN A 7  ? 0.3317 0.3706 0.3436 0.0288  -0.0265 0.0503  34  GLN A NE2 
44  N  N   . SER A 8  ? 0.1826 0.2321 0.1862 0.0171  -0.0175 0.0215  35  SER A N   
45  C  CA  . SER A 8  ? 0.1768 0.2169 0.1730 0.0127  -0.0158 0.0160  35  SER A CA  
46  C  C   . SER A 8  ? 0.1996 0.2268 0.1957 0.0192  -0.0127 0.0092  35  SER A C   
47  O  O   . SER A 8  ? 0.1982 0.2249 0.2007 0.0279  -0.0114 0.0075  35  SER A O   
48  C  CB  . SER A 8  ? 0.2218 0.2777 0.2203 0.0100  -0.0146 0.0176  35  SER A CB  
49  O  OG  . SER A 8  ? 0.2522 0.3211 0.2582 0.0199  -0.0109 0.0164  35  SER A OG  
50  N  N   . LEU A 9  ? 0.1633 0.1797 0.1520 0.0152  -0.0120 0.0052  36  LEU A N   
51  C  CA  . LEU A 9  ? 0.1665 0.1738 0.1552 0.0196  -0.0101 -0.0014 36  LEU A CA  
52  C  C   . LEU A 9  ? 0.1840 0.1893 0.1660 0.0156  -0.0092 -0.0037 36  LEU A C   
53  O  O   . LEU A 9  ? 0.1882 0.1922 0.1651 0.0093  -0.0105 -0.0005 36  LEU A O   
54  C  CB  . LEU A 9  ? 0.1899 0.1830 0.1800 0.0206  -0.0109 -0.0019 36  LEU A CB  
55  C  CG  . LEU A 9  ? 0.2200 0.2060 0.2040 0.0146  -0.0118 0.0009  36  LEU A CG  
56  C  CD1 . LEU A 9  ? 0.2174 0.1967 0.1974 0.0128  -0.0106 -0.0033 36  LEU A CD1 
57  C  CD2 . LEU A 9  ? 0.2553 0.2352 0.2430 0.0156  -0.0126 0.0051  36  LEU A CD2 
58  N  N   . VAL A 10 ? 0.1630 0.1669 0.1447 0.0194  -0.0079 -0.0096 37  VAL A N   
59  C  CA  . VAL A 10 ? 0.1617 0.1663 0.1377 0.0169  -0.0074 -0.0110 37  VAL A CA  
60  C  C   . VAL A 10 ? 0.2027 0.1960 0.1774 0.0166  -0.0082 -0.0149 37  VAL A C   
61  O  O   . VAL A 10 ? 0.2033 0.1908 0.1823 0.0195  -0.0090 -0.0191 37  VAL A O   
62  C  CB  . VAL A 10 ? 0.1824 0.2009 0.1581 0.0217  -0.0053 -0.0141 37  VAL A CB  
63  C  CG1 . VAL A 10 ? 0.2005 0.2207 0.1702 0.0201  -0.0052 -0.0154 37  VAL A CG1 
64  C  CG2 . VAL A 10 ? 0.1904 0.2252 0.1687 0.0208  -0.0040 -0.0078 37  VAL A CG2 
65  N  N   . GLY A 11 ? 0.1796 0.1701 0.1496 0.0132  -0.0084 -0.0129 38  GLY A N   
66  C  CA  . GLY A 11 ? 0.1913 0.1758 0.1614 0.0131  -0.0090 -0.0154 38  GLY A CA  
67  C  C   . GLY A 11 ? 0.2048 0.1896 0.1701 0.0117  -0.0087 -0.0127 38  GLY A C   
68  O  O   . GLY A 11 ? 0.2091 0.1954 0.1705 0.0100  -0.0084 -0.0087 38  GLY A O   
69  N  N   . TYR A 12 ? 0.1719 0.1560 0.1384 0.0123  -0.0094 -0.0143 39  TYR A N   
70  C  CA  . TYR A 12 ? 0.1761 0.1615 0.1394 0.0128  -0.0092 -0.0111 39  TYR A CA  
71  C  C   . TYR A 12 ? 0.2076 0.1856 0.1705 0.0132  -0.0080 -0.0086 39  TYR A C   
72  O  O   . TYR A 12 ? 0.1783 0.1562 0.1460 0.0129  -0.0079 -0.0096 39  TYR A O   
73  C  CB  . TYR A 12 ? 0.2017 0.1957 0.1667 0.0141  -0.0111 -0.0140 39  TYR A CB  
74  C  CG  . TYR A 12 ? 0.2497 0.2529 0.2122 0.0151  -0.0120 -0.0180 39  TYR A CG  
75  C  CD1 . TYR A 12 ? 0.2617 0.2644 0.2265 0.0160  -0.0129 -0.0250 39  TYR A CD1 
76  C  CD2 . TYR A 12 ? 0.2876 0.2994 0.2448 0.0161  -0.0115 -0.0140 39  TYR A CD2 
77  C  CE1 . TYR A 12 ? 0.2628 0.2749 0.2238 0.0189  -0.0128 -0.0298 39  TYR A CE1 
78  C  CE2 . TYR A 12 ? 0.2945 0.3184 0.2481 0.0179  -0.0115 -0.0173 39  TYR A CE2 
79  C  CZ  . TYR A 12 ? 0.3423 0.3666 0.2972 0.0199  -0.0119 -0.0260 39  TYR A CZ  
80  O  OH  . TYR A 12 ? 0.4063 0.4431 0.3563 0.0237  -0.0112 -0.0308 39  TYR A OH  
81  N  N   . VAL A 13 ? 0.1789 0.1513 0.1363 0.0143  -0.0072 -0.0051 40  VAL A N   
82  C  CA  . VAL A 13 ? 0.1726 0.1380 0.1277 0.0168  -0.0054 -0.0041 40  VAL A CA  
83  C  C   . VAL A 13 ? 0.2139 0.1867 0.1737 0.0207  -0.0047 -0.0030 40  VAL A C   
84  O  O   . VAL A 13 ? 0.2323 0.2083 0.1915 0.0230  -0.0055 -0.0007 40  VAL A O   
85  C  CB  . VAL A 13 ? 0.2213 0.1744 0.1685 0.0175  -0.0055 -0.0023 40  VAL A CB  
86  C  CG1 . VAL A 13 ? 0.2338 0.1788 0.1763 0.0223  -0.0032 -0.0034 40  VAL A CG1 
87  C  CG2 . VAL A 13 ? 0.2221 0.1705 0.1661 0.0118  -0.0072 -0.0024 40  VAL A CG2 
88  N  N   . VAL A 14 ? 0.1983 0.1760 0.1634 0.0211  -0.0034 -0.0030 41  VAL A N   
89  C  CA  A VAL A 14 ? 0.1902 0.1790 0.1619 0.0240  -0.0028 -0.0007 41  VAL A CA  
90  C  CA  B VAL A 14 ? 0.1949 0.1834 0.1661 0.0241  -0.0029 -0.0007 41  VAL A CA  
91  C  C   . VAL A 14 ? 0.2544 0.2422 0.2234 0.0303  0.0012  0.0017  41  VAL A C   
92  O  O   . VAL A 14 ? 0.2729 0.2680 0.2445 0.0359  0.0024  0.0045  41  VAL A O   
93  C  CB  A VAL A 14 ? 0.2246 0.2232 0.2066 0.0190  -0.0048 -0.0012 41  VAL A CB  
94  C  CB  B VAL A 14 ? 0.2396 0.2382 0.2212 0.0191  -0.0053 -0.0016 41  VAL A CB  
95  C  CG1 A VAL A 14 ? 0.2429 0.2445 0.2269 0.0153  -0.0092 -0.0051 41  VAL A CG1 
96  C  CG1 B VAL A 14 ? 0.2264 0.2399 0.2162 0.0206  -0.0057 0.0018  41  VAL A CG1 
97  C  CG2 A VAL A 14 ? 0.2022 0.1964 0.1859 0.0157  -0.0037 -0.0009 41  VAL A CG2 
98  C  CG2 B VAL A 14 ? 0.2445 0.2424 0.2256 0.0154  -0.0091 -0.0061 41  VAL A CG2 
99  N  N   . LEU A 15 ? 0.2266 0.2066 0.1895 0.0305  0.0035  0.0004  42  LEU A N   
100 C  CA  A LEU A 15 ? 0.2301 0.2077 0.1868 0.0379  0.0078  0.0005  42  LEU A CA  
101 C  CA  B LEU A 15 ? 0.2492 0.2273 0.2062 0.0378  0.0079  0.0006  42  LEU A CA  
102 C  C   . LEU A 15 ? 0.2861 0.2467 0.2299 0.0375  0.0074  -0.0038 42  LEU A C   
103 O  O   . LEU A 15 ? 0.2572 0.2143 0.1999 0.0309  0.0050  -0.0049 42  LEU A O   
104 C  CB  A LEU A 15 ? 0.2297 0.2215 0.1923 0.0380  0.0111  0.0037  42  LEU A CB  
105 C  CB  B LEU A 15 ? 0.2638 0.2556 0.2268 0.0370  0.0109  0.0038  42  LEU A CB  
106 C  CG  A LEU A 15 ? 0.2668 0.2773 0.2438 0.0368  0.0110  0.0088  42  LEU A CG  
107 C  CG  B LEU A 15 ? 0.3438 0.3550 0.3166 0.0416  0.0141  0.0090  42  LEU A CG  
108 C  CD1 A LEU A 15 ? 0.2773 0.2996 0.2621 0.0320  0.0126  0.0136  42  LEU A CD1 
109 C  CD1 B LEU A 15 ? 0.3573 0.3754 0.3376 0.0433  0.0117  0.0106  42  LEU A CD1 
110 C  CD2 A LEU A 15 ? 0.3273 0.3471 0.3058 0.0467  0.0143  0.0112  42  LEU A CD2 
111 C  CD2 B LEU A 15 ? 0.3833 0.4084 0.3675 0.0343  0.0141  0.0143  42  LEU A CD2 
112 N  N   . LYS A 16 ? 0.2562 0.2059 0.1907 0.0448  0.0091  -0.0064 43  LYS A N   
113 C  CA  . LYS A 16 ? 0.2575 0.1893 0.1789 0.0432  0.0074  -0.0116 43  LYS A CA  
114 C  C   . LYS A 16 ? 0.3410 0.2654 0.2520 0.0535  0.0111  -0.0160 43  LYS A C   
115 O  O   . LYS A 16 ? 0.3769 0.3002 0.2895 0.0623  0.0133  -0.0150 43  LYS A O   
116 C  CB  . LYS A 16 ? 0.2908 0.2081 0.2102 0.0388  0.0029  -0.0116 43  LYS A CB  
117 C  CG  . LYS A 16 ? 0.3067 0.2068 0.2148 0.0334  -0.0008 -0.0162 43  LYS A CG  
118 C  CD  . LYS A 16 ? 0.4032 0.2816 0.3002 0.0396  -0.0012 -0.0210 43  LYS A CD  
119 C  CE  . LYS A 16 ? 0.4212 0.2820 0.3068 0.0327  -0.0061 -0.0267 43  LYS A CE  
120 N  NZ  . LYS A 16 ? 0.4206 0.2551 0.2960 0.0374  -0.0081 -0.0316 43  LYS A NZ  
121 N  N   . ASP A 17 ? 0.3287 0.2504 0.2293 0.0535  0.0119  -0.0207 44  ASP A N   
122 C  CA  . ASP A 17 ? 0.3335 0.2461 0.2202 0.0638  0.0152  -0.0276 44  ASP A CA  
123 C  C   . ASP A 17 ? 0.3770 0.2709 0.2493 0.0579  0.0100  -0.0352 44  ASP A C   
124 O  O   . ASP A 17 ? 0.3503 0.2410 0.2262 0.0466  0.0048  -0.0330 44  ASP A O   
125 C  CB  . ASP A 17 ? 0.3526 0.2872 0.2404 0.0710  0.0220  -0.0254 44  ASP A CB  
126 C  CG  . ASP A 17 ? 0.4366 0.3847 0.3233 0.0644  0.0223  -0.0229 44  ASP A CG  
127 O  OD1 . ASP A 17 ? 0.4198 0.3573 0.2980 0.0571  0.0175  -0.0267 44  ASP A OD1 
128 O  OD2 . ASP A 17 ? 0.5503 0.5206 0.4444 0.0669  0.0273  -0.0165 44  ASP A OD2 
129 N  N   . ASN A 18 ? 0.3975 0.2799 0.2532 0.0653  0.0113  -0.0443 45  ASN A N   
130 C  CA  A ASN A 18 ? 0.4055 0.2683 0.2466 0.0583  0.0048  -0.0526 45  ASN A CA  
131 C  CA  B ASN A 18 ? 0.4078 0.2710 0.2479 0.0592  0.0052  -0.0532 45  ASN A CA  
132 C  C   . ASN A 18 ? 0.4304 0.3074 0.2709 0.0482  0.0021  -0.0503 45  ASN A C   
133 O  O   . ASN A 18 ? 0.4577 0.3235 0.2931 0.0383  -0.0049 -0.0533 45  ASN A O   
134 C  CB  A ASN A 18 ? 0.4735 0.3200 0.2946 0.0692  0.0063  -0.0652 45  ASN A CB  
135 C  CB  B ASN A 18 ? 0.4694 0.3215 0.2898 0.0714  0.0081  -0.0651 45  ASN A CB  
136 C  CG  A ASN A 18 ? 0.6528 0.4793 0.4733 0.0800  0.0077  -0.0682 45  ASN A CG  
137 C  CG  B ASN A 18 ? 0.7517 0.5792 0.5538 0.0657  0.0005  -0.0768 45  ASN A CG  
138 O  OD1 A ASN A 18 ? 0.6155 0.4233 0.4411 0.0744  0.0026  -0.0658 45  ASN A OD1 
139 O  OD1 B ASN A 18 ? 0.6186 0.4539 0.4109 0.0604  -0.0020 -0.0804 45  ASN A OD1 
140 N  ND2 A ASN A 18 ? 0.5053 0.3382 0.3213 0.0962  0.0152  -0.0714 45  ASN A ND2 
141 N  ND2 B ASN A 18 ? 0.6819 0.4790 0.4790 0.0665  -0.0040 -0.0827 45  ASN A ND2 
142 N  N   . GLU A 19 ? 0.3435 0.2454 0.1905 0.0501  0.0071  -0.0439 46  GLU A N   
143 C  CA  . GLU A 19 ? 0.3285 0.2431 0.1749 0.0417  0.0044  -0.0404 46  GLU A CA  
144 C  C   . GLU A 19 ? 0.3265 0.2525 0.1910 0.0330  0.0027  -0.0303 46  GLU A C   
145 O  O   . GLU A 19 ? 0.3232 0.2539 0.1878 0.0255  -0.0015 -0.0280 46  GLU A O   
146 C  CB  . GLU A 19 ? 0.3434 0.2782 0.1842 0.0488  0.0108  -0.0383 46  GLU A CB  
147 C  CG  . GLU A 19 ? 0.4155 0.3429 0.2345 0.0588  0.0131  -0.0498 46  GLU A CG  
148 C  CD  . GLU A 19 ? 0.6844 0.5923 0.4855 0.0534  0.0051  -0.0611 46  GLU A CD  
149 O  OE1 . GLU A 19 ? 0.4947 0.4047 0.2992 0.0415  -0.0014 -0.0575 46  GLU A OE1 
150 O  OE2 . GLU A 19 ? 0.6056 0.4954 0.3896 0.0610  0.0049  -0.0737 46  GLU A OE2 
151 N  N   . ARG A 20 ? 0.2948 0.2260 0.1739 0.0345  0.0054  -0.0247 47  ARG A N   
152 C  CA  A ARG A 20 ? 0.2763 0.2175 0.1712 0.0276  0.0039  -0.0169 47  ARG A CA  
153 C  CA  B ARG A 20 ? 0.2734 0.2143 0.1681 0.0275  0.0038  -0.0170 47  ARG A CA  
154 C  C   . ARG A 20 ? 0.2977 0.2372 0.2042 0.0279  0.0041  -0.0147 47  ARG A C   
155 O  O   . ARG A 20 ? 0.2913 0.2275 0.1969 0.0346  0.0068  -0.0163 47  ARG A O   
156 C  CB  A ARG A 20 ? 0.2947 0.2545 0.1965 0.0287  0.0078  -0.0096 47  ARG A CB  
157 C  CB  B ARG A 20 ? 0.2815 0.2409 0.1832 0.0282  0.0074  -0.0097 47  ARG A CB  
158 C  CG  A ARG A 20 ? 0.3797 0.3503 0.2872 0.0358  0.0139  -0.0066 47  ARG A CG  
159 C  CG  B ARG A 20 ? 0.3739 0.3445 0.2796 0.0357  0.0137  -0.0069 47  ARG A CG  
160 C  CD  A ARG A 20 ? 0.4275 0.4051 0.3531 0.0324  0.0136  -0.0007 47  ARG A CD  
161 C  CD  B ARG A 20 ? 0.4654 0.4425 0.3886 0.0338  0.0142  -0.0016 47  ARG A CD  
162 N  NE  A ARG A 20 ? 0.3271 0.3174 0.2598 0.0382  0.0184  0.0027  47  ARG A NE  
163 N  NE  B ARG A 20 ? 0.5141 0.5067 0.4434 0.0394  0.0197  0.0030  47  ARG A NE  
164 C  CZ  A ARG A 20 ? 0.4340 0.4220 0.3671 0.0444  0.0199  0.0002  47  ARG A CZ  
165 C  CZ  B ARG A 20 ? 0.6098 0.6193 0.5455 0.0380  0.0227  0.0109  47  ARG A CZ  
166 N  NH1 A ARG A 20 ? 0.2881 0.2588 0.2144 0.0456  0.0170  -0.0059 47  ARG A NH1 
167 N  NH1 B ARG A 20 ? 0.4448 0.4557 0.3806 0.0319  0.0206  0.0151  47  ARG A NH1 
168 N  NH2 A ARG A 20 ? 0.4091 0.4134 0.3507 0.0494  0.0242  0.0049  47  ARG A NH2 
169 N  NH2 B ARG A 20 ? 0.3511 0.3776 0.2938 0.0426  0.0278  0.0162  47  ARG A NH2 
170 N  N   . ALA A 21 ? 0.2460 0.1900 0.1636 0.0218  0.0015  -0.0108 48  ALA A N   
171 C  CA  . ALA A 21 ? 0.2274 0.1737 0.1555 0.0218  0.0015  -0.0086 48  ALA A CA  
172 C  C   . ALA A 21 ? 0.2343 0.1927 0.1746 0.0189  0.0019  -0.0041 48  ALA A C   
173 O  O   . ALA A 21 ? 0.2332 0.1943 0.1748 0.0156  0.0005  -0.0022 48  ALA A O   
174 C  CB  . ALA A 21 ? 0.2449 0.1827 0.1725 0.0176  -0.0023 -0.0098 48  ALA A CB  
175 N  N   . ILE A 22 ? 0.2086 0.1738 0.1581 0.0202  0.0028  -0.0023 49  ILE A N   
176 C  CA  . ILE A 22 ? 0.2116 0.1846 0.1731 0.0165  0.0017  0.0006  49  ILE A CA  
177 C  C   . ILE A 22 ? 0.2190 0.1897 0.1841 0.0143  -0.0014 -0.0022 49  ILE A C   
178 O  O   . ILE A 22 ? 0.2179 0.1892 0.1820 0.0165  -0.0016 -0.0033 49  ILE A O   
179 C  CB  . ILE A 22 ? 0.2542 0.2385 0.2239 0.0179  0.0041  0.0044  49  ILE A CB  
180 C  CG1 . ILE A 22 ? 0.2849 0.2748 0.2494 0.0215  0.0085  0.0078  49  ILE A CG1 
181 C  CG2 . ILE A 22 ? 0.2546 0.2434 0.2375 0.0120  0.0012  0.0068  49  ILE A CG2 
182 C  CD1 . ILE A 22 ? 0.4854 0.4904 0.4600 0.0205  0.0111  0.0148  49  ILE A CD1 
183 N  N   . LEU A 23 ? 0.1876 0.1569 0.1563 0.0111  -0.0037 -0.0028 50  LEU A N   
184 C  CA  . LEU A 23 ? 0.1792 0.1489 0.1503 0.0104  -0.0061 -0.0063 50  LEU A CA  
185 C  C   . LEU A 23 ? 0.2238 0.1956 0.2039 0.0088  -0.0080 -0.0080 50  LEU A C   
186 O  O   . LEU A 23 ? 0.2195 0.1892 0.2051 0.0072  -0.0084 -0.0057 50  LEU A O   
187 C  CB  . LEU A 23 ? 0.1853 0.1526 0.1536 0.0094  -0.0071 -0.0068 50  LEU A CB  
188 C  CG  . LEU A 23 ? 0.2639 0.2275 0.2238 0.0085  -0.0069 -0.0054 50  LEU A CG  
189 C  CD1 . LEU A 23 ? 0.2748 0.2412 0.2352 0.0065  -0.0086 -0.0049 50  LEU A CD1 
190 C  CD2 . LEU A 23 ? 0.2788 0.2386 0.2329 0.0094  -0.0064 -0.0059 50  LEU A CD2 
191 N  N   . ILE A 24 ? 0.2163 0.1918 0.1976 0.0091  -0.0097 -0.0120 51  ILE A N   
192 C  CA  . ILE A 24 ? 0.2227 0.1981 0.2106 0.0074  -0.0130 -0.0165 51  ILE A CA  
193 C  C   . ILE A 24 ? 0.2588 0.2322 0.2441 0.0098  -0.0137 -0.0215 51  ILE A C   
194 O  O   . ILE A 24 ? 0.2451 0.2238 0.2242 0.0119  -0.0127 -0.0222 51  ILE A O   
195 C  CB  . ILE A 24 ? 0.2436 0.2268 0.2332 0.0063  -0.0151 -0.0185 51  ILE A CB  
196 C  CG1 . ILE A 24 ? 0.2412 0.2298 0.2358 0.0049  -0.0138 -0.0125 51  ILE A CG1 
197 C  CG2 . ILE A 24 ? 0.2827 0.2645 0.2766 0.0041  -0.0198 -0.0261 51  ILE A CG2 
198 C  CD1 . ILE A 24 ? 0.3821 0.3681 0.3847 0.0013  -0.0135 -0.0082 51  ILE A CD1 
199 N  N   . THR A 25 ? 0.2256 0.1922 0.2161 0.0101  -0.0154 -0.0243 52  THR A N   
200 C  CA  . THR A 25 ? 0.2634 0.2289 0.2524 0.0146  -0.0154 -0.0292 52  THR A CA  
201 C  C   . THR A 25 ? 0.4256 0.3869 0.4162 0.0165  -0.0187 -0.0390 52  THR A C   
202 O  O   . THR A 25 ? 0.4543 0.4109 0.4460 0.0216  -0.0187 -0.0434 52  THR A O   
203 C  CB  . THR A 25 ? 0.3293 0.2893 0.3224 0.0159  -0.0145 -0.0243 52  THR A CB  
204 O  OG1 . THR A 25 ? 0.3127 0.2623 0.3137 0.0132  -0.0168 -0.0229 52  THR A OG1 
205 C  CG2 . THR A 25 ? 0.2752 0.2392 0.2643 0.0141  -0.0121 -0.0165 52  THR A CG2 
206 N  N   . ASP A 26 ? 0.4370 0.4007 0.4272 0.0132  -0.0216 -0.0431 53  ASP A N   
207 C  CA  . ASP A 26 ? 0.4817 0.4421 0.4706 0.0144  -0.0257 -0.0546 53  ASP A CA  
208 C  C   . ASP A 26 ? 0.5947 0.5677 0.5733 0.0210  -0.0233 -0.0597 53  ASP A C   
209 O  O   . ASP A 26 ? 0.5926 0.5763 0.5674 0.0219  -0.0194 -0.0526 53  ASP A O   
210 C  CB  . ASP A 26 ? 0.5164 0.4793 0.5083 0.0075  -0.0306 -0.0563 53  ASP A CB  
211 N  N   . THR A 27 ? 0.6142 0.5861 0.5880 0.0255  -0.0256 -0.0718 54  THR A N   
212 C  CA  . THR A 27 ? 0.6285 0.6160 0.5923 0.0324  -0.0226 -0.0761 54  THR A CA  
213 C  C   . THR A 27 ? 0.6901 0.6942 0.6476 0.0293  -0.0225 -0.0716 54  THR A C   
214 O  O   . THR A 27 ? 0.7072 0.7245 0.6607 0.0311  -0.0182 -0.0641 54  THR A O   
215 C  CB  . THR A 27 ? 0.7971 0.7802 0.7550 0.0387  -0.0254 -0.0920 54  THR A CB  
216 O  OG1 . THR A 27 ? 0.8274 0.8026 0.7859 0.0322  -0.0326 -0.0994 54  THR A OG1 
217 C  CG2 . THR A 27 ? 0.8025 0.7707 0.7656 0.0457  -0.0243 -0.0964 54  THR A CG2 
218 N  N   . LYS A 28 ? 0.6264 0.6302 0.5838 0.0242  -0.0279 -0.0754 55  LYS A N   
219 C  CA  . LYS A 28 ? 0.6016 0.6217 0.5539 0.0221  -0.0286 -0.0705 55  LYS A CA  
220 C  C   . LYS A 28 ? 0.5826 0.6021 0.5413 0.0179  -0.0263 -0.0568 55  LYS A C   
221 O  O   . LYS A 28 ? 0.5740 0.5815 0.5413 0.0145  -0.0263 -0.0536 55  LYS A O   
222 C  CB  . LYS A 28 ? 0.6405 0.6637 0.5910 0.0182  -0.0359 -0.0796 55  LYS A CB  
223 C  CG  . LYS A 28 ? 0.8178 0.8306 0.7800 0.0098  -0.0408 -0.0779 55  LYS A CG  
224 C  CD  . LYS A 28 ? 0.9618 0.9729 0.9233 0.0050  -0.0497 -0.0905 55  LYS A CD  
225 C  CE  . LYS A 28 ? 1.0895 1.1091 1.0596 -0.0037 -0.0549 -0.0847 55  LYS A CE  
226 N  NZ  . LYS A 28 ? 1.2403 1.2488 1.2170 -0.0123 -0.0638 -0.0941 55  LYS A NZ  
227 N  N   . ALA A 29 ? 0.4926 0.5245 0.4466 0.0190  -0.0241 -0.0486 56  ALA A N   
228 C  CA  . ALA A 29 ? 0.4683 0.4982 0.4265 0.0168  -0.0221 -0.0373 56  ALA A CA  
229 C  C   . ALA A 29 ? 0.4772 0.5075 0.4422 0.0131  -0.0260 -0.0368 56  ALA A C   
230 O  O   . ALA A 29 ? 0.4924 0.5308 0.4564 0.0115  -0.0309 -0.0428 56  ALA A O   
231 C  CB  . ALA A 29 ? 0.4738 0.5149 0.4257 0.0190  -0.0200 -0.0289 56  ALA A CB  
232 N  N   . PRO A 30 ? 0.3655 0.3895 0.3373 0.0115  -0.0240 -0.0297 57  PRO A N   
233 C  CA  . PRO A 30 ? 0.3334 0.3635 0.3130 0.0086  -0.0270 -0.0274 57  PRO A CA  
234 C  C   . PRO A 30 ? 0.3340 0.3807 0.3109 0.0102  -0.0298 -0.0247 57  PRO A C   
235 O  O   . PRO A 30 ? 0.3173 0.3684 0.2868 0.0145  -0.0276 -0.0199 57  PRO A O   
236 C  CB  . PRO A 30 ? 0.3422 0.3664 0.3259 0.0100  -0.0224 -0.0191 57  PRO A CB  
237 C  CG  . PRO A 30 ? 0.4094 0.4210 0.3887 0.0112  -0.0187 -0.0194 57  PRO A CG  
238 C  CD  . PRO A 30 ? 0.3708 0.3850 0.3426 0.0129  -0.0192 -0.0235 57  PRO A CD  
239 N  N   . GLY A 31 ? 0.2764 0.3332 0.2600 0.0062  -0.0350 -0.0263 58  GLY A N   
240 C  CA  . GLY A 31 ? 0.2619 0.3372 0.2443 0.0077  -0.0385 -0.0227 58  GLY A CA  
241 C  C   . GLY A 31 ? 0.2767 0.3563 0.2633 0.0130  -0.0345 -0.0107 58  GLY A C   
242 O  O   . GLY A 31 ? 0.2596 0.3297 0.2514 0.0139  -0.0300 -0.0072 58  GLY A O   
243 N  N   . LYS A 32 ? 0.2226 0.3164 0.2067 0.0174  -0.0358 -0.0043 59  LYS A N   
244 C  CA  . LYS A 32 ? 0.2283 0.3244 0.2163 0.0245  -0.0321 0.0069  59  LYS A CA  
245 C  C   . LYS A 32 ? 0.2752 0.3757 0.2760 0.0241  -0.0308 0.0100  59  LYS A C   
246 O  O   . LYS A 32 ? 0.2872 0.3798 0.2894 0.0305  -0.0251 0.0154  59  LYS A O   
247 C  CB  . LYS A 32 ? 0.2554 0.3699 0.2412 0.0291  -0.0353 0.0142  59  LYS A CB  
248 C  CG  . LYS A 32 ? 0.4330 0.5459 0.4217 0.0388  -0.0312 0.0262  59  LYS A CG  
249 C  CD  . LYS A 32 ? 0.5871 0.7139 0.5715 0.0441  -0.0340 0.0353  59  LYS A CD  
250 C  CE  . LYS A 32 ? 0.7937 0.9248 0.7853 0.0546  -0.0320 0.0470  59  LYS A CE  
251 N  NZ  . LYS A 32 ? 0.8910 1.0385 0.8801 0.0598  -0.0358 0.0575  59  LYS A NZ  
252 N  N   . GLU A 33 ? 0.2149 0.3284 0.2247 0.0169  -0.0362 0.0065  60  GLU A N   
253 C  CA  . GLU A 33 ? 0.1987 0.3221 0.2228 0.0157  -0.0349 0.0117  60  GLU A CA  
254 C  C   . GLU A 33 ? 0.2376 0.3449 0.2641 0.0123  -0.0305 0.0093  60  GLU A C   
255 O  O   . GLU A 33 ? 0.2389 0.3530 0.2745 0.0139  -0.0267 0.0155  60  GLU A O   
256 C  CB  . GLU A 33 ? 0.2264 0.3716 0.2617 0.0071  -0.0431 0.0109  60  GLU A CB  
257 C  CG  . GLU A 33 ? 0.2838 0.4510 0.3190 0.0120  -0.0472 0.0165  60  GLU A CG  
258 C  CD  . GLU A 33 ? 0.4774 0.6697 0.5233 0.0030  -0.0568 0.0159  60  GLU A CD  
259 O  OE1 . GLU A 33 ? 0.3591 0.5504 0.4141 -0.0083 -0.0607 0.0110  60  GLU A OE1 
260 O  OE2 . GLU A 33 ? 0.3836 0.5971 0.4297 0.0069  -0.0610 0.0210  60  GLU A OE2 
261 N  N   . ASP A 34 ? 0.1924 0.2799 0.2102 0.0094  -0.0298 0.0019  61  ASP A N   
262 C  CA  . ASP A 34 ? 0.1993 0.2718 0.2186 0.0073  -0.0255 0.0012  61  ASP A CA  
263 C  C   . ASP A 34 ? 0.2544 0.3211 0.2694 0.0164  -0.0178 0.0072  61  ASP A C   
264 O  O   . ASP A 34 ? 0.2327 0.2941 0.2500 0.0160  -0.0138 0.0090  61  ASP A O   
265 C  CB  . ASP A 34 ? 0.2310 0.2856 0.2426 0.0038  -0.0267 -0.0073 61  ASP A CB  
266 C  CG  . ASP A 34 ? 0.2955 0.3517 0.3105 -0.0044 -0.0344 -0.0156 61  ASP A CG  
267 O  OD1 . ASP A 34 ? 0.2868 0.3538 0.3129 -0.0109 -0.0388 -0.0140 61  ASP A OD1 
268 O  OD2 . ASP A 34 ? 0.3495 0.3973 0.3557 -0.0041 -0.0361 -0.0237 61  ASP A OD2 
269 N  N   . TYR A 35 ? 0.2190 0.2863 0.2275 0.0246  -0.0161 0.0104  62  TYR A N   
270 C  CA  . TYR A 35 ? 0.2398 0.2980 0.2430 0.0337  -0.0098 0.0143  62  TYR A CA  
271 C  C   . TYR A 35 ? 0.2919 0.3658 0.3039 0.0404  -0.0065 0.0210  62  TYR A C   
272 O  O   . TYR A 35 ? 0.3104 0.3771 0.3177 0.0498  -0.0011 0.0230  62  TYR A O   
273 C  CB  . TYR A 35 ? 0.2607 0.3093 0.2538 0.0392  -0.0099 0.0155  62  TYR A CB  
274 C  CG  . TYR A 35 ? 0.2683 0.3036 0.2530 0.0336  -0.0114 0.0102  62  TYR A CG  
275 C  CD1 . TYR A 35 ? 0.2839 0.3015 0.2621 0.0328  -0.0083 0.0076  62  TYR A CD1 
276 C  CD2 . TYR A 35 ? 0.2715 0.3144 0.2547 0.0290  -0.0161 0.0073  62  TYR A CD2 
277 C  CE1 . TYR A 35 ? 0.2935 0.3031 0.2662 0.0278  -0.0096 0.0037  62  TYR A CE1 
278 C  CE2 . TYR A 35 ? 0.2711 0.3055 0.2477 0.0250  -0.0166 0.0023  62  TYR A CE2 
279 C  CZ  . TYR A 35 ? 0.3613 0.3797 0.3334 0.0246  -0.0132 0.0013  62  TYR A CZ  
280 O  OH  . TYR A 35 ? 0.3701 0.3836 0.3375 0.0213  -0.0134 -0.0024 62  TYR A OH  
281 N  N   . ASN A 36 ? 0.2417 0.3379 0.2671 0.0359  -0.0097 0.0242  63  ASN A N   
282 C  CA  . ASN A 36 ? 0.2473 0.3626 0.2831 0.0422  -0.0056 0.0316  63  ASN A CA  
283 C  C   . ASN A 36 ? 0.2796 0.4021 0.3248 0.0339  -0.0044 0.0329  63  ASN A C   
284 O  O   . ASN A 36 ? 0.3084 0.4514 0.3643 0.0369  -0.0011 0.0401  63  ASN A O   
285 C  CB  . ASN A 36 ? 0.2885 0.4288 0.3342 0.0449  -0.0096 0.0378  63  ASN A CB  
286 C  CG  . ASN A 36 ? 0.3975 0.5534 0.4529 0.0318  -0.0185 0.0362  63  ASN A CG  
287 O  OD1 . ASN A 36 ? 0.3104 0.4677 0.3731 0.0207  -0.0206 0.0344  63  ASN A OD1 
288 N  ND2 . ASN A 36 ? 0.2997 0.4693 0.3562 0.0327  -0.0244 0.0379  63  ASN A ND2 
289 N  N   . LEU A 37 ? 0.2371 0.3437 0.2788 0.0240  -0.0069 0.0272  64  LEU A N   
290 C  CA  . LEU A 37 ? 0.2210 0.3322 0.2720 0.0156  -0.0063 0.0302  64  LEU A CA  
291 C  C   . LEU A 37 ? 0.2769 0.3819 0.3212 0.0224  0.0019  0.0325  64  LEU A C   
292 O  O   . LEU A 37 ? 0.2632 0.3499 0.2930 0.0295  0.0051  0.0278  64  LEU A O   
293 C  CB  . LEU A 37 ? 0.2102 0.3052 0.2602 0.0040  -0.0123 0.0235  64  LEU A CB  
294 C  CG  . LEU A 37 ? 0.2443 0.3443 0.2995 -0.0040 -0.0215 0.0188  64  LEU A CG  
295 C  CD1 . LEU A 37 ? 0.2315 0.3113 0.2827 -0.0119 -0.0262 0.0100  64  LEU A CD1 
296 C  CD2 . LEU A 37 ? 0.2890 0.4134 0.3621 -0.0117 -0.0255 0.0256  64  LEU A CD2 
297 N  N   . SER A 38 ? 0.2680 0.3888 0.3228 0.0192  0.0050  0.0401  65  SER A N   
298 C  CA  . SER A 38 ? 0.2755 0.3932 0.3229 0.0251  0.0127  0.0425  65  SER A CA  
299 C  C   . SER A 38 ? 0.3125 0.4084 0.3527 0.0180  0.0107  0.0383  65  SER A C   
300 O  O   . SER A 38 ? 0.2992 0.3855 0.3437 0.0081  0.0040  0.0350  65  SER A O   
301 C  CB  . SER A 38 ? 0.3014 0.4468 0.3629 0.0234  0.0170  0.0538  65  SER A CB  
302 O  OG  . SER A 38 ? 0.3328 0.4809 0.4076 0.0079  0.0114  0.0585  65  SER A OG  
303 N  N   . GLU A 39 ? 0.2777 0.3672 0.3071 0.0233  0.0164  0.0383  66  GLU A N   
304 C  CA  . GLU A 39 ? 0.2824 0.3550 0.3061 0.0172  0.0147  0.0365  66  GLU A CA  
305 C  C   . GLU A 39 ? 0.3073 0.3865 0.3465 0.0048  0.0111  0.0439  66  GLU A C   
306 O  O   . GLU A 39 ? 0.2931 0.3562 0.3334 -0.0021 0.0056  0.0404  66  GLU A O   
307 C  CB  . GLU A 39 ? 0.3142 0.3842 0.3242 0.0246  0.0210  0.0365  66  GLU A CB  
308 C  CG  . GLU A 39 ? 0.3850 0.4401 0.3898 0.0186  0.0185  0.0358  66  GLU A CG  
309 C  CD  . GLU A 39 ? 0.5676 0.6177 0.5560 0.0251  0.0227  0.0334  66  GLU A CD  
310 O  OE1 . GLU A 39 ? 0.5131 0.5629 0.4902 0.0349  0.0266  0.0285  66  GLU A OE1 
311 O  OE2 . GLU A 39 ? 0.4020 0.4463 0.3878 0.0206  0.0213  0.0358  66  GLU A OE2 
312 N  N   . GLY A 40 ? 0.2889 0.3918 0.3412 0.0025  0.0138  0.0544  67  GLY A N   
313 C  CA  . GLY A 40 ? 0.2897 0.3988 0.3588 -0.0108 0.0096  0.0632  67  GLY A CA  
314 C  C   . GLY A 40 ? 0.3210 0.4206 0.3993 -0.0207 0.0001  0.0577  67  GLY A C   
315 O  O   . GLY A 40 ? 0.3311 0.4168 0.4157 -0.0306 -0.0056 0.0579  67  GLY A O   
316 N  N   . GLN A 41 ? 0.2536 0.3604 0.3321 -0.0171 -0.0020 0.0523  68  GLN A N   
317 C  CA  . GLN A 41 ? 0.2416 0.3421 0.3262 -0.0254 -0.0114 0.0455  68  GLN A CA  
318 C  C   . GLN A 41 ? 0.2808 0.3535 0.3527 -0.0246 -0.0149 0.0337  68  GLN A C   
319 O  O   . GLN A 41 ? 0.2741 0.3350 0.3504 -0.0333 -0.0225 0.0282  68  GLN A O   
320 C  CB  . GLN A 41 ? 0.2469 0.3648 0.3331 -0.0203 -0.0125 0.0439  68  GLN A CB  
321 C  CG  . GLN A 41 ? 0.2346 0.3843 0.3388 -0.0239 -0.0116 0.0557  68  GLN A CG  
322 C  CD  . GLN A 41 ? 0.4118 0.5806 0.5173 -0.0161 -0.0119 0.0555  68  GLN A CD  
323 O  OE1 . GLN A 41 ? 0.2836 0.4476 0.3760 -0.0022 -0.0067 0.0519  68  GLN A OE1 
324 N  NE2 . GLN A 41 ? 0.3245 0.5148 0.4463 -0.0251 -0.0186 0.0598  68  GLN A NE2 
325 N  N   . LEU A 42 ? 0.2539 0.3164 0.3100 -0.0140 -0.0098 0.0291  69  LEU A N   
326 C  CA  . LEU A 42 ? 0.2491 0.2891 0.2940 -0.0129 -0.0122 0.0196  69  LEU A CA  
327 C  C   . LEU A 42 ? 0.2967 0.3234 0.3453 -0.0188 -0.0137 0.0217  69  LEU A C   
328 O  O   . LEU A 42 ? 0.2944 0.3058 0.3422 -0.0219 -0.0187 0.0145  69  LEU A O   
329 C  CB  . LEU A 42 ? 0.2401 0.2732 0.2694 -0.0025 -0.0068 0.0167  69  LEU A CB  
330 C  CG  . LEU A 42 ? 0.2799 0.3186 0.3032 0.0045  -0.0060 0.0138  69  LEU A CG  
331 C  CD1 . LEU A 42 ? 0.2824 0.3137 0.2926 0.0133  -0.0006 0.0130  69  LEU A CD1 
332 C  CD2 . LEU A 42 ? 0.2522 0.2848 0.2726 0.0025  -0.0117 0.0059  69  LEU A CD2 
333 N  N   . MSE A 43 ? 0.2855 0.3190 0.3374 -0.0193 -0.0090 0.0320  70  MSE A N   
334 C  CA  A MSE A 43 ? 0.2885 0.3106 0.3449 -0.0246 -0.0102 0.0371  70  MSE A CA  
335 C  CA  B MSE A 43 ? 0.3173 0.3399 0.3739 -0.0246 -0.0102 0.0374  70  MSE A CA  
336 C  C   . MSE A 43 ? 0.3817 0.3966 0.4525 -0.0359 -0.0181 0.0371  70  MSE A C   
337 O  O   . MSE A 43 ? 0.4069 0.4024 0.4786 -0.0384 -0.0220 0.0342  70  MSE A O   
338 C  CB  A MSE A 43 ? 0.2933 0.3294 0.3514 -0.0239 -0.0040 0.0500  70  MSE A CB  
339 C  CB  B MSE A 43 ? 0.3540 0.3911 0.4128 -0.0242 -0.0039 0.0506  70  MSE A CB  
340 C  CG  A MSE A 43 ? 0.3304 0.3694 0.3719 -0.0129 0.0028  0.0481  70  MSE A CG  
341 C  CG  B MSE A 43 ? 0.4519 0.4804 0.4987 -0.0187 -0.0004 0.0518  70  MSE A CG  
342 SE SE  A MSE A 43 ? 0.3659 0.3821 0.3933 -0.0092 0.0014  0.0414  70  MSE A SE  
343 SE SE  B MSE A 43 ? 0.5755 0.5779 0.6264 -0.0238 -0.0070 0.0505  70  MSE A SE  
344 C  CE  A MSE A 43 ? 0.3278 0.3446 0.3363 0.0018  0.0059  0.0325  70  MSE A CE  
345 C  CE  B MSE A 43 ? 0.5422 0.5534 0.6068 -0.0319 -0.0058 0.0703  70  MSE A CE  
346 N  N   . ASN A 44 ? 0.3652 0.3953 0.4473 -0.0423 -0.0209 0.0398  71  ASN A N   
347 C  CA  . ASN A 44 ? 0.3822 0.4054 0.4783 -0.0548 -0.0300 0.0387  71  ASN A CA  
348 C  C   . ASN A 44 ? 0.4185 0.4250 0.5075 -0.0540 -0.0367 0.0223  71  ASN A C   
349 O  O   . ASN A 44 ? 0.4566 0.4414 0.5476 -0.0584 -0.0425 0.0166  71  ASN A O   
350 C  CB  . ASN A 44 ? 0.4131 0.4620 0.5238 -0.0625 -0.0316 0.0469  71  ASN A CB  
351 C  CG  . ASN A 44 ? 0.8181 0.8607 0.9442 -0.0777 -0.0421 0.0461  71  ASN A CG  
352 O  OD1 . ASN A 44 ? 0.7509 0.7790 0.8860 -0.0863 -0.0453 0.0521  71  ASN A OD1 
353 N  ND2 . ASN A 44 ? 0.7385 0.7903 0.8673 -0.0815 -0.0485 0.0387  71  ASN A ND2 
354 N  N   . LYS A 45 ? 0.3191 0.3354 0.3989 -0.0474 -0.0358 0.0150  72  LYS A N   
355 C  CA  . LYS A 45 ? 0.3039 0.3099 0.3758 -0.0462 -0.0417 0.0004  72  LYS A CA  
356 C  C   . LYS A 45 ? 0.3774 0.3619 0.4373 -0.0391 -0.0403 -0.0081 72  LYS A C   
357 O  O   . LYS A 45 ? 0.3950 0.3650 0.4528 -0.0408 -0.0463 -0.0192 72  LYS A O   
358 C  CB  . LYS A 45 ? 0.3077 0.3318 0.3724 -0.0397 -0.0398 -0.0020 72  LYS A CB  
359 C  CG  . LYS A 45 ? 0.3771 0.3963 0.4324 -0.0380 -0.0453 -0.0155 72  LYS A CG  
360 C  CD  . LYS A 45 ? 0.4137 0.4545 0.4668 -0.0350 -0.0460 -0.0148 72  LYS A CD  
361 C  CE  . LYS A 45 ? 0.4870 0.5248 0.5295 -0.0334 -0.0515 -0.0275 72  LYS A CE  
362 N  NZ  . LYS A 45 ? 0.5441 0.6042 0.5854 -0.0316 -0.0537 -0.0258 72  LYS A NZ  
363 N  N   . PHE A 46 ? 0.3127 0.2964 0.3644 -0.0309 -0.0329 -0.0039 73  PHE A N   
364 C  CA  . PHE A 46 ? 0.3020 0.2703 0.3435 -0.0240 -0.0314 -0.0107 73  PHE A CA  
365 C  C   . PHE A 46 ? 0.3677 0.3237 0.4132 -0.0242 -0.0298 -0.0041 73  PHE A C   
366 O  O   . PHE A 46 ? 0.3551 0.3063 0.3927 -0.0174 -0.0262 -0.0045 73  PHE A O   
367 C  CB  . PHE A 46 ? 0.2927 0.2690 0.3214 -0.0151 -0.0257 -0.0113 73  PHE A CB  
368 C  CG  . PHE A 46 ? 0.2916 0.2782 0.3157 -0.0135 -0.0276 -0.0173 73  PHE A CG  
369 C  CD1 . PHE A 46 ? 0.3264 0.3080 0.3448 -0.0123 -0.0316 -0.0281 73  PHE A CD1 
370 C  CD2 . PHE A 46 ? 0.3025 0.3049 0.3272 -0.0123 -0.0253 -0.0117 73  PHE A CD2 
371 C  CE1 . PHE A 46 ? 0.3461 0.3397 0.3594 -0.0111 -0.0338 -0.0324 73  PHE A CE1 
372 C  CE2 . PHE A 46 ? 0.3384 0.3512 0.3593 -0.0105 -0.0277 -0.0156 73  PHE A CE2 
373 C  CZ  . PHE A 46 ? 0.3180 0.3269 0.3328 -0.0102 -0.0319 -0.0253 73  PHE A CZ  
374 N  N   . LYS A 47 ? 0.3503 0.3020 0.4088 -0.0327 -0.0330 0.0031  74  LYS A N   
375 C  CA  . LYS A 47 ? 0.3505 0.2907 0.4146 -0.0338 -0.0323 0.0118  74  LYS A CA  
376 C  C   . LYS A 47 ? 0.3535 0.2749 0.4113 -0.0265 -0.0335 0.0033  74  LYS A C   
377 O  O   . LYS A 47 ? 0.3399 0.2515 0.3951 -0.0250 -0.0378 -0.0095 74  LYS A O   
378 C  CB  . LYS A 47 ? 0.4010 0.3353 0.4816 -0.0459 -0.0382 0.0185  74  LYS A CB  
379 C  CG  . LYS A 47 ? 0.5708 0.4927 0.6595 -0.0484 -0.0383 0.0304  74  LYS A CG  
380 C  CD  . LYS A 47 ? 0.7576 0.6697 0.8634 -0.0619 -0.0457 0.0361  74  LYS A CD  
381 C  CE  . LYS A 47 ? 0.9346 0.8298 1.0493 -0.0644 -0.0470 0.0478  74  LYS A CE  
382 N  NZ  . LYS A 47 ? 1.1003 0.9757 1.2308 -0.0772 -0.0565 0.0492  74  LYS A NZ  
383 N  N   . ASN A 48 ? 0.3136 0.2340 0.3677 -0.0208 -0.0292 0.0101  75  ASN A N   
384 C  CA  . ASN A 48 ? 0.3115 0.2198 0.3608 -0.0124 -0.0292 0.0048  75  ASN A CA  
385 C  C   . ASN A 48 ? 0.3450 0.2593 0.3823 -0.0053 -0.0274 -0.0071 75  ASN A C   
386 O  O   . ASN A 48 ? 0.3627 0.2703 0.3968 0.0020  -0.0274 -0.0126 75  ASN A O   
387 C  CB  . ASN A 48 ? 0.3842 0.2695 0.4422 -0.0133 -0.0352 0.0009  75  ASN A CB  
388 C  CG  . ASN A 48 ? 0.6412 0.5191 0.7124 -0.0218 -0.0377 0.0144  75  ASN A CG  
389 O  OD1 . ASN A 48 ? 0.5234 0.4131 0.5961 -0.0233 -0.0336 0.0286  75  ASN A OD1 
390 N  ND2 . ASN A 48 ? 0.5683 0.4272 0.6493 -0.0281 -0.0446 0.0105  75  ASN A ND2 
391 N  N   . ASN A 49 ? 0.2464 0.1749 0.2778 -0.0067 -0.0257 -0.0096 76  ASN A N   
392 C  CA  . ASN A 49 ? 0.2505 0.1861 0.2713 -0.0008 -0.0238 -0.0178 76  ASN A CA  
393 C  C   . ASN A 49 ? 0.2581 0.2074 0.2718 -0.0001 -0.0190 -0.0120 76  ASN A C   
394 O  O   . ASN A 49 ? 0.2647 0.2217 0.2720 0.0014  -0.0182 -0.0160 76  ASN A O   
395 C  CB  . ASN A 49 ? 0.2706 0.2063 0.2900 -0.0022 -0.0278 -0.0285 76  ASN A CB  
396 C  CG  . ASN A 49 ? 0.6160 0.5366 0.6366 0.0007  -0.0318 -0.0386 76  ASN A CG  
397 O  OD1 . ASN A 49 ? 0.6463 0.5544 0.6746 -0.0046 -0.0371 -0.0412 76  ASN A OD1 
398 N  ND2 . ASN A 49 ? 0.5047 0.4260 0.5183 0.0093  -0.0293 -0.0438 76  ASN A ND2 
399 N  N   . ILE A 50 ? 0.2374 0.1890 0.2520 -0.0010 -0.0163 -0.0026 77  ILE A N   
400 C  CA  . ILE A 50 ? 0.2427 0.2043 0.2500 0.0003  -0.0122 0.0018  77  ILE A CA  
401 C  C   . ILE A 50 ? 0.2394 0.1999 0.2414 0.0029  -0.0103 0.0061  77  ILE A C   
402 O  O   . ILE A 50 ? 0.2438 0.2000 0.2515 0.0024  -0.0113 0.0113  77  ILE A O   
403 C  CB  . ILE A 50 ? 0.2998 0.2697 0.3122 -0.0033 -0.0105 0.0091  77  ILE A CB  
404 C  CG1 . ILE A 50 ? 0.3159 0.2911 0.3341 -0.0065 -0.0128 0.0060  77  ILE A CG1 
405 C  CG2 . ILE A 50 ? 0.3078 0.2861 0.3109 0.0003  -0.0056 0.0129  77  ILE A CG2 
406 C  CD1 . ILE A 50 ? 0.4888 0.4693 0.5188 -0.0127 -0.0135 0.0139  77  ILE A CD1 
407 N  N   . VAL A 51 ? 0.2052 0.1698 0.1971 0.0054  -0.0082 0.0047  78  VAL A N   
408 C  CA  A VAL A 51 ? 0.1929 0.1587 0.1783 0.0067  -0.0073 0.0081  78  VAL A CA  
409 C  CA  B VAL A 51 ? 0.2125 0.1783 0.1982 0.0065  -0.0073 0.0085  78  VAL A CA  
410 C  C   . VAL A 51 ? 0.2414 0.2110 0.2169 0.0073  -0.0046 0.0084  78  VAL A C   
411 O  O   . VAL A 51 ? 0.2401 0.2092 0.2120 0.0084  -0.0039 0.0040  78  VAL A O   
412 C  CB  A VAL A 51 ? 0.2125 0.1774 0.1951 0.0085  -0.0088 0.0045  78  VAL A CB  
413 C  CB  B VAL A 51 ? 0.2666 0.2313 0.2505 0.0084  -0.0089 0.0059  78  VAL A CB  
414 C  CG1 A VAL A 51 ? 0.2006 0.1689 0.1777 0.0083  -0.0093 0.0089  78  VAL A CG1 
415 C  CG1 B VAL A 51 ? 0.2775 0.2375 0.2710 0.0102  -0.0110 0.0056  78  VAL A CG1 
416 C  CG2 A VAL A 51 ? 0.2121 0.1729 0.2033 0.0105  -0.0108 0.0019  78  VAL A CG2 
417 C  CG2 B VAL A 51 ? 0.2602 0.2261 0.2390 0.0089  -0.0089 0.0000  78  VAL A CG2 
418 N  N   . ILE A 52 ? 0.2169 0.1900 0.1872 0.0075  -0.0033 0.0131  79  ILE A N   
419 C  CA  . ILE A 52 ? 0.2233 0.1984 0.1818 0.0097  -0.0008 0.0114  79  ILE A CA  
420 C  C   . ILE A 52 ? 0.2432 0.2148 0.1919 0.0089  -0.0033 0.0085  79  ILE A C   
421 O  O   . ILE A 52 ? 0.2594 0.2342 0.2088 0.0075  -0.0052 0.0126  79  ILE A O   
422 C  CB  . ILE A 52 ? 0.2860 0.2702 0.2440 0.0107  0.0026  0.0179  79  ILE A CB  
423 C  CG1 . ILE A 52 ? 0.3104 0.3000 0.2808 0.0096  0.0043  0.0215  79  ILE A CG1 
424 C  CG2 . ILE A 52 ? 0.3412 0.3269 0.2839 0.0149  0.0054  0.0142  79  ILE A CG2 
425 C  CD1 . ILE A 52 ? 0.4449 0.4451 0.4198 0.0086  0.0069  0.0303  79  ILE A CD1 
426 N  N   . VAL A 53 ? 0.2218 0.1870 0.1622 0.0092  -0.0040 0.0026  80  VAL A N   
427 C  CA  . VAL A 53 ? 0.2273 0.1890 0.1593 0.0063  -0.0076 0.0002  80  VAL A CA  
428 C  C   . VAL A 53 ? 0.2885 0.2450 0.2056 0.0079  -0.0071 -0.0044 80  VAL A C   
429 O  O   . VAL A 53 ? 0.2762 0.2259 0.1888 0.0114  -0.0048 -0.0082 80  VAL A O   
430 C  CB  . VAL A 53 ? 0.2747 0.2325 0.2100 0.0034  -0.0102 -0.0021 80  VAL A CB  
431 C  CG1 . VAL A 53 ? 0.2708 0.2353 0.2186 0.0034  -0.0106 0.0008  80  VAL A CG1 
432 C  CG2 . VAL A 53 ? 0.2725 0.2228 0.2057 0.0052  -0.0087 -0.0055 80  VAL A CG2 
433 N  N   . GLY A 54 ? 0.2613 0.2217 0.1702 0.0063  -0.0092 -0.0037 81  GLY A N   
434 C  CA  . GLY A 54 ? 0.2815 0.2362 0.1736 0.0079  -0.0097 -0.0100 81  GLY A CA  
435 C  C   . GLY A 54 ? 0.3221 0.2631 0.2076 0.0029  -0.0149 -0.0165 81  GLY A C   
436 O  O   . GLY A 54 ? 0.2942 0.2380 0.1852 -0.0037 -0.0196 -0.0140 81  GLY A O   
437 N  N   . LEU A 55 ? 0.2892 0.2158 0.1639 0.0062  -0.0143 -0.0241 82  LEU A N   
438 C  CA  . LEU A 55 ? 0.2959 0.2052 0.1651 0.0008  -0.0197 -0.0296 82  LEU A CA  
439 C  C   . LEU A 55 ? 0.3844 0.2826 0.2351 -0.0020 -0.0249 -0.0386 82  LEU A C   
440 O  O   . LEU A 55 ? 0.3910 0.2713 0.2370 -0.0073 -0.0302 -0.0436 82  LEU A O   
441 C  CB  . LEU A 55 ? 0.3010 0.1973 0.1717 0.0068  -0.0162 -0.0317 82  LEU A CB  
442 C  CG  . LEU A 55 ? 0.3178 0.2242 0.2047 0.0090  -0.0121 -0.0244 82  LEU A CG  
443 C  CD1 . LEU A 55 ? 0.3445 0.2409 0.2313 0.0162  -0.0089 -0.0259 82  LEU A CD1 
444 C  CD2 . LEU A 55 ? 0.3368 0.2484 0.2346 0.0009  -0.0158 -0.0191 82  LEU A CD2 
445 N  N   . SER A 56 ? 0.3797 0.2887 0.2206 0.0006  -0.0243 -0.0402 83  SER A N   
446 C  CA  A SER A 56 ? 0.4113 0.3113 0.2319 -0.0013 -0.0297 -0.0506 83  SER A CA  
447 C  CA  B SER A 56 ? 0.4058 0.3058 0.2263 -0.0012 -0.0297 -0.0505 83  SER A CA  
448 C  C   . SER A 56 ? 0.4669 0.3593 0.2863 -0.0144 -0.0399 -0.0526 83  SER A C   
449 O  O   . SER A 56 ? 0.4931 0.3677 0.2964 -0.0176 -0.0458 -0.0636 83  SER A O   
450 C  CB  A SER A 56 ? 0.4568 0.3765 0.2690 0.0017  -0.0281 -0.0485 83  SER A CB  
451 C  CB  B SER A 56 ? 0.4332 0.3529 0.2452 0.0019  -0.0280 -0.0486 83  SER A CB  
452 O  OG  A SER A 56 ? 0.5946 0.5239 0.4079 0.0128  -0.0187 -0.0454 83  SER A OG  
453 O  OG  B SER A 56 ? 0.4901 0.4285 0.3147 -0.0047 -0.0308 -0.0378 83  SER A OG  
454 N  N   . GLU A 57 ? 0.4178 0.3243 0.2537 -0.0221 -0.0424 -0.0426 84  GLU A N   
455 C  CA  . GLU A 57 ? 0.4416 0.3476 0.2793 -0.0352 -0.0520 -0.0421 84  GLU A CA  
456 C  C   . GLU A 57 ? 0.5090 0.3991 0.3545 -0.0418 -0.0546 -0.0414 84  GLU A C   
457 O  O   . GLU A 57 ? 0.5300 0.4176 0.3760 -0.0539 -0.0632 -0.0417 84  GLU A O   
458 C  CB  . GLU A 57 ? 0.4452 0.3780 0.2971 -0.0390 -0.0534 -0.0308 84  GLU A CB  
459 C  CG  . GLU A 57 ? 0.5700 0.5195 0.4139 -0.0351 -0.0531 -0.0293 84  GLU A CG  
460 C  CD  . GLU A 57 ? 0.9366 0.8829 0.7614 -0.0414 -0.0618 -0.0383 84  GLU A CD  
461 O  OE1 . GLU A 57 ? 0.9866 0.9380 0.8144 -0.0530 -0.0708 -0.0370 84  GLU A OE1 
462 O  OE2 . GLU A 57 ? 0.9165 0.8552 0.7227 -0.0350 -0.0597 -0.0472 84  GLU A OE2 
463 N  N   . ILE A 58 ? 0.4511 0.3315 0.3026 -0.0348 -0.0482 -0.0400 85  ILE A N   
464 C  CA  . ILE A 58 ? 0.4631 0.3300 0.3222 -0.0406 -0.0504 -0.0373 85  ILE A CA  
465 C  C   . ILE A 58 ? 0.5733 0.4095 0.4170 -0.0410 -0.0544 -0.0479 85  ILE A C   
466 O  O   . ILE A 58 ? 0.5845 0.4099 0.4169 -0.0295 -0.0497 -0.0555 85  ILE A O   
467 C  CB  . ILE A 58 ? 0.4646 0.3370 0.3366 -0.0329 -0.0423 -0.0302 85  ILE A CB  
468 C  CG1 . ILE A 58 ? 0.4467 0.3460 0.3325 -0.0305 -0.0381 -0.0220 85  ILE A CG1 
469 C  CG2 . ILE A 58 ? 0.4801 0.3415 0.3591 -0.0395 -0.0450 -0.0255 85  ILE A CG2 
470 C  CD1 . ILE A 58 ? 0.4585 0.3744 0.3553 -0.0399 -0.0425 -0.0148 85  ILE A CD1 
471 N  N   . ASP A 59 ? 0.5768 0.3989 0.4208 -0.0538 -0.0629 -0.0480 86  ASP A N   
472 C  CA  . ASP A 59 ? 0.6169 0.4044 0.4463 -0.0562 -0.0688 -0.0586 86  ASP A CA  
473 C  C   . ASP A 59 ? 0.6497 0.4164 0.4784 -0.0443 -0.0626 -0.0596 86  ASP A C   
474 O  O   . ASP A 59 ? 0.6856 0.4302 0.4986 -0.0352 -0.0619 -0.0714 86  ASP A O   
475 C  CB  . ASP A 59 ? 0.6674 0.4452 0.5016 -0.0750 -0.0800 -0.0553 86  ASP A CB  
476 C  CG  . ASP A 59 ? 0.8758 0.6648 0.7306 -0.0822 -0.0788 -0.0396 86  ASP A CG  
477 O  OD1 . ASP A 59 ? 0.8950 0.7000 0.7600 -0.0724 -0.0696 -0.0321 86  ASP A OD1 
478 O  OD2 . ASP A 59 ? 0.9893 0.7736 0.8500 -0.0982 -0.0874 -0.0346 86  ASP A OD2 
479 N  N   . ASN A 60 ? 0.5598 0.3356 0.4048 -0.0433 -0.0580 -0.0475 87  ASN A N   
480 C  CA  . ASN A 60 ? 0.5459 0.3065 0.3923 -0.0323 -0.0525 -0.0460 87  ASN A CA  
481 C  C   . ASN A 60 ? 0.5263 0.3130 0.3879 -0.0262 -0.0445 -0.0350 87  ASN A C   
482 O  O   . ASN A 60 ? 0.5174 0.3228 0.3917 -0.0348 -0.0453 -0.0253 87  ASN A O   
483 C  CB  . ASN A 60 ? 0.5296 0.2633 0.3779 -0.0413 -0.0592 -0.0423 87  ASN A CB  
484 C  CG  . ASN A 60 ? 0.8276 0.5415 0.6754 -0.0289 -0.0548 -0.0410 87  ASN A CG  
485 O  OD1 . ASN A 60 ? 0.7074 0.4365 0.5671 -0.0237 -0.0489 -0.0305 87  ASN A OD1 
486 N  ND2 . ASN A 60 ? 0.8072 0.4873 0.6408 -0.0229 -0.0576 -0.0522 87  ASN A ND2 
487 N  N   . THR A 61 ? 0.4448 0.2345 0.3052 -0.0115 -0.0367 -0.0369 88  THR A N   
488 C  CA  . THR A 61 ? 0.3811 0.1947 0.2549 -0.0062 -0.0300 -0.0281 88  THR A CA  
489 C  C   . THR A 61 ? 0.4365 0.2412 0.3139 0.0029  -0.0265 -0.0242 88  THR A C   
490 O  O   . THR A 61 ? 0.4183 0.2403 0.3031 0.0106  -0.0207 -0.0204 88  THR A O   
491 C  CB  . THR A 61 ? 0.4410 0.2737 0.3137 0.0014  -0.0246 -0.0315 88  THR A CB  
492 O  OG1 . THR A 61 ? 0.4974 0.3190 0.3592 0.0135  -0.0208 -0.0392 88  THR A OG1 
493 C  CG2 . THR A 61 ? 0.4412 0.2839 0.3103 -0.0063 -0.0281 -0.0340 88  THR A CG2 
494 N  N   . ASP A 62 ? 0.4331 0.2110 0.3060 0.0016  -0.0306 -0.0243 89  ASP A N   
495 C  CA  . ASP A 62 ? 0.4532 0.2213 0.3293 0.0112  -0.0279 -0.0193 89  ASP A CA  
496 C  C   . ASP A 62 ? 0.5199 0.3107 0.4103 0.0094  -0.0253 -0.0065 89  ASP A C   
497 O  O   . ASP A 62 ? 0.5219 0.3215 0.4166 0.0201  -0.0207 -0.0034 89  ASP A O   
498 C  CB  . ASP A 62 ? 0.5120 0.2446 0.3819 0.0081  -0.0340 -0.0199 89  ASP A CB  
499 C  CG  . ASP A 62 ? 0.6695 0.3748 0.5227 0.0136  -0.0363 -0.0349 89  ASP A CG  
500 O  OD1 . ASP A 62 ? 0.6715 0.3875 0.5175 0.0234  -0.0312 -0.0439 89  ASP A OD1 
501 O  OD2 . ASP A 62 ? 0.7140 0.3868 0.5607 0.0080  -0.0433 -0.0379 89  ASP A OD2 
502 N  N   . ASP A 63 ? 0.4675 0.2711 0.3649 -0.0035 -0.0285 0.0003  90  ASP A N   
503 C  CA  . ASP A 63 ? 0.4547 0.2816 0.3636 -0.0051 -0.0262 0.0110  90  ASP A CA  
504 C  C   . ASP A 63 ? 0.4487 0.3037 0.3628 -0.0009 -0.0213 0.0090  90  ASP A C   
505 O  O   . ASP A 63 ? 0.4144 0.2888 0.3362 -0.0010 -0.0194 0.0155  90  ASP A O   
506 C  CB  . ASP A 63 ? 0.4940 0.3253 0.4083 -0.0195 -0.0307 0.0198  90  ASP A CB  
507 C  CG  . ASP A 63 ? 0.6743 0.5166 0.5893 -0.0290 -0.0331 0.0160  90  ASP A CG  
508 O  OD1 . ASP A 63 ? 0.6864 0.5254 0.5946 -0.0258 -0.0328 0.0059  90  ASP A OD1 
509 O  OD2 . ASP A 63 ? 0.7656 0.6209 0.6878 -0.0394 -0.0355 0.0241  90  ASP A OD2 
510 N  N   . LEU A 64 ? 0.3815 0.2386 0.2913 0.0024  -0.0195 0.0002  91  LEU A N   
511 C  CA  . LEU A 64 ? 0.3554 0.2351 0.2708 0.0058  -0.0156 -0.0012 91  LEU A CA  
512 C  C   . LEU A 64 ? 0.3856 0.2683 0.3026 0.0170  -0.0114 -0.0014 91  LEU A C   
513 O  O   . LEU A 64 ? 0.4015 0.2755 0.3124 0.0240  -0.0094 -0.0067 91  LEU A O   
514 C  CB  . LEU A 64 ? 0.3523 0.2338 0.2632 0.0036  -0.0159 -0.0075 91  LEU A CB  
515 C  CG  . LEU A 64 ? 0.3820 0.2841 0.3001 0.0044  -0.0132 -0.0072 91  LEU A CG  
516 C  CD1 . LEU A 64 ? 0.3632 0.2791 0.2898 -0.0016 -0.0145 -0.0020 91  LEU A CD1 
517 C  CD2 . LEU A 64 ? 0.4082 0.3112 0.3210 0.0034  -0.0137 -0.0118 91  LEU A CD2 
518 N  N   . LYS A 65 ? 0.3223 0.2172 0.2465 0.0187  -0.0103 0.0046  92  LYS A N   
519 C  CA  . LYS A 65 ? 0.3206 0.2213 0.2477 0.0284  -0.0074 0.0061  92  LYS A CA  
520 C  C   . LYS A 65 ? 0.3302 0.2540 0.2657 0.0285  -0.0060 0.0068  92  LYS A C   
521 O  O   . LYS A 65 ? 0.2952 0.2293 0.2339 0.0222  -0.0073 0.0074  92  LYS A O   
522 C  CB  . LYS A 65 ? 0.3537 0.2467 0.2812 0.0310  -0.0091 0.0137  92  LYS A CB  
523 C  CG  . LYS A 65 ? 0.4560 0.3213 0.3760 0.0291  -0.0120 0.0137  92  LYS A CG  
524 C  CD  . LYS A 65 ? 0.5115 0.3644 0.4318 0.0352  -0.0129 0.0212  92  LYS A CD  
525 C  CE  . LYS A 65 ? 0.6231 0.4436 0.5355 0.0331  -0.0165 0.0193  92  LYS A CE  
526 N  NZ  . LYS A 65 ? 0.6234 0.4273 0.5363 0.0403  -0.0177 0.0272  92  LYS A NZ  
527 N  N   . ARG A 66 ? 0.2952 0.2276 0.2346 0.0360  -0.0037 0.0069  93  ARG A N   
528 C  CA  . ARG A 66 ? 0.2666 0.2200 0.2145 0.0353  -0.0035 0.0073  93  ARG A CA  
529 C  C   . ARG A 66 ? 0.3173 0.2798 0.2672 0.0322  -0.0062 0.0114  93  ARG A C   
530 O  O   . ARG A 66 ? 0.3174 0.2753 0.2651 0.0345  -0.0072 0.0174  93  ARG A O   
531 C  CB  . ARG A 66 ? 0.2787 0.2420 0.2319 0.0433  -0.0014 0.0090  93  ARG A CB  
532 C  CG  . ARG A 66 ? 0.3532 0.3155 0.3056 0.0472  0.0024  0.0057  93  ARG A CG  
533 C  CD  . ARG A 66 ? 0.3709 0.3512 0.3322 0.0536  0.0046  0.0089  93  ARG A CD  
534 N  NE  . ARG A 66 ? 0.4370 0.4179 0.3992 0.0622  0.0046  0.0138  93  ARG A NE  
535 C  CZ  . ARG A 66 ? 0.5854 0.5861 0.5572 0.0668  0.0045  0.0188  93  ARG A CZ  
536 N  NH1 . ARG A 66 ? 0.3566 0.3775 0.3383 0.0622  0.0041  0.0191  93  ARG A NH1 
537 N  NH2 . ARG A 66 ? 0.5625 0.5630 0.5350 0.0757  0.0043  0.0243  93  ARG A NH2 
538 N  N   . GLY A 67 ? 0.2403 0.2149 0.1938 0.0275  -0.0073 0.0083  94  GLY A N   
539 C  CA  . GLY A 67 ? 0.2483 0.2348 0.2020 0.0253  -0.0094 0.0104  94  GLY A CA  
540 C  C   . GLY A 67 ? 0.2754 0.2593 0.2254 0.0201  -0.0097 0.0110  94  GLY A C   
541 O  O   . GLY A 67 ? 0.2880 0.2850 0.2377 0.0186  -0.0105 0.0110  94  GLY A O   
542 N  N   . GLU A 68 ? 0.2459 0.2155 0.1930 0.0173  -0.0091 0.0113  95  GLU A N   
543 C  CA  . GLU A 68 ? 0.2411 0.2119 0.1870 0.0115  -0.0096 0.0128  95  GLU A CA  
544 C  C   . GLU A 68 ? 0.2494 0.2294 0.1986 0.0101  -0.0091 0.0067  95  GLU A C   
545 O  O   . GLU A 68 ? 0.2422 0.2184 0.1934 0.0112  -0.0086 0.0017  95  GLU A O   
546 C  CB  . GLU A 68 ? 0.2642 0.2174 0.2064 0.0078  -0.0106 0.0143  95  GLU A CB  
547 C  CG  . GLU A 68 ? 0.3599 0.2992 0.2987 0.0087  -0.0118 0.0206  95  GLU A CG  
548 C  CD  . GLU A 68 ? 0.7168 0.6623 0.6564 0.0050  -0.0131 0.0304  95  GLU A CD  
549 O  OE1 . GLU A 68 ? 0.6552 0.6173 0.5972 0.0009  -0.0126 0.0322  95  GLU A OE1 
550 O  OE2 . GLU A 68 ? 0.6799 0.6135 0.6179 0.0067  -0.0143 0.0370  95  GLU A OE2 
551 N  N   . LYS A 69 ? 0.2223 0.2145 0.1721 0.0082  -0.0089 0.0080  96  LYS A N   
552 C  CA  . LYS A 69 ? 0.2041 0.2036 0.1569 0.0082  -0.0082 0.0027  96  LYS A CA  
553 C  C   . LYS A 69 ? 0.2406 0.2363 0.1940 0.0033  -0.0085 0.0062  96  LYS A C   
554 O  O   . LYS A 69 ? 0.2311 0.2287 0.1834 -0.0010 -0.0090 0.0133  96  LYS A O   
555 C  CB  . LYS A 69 ? 0.2347 0.2519 0.1870 0.0106  -0.0073 0.0012  96  LYS A CB  
556 C  CG  . LYS A 69 ? 0.2345 0.2570 0.1900 0.0134  -0.0065 -0.0059 96  LYS A CG  
557 C  CD  . LYS A 69 ? 0.2760 0.3169 0.2288 0.0172  -0.0050 -0.0079 96  LYS A CD  
558 C  CE  . LYS A 69 ? 0.2705 0.3146 0.2255 0.0225  -0.0042 -0.0172 96  LYS A CE  
559 N  NZ  . LYS A 69 ? 0.3196 0.3807 0.2693 0.0281  -0.0027 -0.0221 96  LYS A NZ  
560 N  N   . ILE A 70 ? 0.1906 0.1819 0.1463 0.0030  -0.0088 0.0025  97  ILE A N   
561 C  CA  . ILE A 70 ? 0.1838 0.1733 0.1400 -0.0022 -0.0102 0.0058  97  ILE A CA  
562 C  C   . ILE A 70 ? 0.2033 0.2015 0.1646 -0.0005 -0.0097 0.0035  97  ILE A C   
563 O  O   . ILE A 70 ? 0.1824 0.1811 0.1464 0.0047  -0.0087 -0.0015 97  ILE A O   
564 C  CB  . ILE A 70 ? 0.2235 0.1953 0.1746 -0.0046 -0.0120 0.0048  97  ILE A CB  
565 C  CG1 . ILE A 70 ? 0.2257 0.1937 0.1773 -0.0005 -0.0109 -0.0001 97  ILE A CG1 
566 C  CG2 . ILE A 70 ? 0.2372 0.1975 0.1833 -0.0041 -0.0122 0.0068  97  ILE A CG2 
567 C  CD1 . ILE A 70 ? 0.2357 0.1904 0.1808 -0.0014 -0.0119 -0.0016 97  ILE A CD1 
568 N  N   . LYS A 71 ? 0.1768 0.1814 0.1403 -0.0053 -0.0112 0.0080  98  LYS A N   
569 C  CA  . LYS A 71 ? 0.1615 0.1743 0.1305 -0.0038 -0.0115 0.0078  98  LYS A CA  
570 C  C   . LYS A 71 ? 0.2150 0.2181 0.1808 -0.0092 -0.0150 0.0088  98  LYS A C   
571 O  O   . LYS A 71 ? 0.2117 0.2090 0.1734 -0.0165 -0.0177 0.0117  98  LYS A O   
572 C  CB  . LYS A 71 ? 0.1707 0.2041 0.1457 -0.0049 -0.0107 0.0130  98  LYS A CB  
573 C  CG  . LYS A 71 ? 0.2231 0.2678 0.2055 -0.0005 -0.0105 0.0132  98  LYS A CG  
574 C  CD  . LYS A 71 ? 0.2744 0.3440 0.2636 0.0019  -0.0079 0.0176  98  LYS A CD  
575 C  CE  . LYS A 71 ? 0.4086 0.4917 0.4062 0.0085  -0.0071 0.0182  98  LYS A CE  
576 N  NZ  . LYS A 71 ? 0.4474 0.5585 0.4521 0.0108  -0.0041 0.0239  98  LYS A NZ  
577 N  N   . VAL A 72 ? 0.1828 0.1832 0.1495 -0.0061 -0.0153 0.0067  99  VAL A N   
578 C  CA  . VAL A 72 ? 0.1880 0.1821 0.1497 -0.0106 -0.0187 0.0074  99  VAL A CA  
579 C  C   . VAL A 72 ? 0.2143 0.2221 0.1823 -0.0104 -0.0206 0.0112  99  VAL A C   
580 O  O   . VAL A 72 ? 0.1912 0.2079 0.1673 -0.0035 -0.0181 0.0118  99  VAL A O   
581 C  CB  . VAL A 72 ? 0.2093 0.1905 0.1652 -0.0072 -0.0175 0.0037  99  VAL A CB  
582 C  CG1 . VAL A 72 ? 0.2081 0.1779 0.1587 -0.0063 -0.0157 0.0007  99  VAL A CG1 
583 C  CG2 . VAL A 72 ? 0.2111 0.1957 0.1739 -0.0007 -0.0152 0.0036  99  VAL A CG2 
584 N  N   . TRP A 73 ? 0.1985 0.2073 0.1626 -0.0170 -0.0252 0.0133  100 TRP A N   
585 C  CA  A TRP A 73 ? 0.1999 0.2240 0.1698 -0.0175 -0.0282 0.0182  100 TRP A CA  
586 C  CA  B TRP A 73 ? 0.1980 0.2221 0.1679 -0.0177 -0.0282 0.0182  100 TRP A CA  
587 C  C   . TRP A 73 ? 0.2420 0.2601 0.2041 -0.0182 -0.0309 0.0173  100 TRP A C   
588 O  O   . TRP A 73 ? 0.2535 0.2583 0.2039 -0.0224 -0.0325 0.0129  100 TRP A O   
589 C  CB  A TRP A 73 ? 0.1965 0.2342 0.1701 -0.0267 -0.0326 0.0230  100 TRP A CB  
590 C  CB  B TRP A 73 ? 0.1930 0.2296 0.1662 -0.0271 -0.0325 0.0227  100 TRP A CB  
591 C  CG  A TRP A 73 ? 0.2045 0.2582 0.1888 -0.0244 -0.0294 0.0269  100 TRP A CG  
592 C  CG  B TRP A 73 ? 0.1989 0.2468 0.1803 -0.0261 -0.0292 0.0257  100 TRP A CG  
593 C  CD1 A TRP A 73 ? 0.2367 0.3124 0.2327 -0.0187 -0.0277 0.0318  100 TRP A CD1 
594 C  CD1 B TRP A 73 ? 0.2411 0.2810 0.2193 -0.0291 -0.0276 0.0248  100 TRP A CD1 
595 C  CD2 A TRP A 73 ? 0.1996 0.2502 0.1830 -0.0265 -0.0268 0.0266  100 TRP A CD2 
596 C  CD2 B TRP A 73 ? 0.1941 0.2656 0.1879 -0.0208 -0.0268 0.0307  100 TRP A CD2 
597 N  NE1 A TRP A 73 ? 0.2290 0.3166 0.2305 -0.0169 -0.0238 0.0337  100 TRP A NE1 
598 N  NE1 B TRP A 73 ? 0.2354 0.2940 0.2225 -0.0267 -0.0241 0.0293  100 TRP A NE1 
599 C  CE2 A TRP A 73 ? 0.2456 0.3187 0.2396 -0.0224 -0.0235 0.0313  100 TRP A CE2 
600 C  CE2 B TRP A 73 ? 0.2443 0.3226 0.2408 -0.0211 -0.0233 0.0323  100 TRP A CE2 
601 C  CE3 A TRP A 73 ? 0.2171 0.2488 0.1918 -0.0307 -0.0270 0.0236  100 TRP A CE3 
602 C  CE3 B TRP A 73 ? 0.2135 0.3018 0.2163 -0.0145 -0.0269 0.0345  100 TRP A CE3 
603 C  CZ2 A TRP A 73 ? 0.2381 0.3171 0.2333 -0.0231 -0.0202 0.0335  100 TRP A CZ2 
604 C  CZ2 B TRP A 73 ? 0.2401 0.3428 0.2469 -0.0150 -0.0195 0.0364  100 TRP A CZ2 
605 C  CZ3 A TRP A 73 ? 0.2428 0.2789 0.2197 -0.0314 -0.0243 0.0265  100 TRP A CZ3 
606 C  CZ3 B TRP A 73 ? 0.2356 0.3462 0.2497 -0.0078 -0.0232 0.0384  100 TRP A CZ3 
607 C  CH2 A TRP A 73 ? 0.2497 0.3099 0.2364 -0.0282 -0.0210 0.0316  100 TRP A CH2 
608 C  CH2 B TRP A 73 ? 0.2437 0.3622 0.2593 -0.0080 -0.0193 0.0389  100 TRP A CH2 
609 N  N   . PHE A 74 ? 0.2047 0.2329 0.1728 -0.0129 -0.0309 0.0219  101 PHE A N   
610 C  CA  . PHE A 74 ? 0.2088 0.2344 0.1695 -0.0127 -0.0330 0.0230  101 PHE A CA  
611 C  C   . PHE A 74 ? 0.2539 0.2961 0.2232 -0.0090 -0.0352 0.0311  101 PHE A C   
612 O  O   . PHE A 74 ? 0.2577 0.3098 0.2396 -0.0037 -0.0335 0.0346  101 PHE A O   
613 C  CB  . PHE A 74 ? 0.2247 0.2366 0.1823 -0.0069 -0.0280 0.0204  101 PHE A CB  
614 C  CG  . PHE A 74 ? 0.2178 0.2293 0.1875 0.0007  -0.0241 0.0221  101 PHE A CG  
615 C  CD1 . PHE A 74 ? 0.2230 0.2294 0.1963 0.0026  -0.0209 0.0174  101 PHE A CD1 
616 C  CD2 . PHE A 74 ? 0.2307 0.2453 0.2071 0.0062  -0.0238 0.0282  101 PHE A CD2 
617 C  CE1 . PHE A 74 ? 0.2385 0.2439 0.2214 0.0096  -0.0183 0.0169  101 PHE A CE1 
618 C  CE2 . PHE A 74 ? 0.2346 0.2452 0.2219 0.0132  -0.0212 0.0284  101 PHE A CE2 
619 C  CZ  . PHE A 74 ? 0.2223 0.2276 0.2120 0.0147  -0.0185 0.0216  101 PHE A CZ  
620 N  N   . HIS A 75 ? 0.2554 0.3020 0.2177 -0.0107 -0.0388 0.0343  102 HIS A N   
621 C  CA  . HIS A 75 ? 0.2677 0.3313 0.2386 -0.0066 -0.0414 0.0439  102 HIS A CA  
622 C  C   . HIS A 75 ? 0.3196 0.3770 0.2979 0.0033  -0.0369 0.0488  102 HIS A C   
623 O  O   . HIS A 75 ? 0.3145 0.3790 0.3064 0.0107  -0.0359 0.0541  102 HIS A O   
624 C  CB  . HIS A 75 ? 0.2957 0.3688 0.2554 -0.0126 -0.0478 0.0464  102 HIS A CB  
625 C  CG  . HIS A 75 ? 0.3610 0.4396 0.3152 -0.0236 -0.0541 0.0421  102 HIS A CG  
626 N  ND1 . HIS A 75 ? 0.3948 0.4921 0.3616 -0.0267 -0.0576 0.0473  102 HIS A ND1 
627 C  CD2 . HIS A 75 ? 0.4067 0.4736 0.3453 -0.0321 -0.0574 0.0333  102 HIS A CD2 
628 C  CE1 . HIS A 75 ? 0.3978 0.4941 0.3569 -0.0387 -0.0636 0.0423  102 HIS A CE1 
629 N  NE2 . HIS A 75 ? 0.4110 0.4872 0.3523 -0.0422 -0.0640 0.0332  102 HIS A NE2 
630 N  N   . THR A 76 ? 0.2842 0.3290 0.2546 0.0038  -0.0342 0.0474  103 THR A N   
631 C  CA  . THR A 76 ? 0.2871 0.3250 0.2650 0.0107  -0.0309 0.0532  103 THR A CA  
632 C  C   . THR A 76 ? 0.2963 0.3192 0.2693 0.0099  -0.0264 0.0488  103 THR A C   
633 O  O   . THR A 76 ? 0.3109 0.3303 0.2716 0.0053  -0.0259 0.0423  103 THR A O   
634 C  CB  . THR A 76 ? 0.4239 0.4734 0.4004 0.0121  -0.0339 0.0647  103 THR A CB  
635 O  OG1 . THR A 76 ? 0.5173 0.5593 0.5043 0.0185  -0.0314 0.0729  103 THR A OG1 
636 C  CG2 . THR A 76 ? 0.3536 0.4051 0.3125 0.0066  -0.0348 0.0635  103 THR A CG2 
637 N  N   . ARG A 77 ? 0.2802 0.2940 0.2632 0.0145  -0.0237 0.0524  104 ARG A N   
638 C  CA  . ARG A 77 ? 0.2857 0.2886 0.2673 0.0132  -0.0200 0.0505  104 ARG A CA  
639 C  C   . ARG A 77 ? 0.3155 0.3242 0.2930 0.0124  -0.0198 0.0606  104 ARG A C   
640 O  O   . ARG A 77 ? 0.3492 0.3641 0.3320 0.0150  -0.0220 0.0713  104 ARG A O   
641 C  CB  . ARG A 77 ? 0.2978 0.2875 0.2926 0.0167  -0.0184 0.0496  104 ARG A CB  
642 C  CG  . ARG A 77 ? 0.3552 0.3392 0.3526 0.0181  -0.0175 0.0387  104 ARG A CG  
643 C  CD  . ARG A 77 ? 0.3220 0.2938 0.3318 0.0229  -0.0175 0.0377  104 ARG A CD  
644 N  NE  . ARG A 77 ? 0.3376 0.3069 0.3486 0.0255  -0.0166 0.0271  104 ARG A NE  
645 C  CZ  . ARG A 77 ? 0.3960 0.3742 0.4086 0.0302  -0.0169 0.0247  104 ARG A CZ  
646 N  NH1 . ARG A 77 ? 0.3370 0.3272 0.3515 0.0323  -0.0185 0.0321  104 ARG A NH1 
647 N  NH2 . ARG A 77 ? 0.3096 0.2878 0.3220 0.0326  -0.0153 0.0157  104 ARG A NH2 
648 N  N   . LYS A 78 ? 0.2451 0.2528 0.2139 0.0097  -0.0166 0.0584  105 LYS A N   
649 C  CA  . LYS A 78 ? 0.2283 0.2440 0.1936 0.0092  -0.0149 0.0690  105 LYS A CA  
650 C  C   . LYS A 78 ? 0.2584 0.2663 0.2395 0.0097  -0.0136 0.0778  105 LYS A C   
651 O  O   . LYS A 78 ? 0.2442 0.2392 0.2349 0.0098  -0.0133 0.0717  105 LYS A O   
652 C  CB  . LYS A 78 ? 0.2564 0.2757 0.2078 0.0077  -0.0110 0.0633  105 LYS A CB  
653 C  CG  . LYS A 78 ? 0.4088 0.4324 0.3430 0.0069  -0.0134 0.0541  105 LYS A CG  
654 C  CD  . LYS A 78 ? 0.5389 0.5560 0.4633 0.0070  -0.0102 0.0426  105 LYS A CD  
655 C  CE  . LYS A 78 ? 0.7156 0.7311 0.6236 0.0052  -0.0137 0.0323  105 LYS A CE  
656 N  NZ  . LYS A 78 ? 0.7774 0.8058 0.6715 0.0050  -0.0162 0.0355  105 LYS A NZ  
657 N  N   . GLU A 79 ? 0.2175 0.2330 0.2004 0.0092  -0.0130 0.0920  106 GLU A N   
658 C  CA  . GLU A 79 ? 0.2076 0.2148 0.2062 0.0080  -0.0127 0.1031  106 GLU A CA  
659 C  C   . GLU A 79 ? 0.2615 0.2698 0.2605 0.0037  -0.0083 0.1021  106 GLU A C   
660 O  O   . GLU A 79 ? 0.2799 0.3020 0.2747 0.0019  -0.0053 0.1119  106 GLU A O   
661 C  CB  . GLU A 79 ? 0.2319 0.2491 0.2327 0.0091  -0.0143 0.1215  106 GLU A CB  
662 C  CG  . GLU A 79 ? 0.3059 0.3111 0.3247 0.0072  -0.0150 0.1349  106 GLU A CG  
663 C  CD  . GLU A 79 ? 0.3568 0.3702 0.3791 0.0091  -0.0171 0.1548  106 GLU A CD  
664 O  OE1 . GLU A 79 ? 0.3738 0.4057 0.3835 0.0117  -0.0180 0.1583  106 GLU A OE1 
665 O  OE2 . GLU A 79 ? 0.3837 0.3848 0.4217 0.0074  -0.0186 0.1676  106 GLU A OE2 
666 N  N   . SER A 80 ? 0.2042 0.2015 0.2068 0.0026  -0.0079 0.0897  107 SER A N   
667 C  CA  . SER A 80 ? 0.1914 0.1918 0.1956 -0.0010 -0.0042 0.0880  107 SER A CA  
668 C  C   . SER A 80 ? 0.2476 0.2319 0.2647 -0.0035 -0.0064 0.0810  107 SER A C   
669 O  O   . SER A 80 ? 0.2312 0.2027 0.2516 -0.0008 -0.0099 0.0735  107 SER A O   
670 C  CB  . SER A 80 ? 0.2229 0.2320 0.2107 0.0015  -0.0010 0.0770  107 SER A CB  
671 O  OG  . SER A 80 ? 0.2473 0.2461 0.2315 0.0034  -0.0031 0.0632  107 SER A OG  
672 N  N   . ASN A 81 ? 0.2107 0.1980 0.2348 -0.0084 -0.0047 0.0834  108 ASN A N   
673 C  CA  . ASN A 81 ? 0.2066 0.1813 0.2417 -0.0121 -0.0075 0.0759  108 ASN A CA  
674 C  C   . ASN A 81 ? 0.2594 0.2461 0.2910 -0.0134 -0.0041 0.0708  108 ASN A C   
675 O  O   . ASN A 81 ? 0.2531 0.2538 0.2887 -0.0168 -0.0009 0.0806  108 ASN A O   
676 C  CB  . ASN A 81 ? 0.2520 0.2170 0.3041 -0.0189 -0.0110 0.0867  108 ASN A CB  
677 C  CG  . ASN A 81 ? 0.6021 0.5511 0.6640 -0.0229 -0.0158 0.0768  108 ASN A CG  
678 O  OD1 . ASN A 81 ? 0.4538 0.4038 0.5101 -0.0211 -0.0155 0.0635  108 ASN A OD1 
679 N  ND2 . ASN A 81 ? 0.5816 0.5150 0.6579 -0.0286 -0.0206 0.0830  108 ASN A ND2 
680 N  N   . PRO A 82 ? 0.2493 0.2324 0.2742 -0.0102 -0.0042 0.0573  109 PRO A N   
681 C  CA  . PRO A 82 ? 0.2480 0.2188 0.2682 -0.0061 -0.0072 0.0461  109 PRO A CA  
682 C  C   . PRO A 82 ? 0.2622 0.2351 0.2716 -0.0014 -0.0064 0.0467  109 PRO A C   
683 O  O   . PRO A 82 ? 0.2506 0.2347 0.2511 -0.0002 -0.0034 0.0514  109 PRO A O   
684 C  CB  . PRO A 82 ? 0.2690 0.2427 0.2829 -0.0044 -0.0060 0.0353  109 PRO A CB  
685 C  CG  . PRO A 82 ? 0.3309 0.3159 0.3501 -0.0077 -0.0037 0.0399  109 PRO A CG  
686 C  CD  . PRO A 82 ? 0.2767 0.2712 0.2992 -0.0100 -0.0011 0.0534  109 PRO A CD  
687 N  N   . PRO A 83 ? 0.2643 0.2286 0.2739 0.0017  -0.0093 0.0413  110 PRO A N   
688 C  CA  . PRO A 83 ? 0.2583 0.2274 0.2588 0.0053  -0.0095 0.0420  110 PRO A CA  
689 C  C   . PRO A 83 ? 0.2979 0.2740 0.2847 0.0059  -0.0074 0.0355  110 PRO A C   
690 O  O   . PRO A 83 ? 0.2554 0.2299 0.2405 0.0054  -0.0060 0.0286  110 PRO A O   
691 C  CB  . PRO A 83 ? 0.2851 0.2465 0.2905 0.0090  -0.0123 0.0364  110 PRO A CB  
692 C  CG  . PRO A 83 ? 0.3547 0.3057 0.3679 0.0081  -0.0135 0.0301  110 PRO A CG  
693 C  CD  . PRO A 83 ? 0.3009 0.2527 0.3182 0.0026  -0.0125 0.0336  110 PRO A CD  
694 N  N   . SER A 84 ? 0.2759 0.2589 0.2531 0.0066  -0.0075 0.0380  111 SER A N   
695 C  CA  . SER A 84 ? 0.2638 0.2496 0.2268 0.0068  -0.0066 0.0313  111 SER A CA  
696 C  C   . SER A 84 ? 0.2996 0.2885 0.2563 0.0066  -0.0103 0.0305  111 SER A C   
697 O  O   . SER A 84 ? 0.2918 0.2853 0.2536 0.0072  -0.0125 0.0377  111 SER A O   
698 C  CB  . SER A 84 ? 0.3242 0.3178 0.2789 0.0076  -0.0030 0.0344  111 SER A CB  
699 O  OG  . SER A 84 ? 0.3490 0.3513 0.3051 0.0072  -0.0030 0.0454  111 SER A OG  
700 N  N   . ALA A 85 ? 0.2336 0.2199 0.1807 0.0052  -0.0113 0.0225  112 ALA A N   
701 C  CA  . ALA A 85 ? 0.2503 0.2414 0.1920 0.0028  -0.0158 0.0220  112 ALA A CA  
702 C  C   . ALA A 85 ? 0.2768 0.2629 0.2044 0.0002  -0.0170 0.0140  112 ALA A C   
703 O  O   . ALA A 85 ? 0.2658 0.2430 0.1920 0.0007  -0.0149 0.0082  112 ALA A O   
704 C  CB  . ALA A 85 ? 0.2541 0.2460 0.2068 0.0029  -0.0179 0.0220  112 ALA A CB  
705 N  N   . THR A 86 ? 0.2465 0.2380 0.1643 -0.0030 -0.0214 0.0137  113 THR A N   
706 C  CA  . THR A 86 ? 0.2635 0.2468 0.1676 -0.0071 -0.0245 0.0049  113 THR A CA  
707 C  C   . THR A 86 ? 0.2774 0.2598 0.1894 -0.0123 -0.0283 0.0042  113 THR A C   
708 O  O   . THR A 86 ? 0.2898 0.2842 0.2096 -0.0143 -0.0316 0.0100  113 THR A O   
709 C  CB  . THR A 86 ? 0.3531 0.3432 0.2433 -0.0096 -0.0290 0.0039  113 THR A CB  
710 O  OG1 . THR A 86 ? 0.3600 0.3557 0.2437 -0.0041 -0.0246 0.0069  113 THR A OG1 
711 C  CG2 . THR A 86 ? 0.3569 0.3345 0.2321 -0.0145 -0.0334 -0.0069 113 THR A CG2 
712 N  N   . ILE A 87 ? 0.2622 0.2327 0.1736 -0.0139 -0.0277 -0.0010 114 ILE A N   
713 C  CA  . ILE A 87 ? 0.2333 0.2067 0.1538 -0.0189 -0.0304 0.0008  114 ILE A CA  
714 C  C   . ILE A 87 ? 0.2850 0.2546 0.1977 -0.0279 -0.0372 -0.0023 114 ILE A C   
715 O  O   . ILE A 87 ? 0.3013 0.2580 0.1996 -0.0294 -0.0392 -0.0091 114 ILE A O   
716 C  CB  . ILE A 87 ? 0.2584 0.2251 0.1855 -0.0160 -0.0262 -0.0002 114 ILE A CB  
717 C  CG1 . ILE A 87 ? 0.2817 0.2311 0.1983 -0.0154 -0.0251 -0.0065 114 ILE A CG1 
718 C  CG2 . ILE A 87 ? 0.2403 0.2121 0.1766 -0.0088 -0.0212 0.0025  114 ILE A CG2 
719 C  CD1 . ILE A 87 ? 0.2824 0.2266 0.2048 -0.0149 -0.0230 -0.0060 114 ILE A CD1 
720 N  N   . GLN A 88 ? 0.2544 0.2358 0.1765 -0.0340 -0.0410 0.0027  115 GLN A N   
721 C  CA  A GLN A 88 ? 0.2694 0.2496 0.1873 -0.0455 -0.0488 0.0015  115 GLN A CA  
722 C  CA  B GLN A 88 ? 0.2688 0.2480 0.1860 -0.0454 -0.0488 0.0011  115 GLN A CA  
723 C  C   . GLN A 88 ? 0.2987 0.2702 0.2211 -0.0507 -0.0489 0.0021  115 GLN A C   
724 O  O   . GLN A 88 ? 0.3090 0.2710 0.2263 -0.0609 -0.0553 0.0001  115 GLN A O   
725 C  CB  A GLN A 88 ? 0.2883 0.2923 0.2158 -0.0500 -0.0536 0.0090  115 GLN A CB  
726 C  CB  B GLN A 88 ? 0.2893 0.2913 0.2141 -0.0506 -0.0543 0.0078  115 GLN A CB  
727 C  CG  A GLN A 88 ? 0.3416 0.3575 0.2666 -0.0448 -0.0540 0.0115  115 GLN A CG  
728 C  CG  B GLN A 88 ? 0.3363 0.3437 0.2506 -0.0499 -0.0579 0.0064  115 GLN A CG  
729 C  CD  A GLN A 88 ? 0.5638 0.5695 0.4699 -0.0469 -0.0577 0.0042  115 GLN A CD  
730 C  CD  B GLN A 88 ? 0.5405 0.5511 0.4558 -0.0382 -0.0512 0.0090  115 GLN A CD  
731 O  OE1 A GLN A 88 ? 0.5200 0.5151 0.4155 -0.0559 -0.0641 -0.0024 115 GLN A OE1 
732 O  OE1 B GLN A 88 ? 0.4572 0.4766 0.3864 -0.0318 -0.0466 0.0152  115 GLN A OE1 
733 N  NE2 A GLN A 88 ? 0.5254 0.5343 0.4263 -0.0389 -0.0541 0.0053  115 GLN A NE2 
734 N  NE2 B GLN A 88 ? 0.4109 0.4148 0.3116 -0.0353 -0.0507 0.0044  115 GLN A NE2 
735 N  N   . LYS A 89 ? 0.2357 0.2104 0.1676 -0.0445 -0.0425 0.0054  116 LYS A N   
736 C  CA  . LYS A 89 ? 0.2466 0.2167 0.1827 -0.0488 -0.0422 0.0080  116 LYS A CA  
737 C  C   . LYS A 89 ? 0.2689 0.2395 0.2099 -0.0395 -0.0349 0.0086  116 LYS A C   
738 O  O   . LYS A 89 ? 0.2336 0.2124 0.1788 -0.0311 -0.0307 0.0082  116 LYS A O   
739 C  CB  . LYS A 89 ? 0.2889 0.2810 0.2374 -0.0567 -0.0455 0.0165  116 LYS A CB  
740 C  CG  . LYS A 89 ? 0.4211 0.4165 0.3769 -0.0618 -0.0446 0.0228  116 LYS A CG  
741 C  CD  . LYS A 89 ? 0.5691 0.5877 0.5364 -0.0718 -0.0488 0.0320  116 LYS A CD  
742 C  CE  . LYS A 89 ? 0.7723 0.8200 0.7519 -0.0638 -0.0442 0.0371  116 LYS A CE  
743 N  NZ  . LYS A 89 ? 0.9450 1.0185 0.9361 -0.0730 -0.0492 0.0458  116 LYS A NZ  
744 N  N   . TYR A 90 ? 0.2509 0.2120 0.1913 -0.0410 -0.0339 0.0097  117 TYR A N   
745 C  CA  . TYR A 90 ? 0.2309 0.1971 0.1765 -0.0333 -0.0279 0.0111  117 TYR A CA  
746 C  C   . TYR A 90 ? 0.2653 0.2353 0.2153 -0.0387 -0.0283 0.0178  117 TYR A C   
747 O  O   . TYR A 90 ? 0.2723 0.2336 0.2203 -0.0483 -0.0331 0.0208  117 TYR A O   
748 C  CB  . TYR A 90 ? 0.2707 0.2226 0.2099 -0.0252 -0.0243 0.0055  117 TYR A CB  
749 C  CG  . TYR A 90 ? 0.3391 0.2696 0.2694 -0.0271 -0.0263 0.0033  117 TYR A CG  
750 C  CD1 . TYR A 90 ? 0.3685 0.2937 0.3000 -0.0271 -0.0255 0.0072  117 TYR A CD1 
751 C  CD2 . TYR A 90 ? 0.3760 0.2913 0.2956 -0.0270 -0.0285 -0.0031 117 TYR A CD2 
752 C  CE1 . TYR A 90 ? 0.3989 0.3016 0.3228 -0.0278 -0.0275 0.0058  117 TYR A CE1 
753 C  CE2 . TYR A 90 ? 0.4062 0.2993 0.3167 -0.0265 -0.0301 -0.0067 117 TYR A CE2 
754 C  CZ  . TYR A 90 ? 0.4858 0.3714 0.3992 -0.0268 -0.0297 -0.0020 117 TYR A CZ  
755 O  OH  . TYR A 90 ? 0.5443 0.4053 0.4492 -0.0252 -0.0315 -0.0053 117 TYR A OH  
756 N  N   . GLU A 91 ? 0.2272 0.2109 0.1831 -0.0327 -0.0235 0.0202  118 GLU A N   
757 C  CA  A GLU A 91 ? 0.2313 0.2236 0.1911 -0.0362 -0.0226 0.0279  118 GLU A CA  
758 C  CA  B GLU A 91 ? 0.2235 0.2166 0.1835 -0.0359 -0.0224 0.0279  118 GLU A CA  
759 C  C   . GLU A 91 ? 0.2736 0.2636 0.2310 -0.0279 -0.0184 0.0261  118 GLU A C   
760 O  O   . GLU A 91 ? 0.2457 0.2405 0.2036 -0.0197 -0.0153 0.0203  118 GLU A O   
761 C  CB  A GLU A 91 ? 0.2411 0.2612 0.2108 -0.0373 -0.0211 0.0338  118 GLU A CB  
762 C  CB  B GLU A 91 ? 0.2262 0.2477 0.1960 -0.0355 -0.0203 0.0330  118 GLU A CB  
763 C  CG  A GLU A 91 ? 0.3402 0.3734 0.3137 -0.0415 -0.0197 0.0437  118 GLU A CG  
764 C  CG  B GLU A 91 ? 0.2693 0.3015 0.2447 -0.0431 -0.0244 0.0367  118 GLU A CG  
765 C  CD  A GLU A 91 ? 0.4913 0.5549 0.4753 -0.0443 -0.0185 0.0515  118 GLU A CD  
766 C  CD  B GLU A 91 ? 0.3492 0.4124 0.3354 -0.0397 -0.0209 0.0419  118 GLU A CD  
767 O  OE1 A GLU A 91 ? 0.3734 0.4523 0.3616 -0.0361 -0.0154 0.0474  118 GLU A OE1 
768 O  OE1 B GLU A 91 ? 0.3108 0.3903 0.3024 -0.0445 -0.0199 0.0509  118 GLU A OE1 
769 O  OE2 A GLU A 91 ? 0.4275 0.4999 0.4163 -0.0545 -0.0204 0.0625  118 GLU A OE2 
770 O  OE2 B GLU A 91 ? 0.2413 0.3130 0.2309 -0.0316 -0.0191 0.0378  118 GLU A OE2 
771 N  N   . LEU A 92 ? 0.2346 0.2170 0.1897 -0.0307 -0.0191 0.0318  119 LEU A N   
772 C  CA  . LEU A 92 ? 0.2363 0.2194 0.1890 -0.0233 -0.0159 0.0316  119 LEU A CA  
773 C  C   . LEU A 92 ? 0.2799 0.2894 0.2373 -0.0211 -0.0125 0.0360  119 LEU A C   
774 O  O   . LEU A 92 ? 0.2792 0.3015 0.2406 -0.0276 -0.0130 0.0451  119 LEU A O   
775 C  CB  . LEU A 92 ? 0.2806 0.2455 0.2291 -0.0256 -0.0180 0.0370  119 LEU A CB  
776 C  CG  . LEU A 92 ? 0.3700 0.3065 0.3118 -0.0255 -0.0210 0.0313  119 LEU A CG  
777 C  CD1 . LEU A 92 ? 0.3970 0.3157 0.3354 -0.0242 -0.0222 0.0366  119 LEU A CD1 
778 C  CD2 . LEU A 92 ? 0.4006 0.3343 0.3395 -0.0167 -0.0185 0.0213  119 LEU A CD2 
779 N  N   . LEU A 93 ? 0.2309 0.2493 0.1875 -0.0123 -0.0094 0.0293  120 LEU A N   
780 C  CA  . LEU A 93 ? 0.2318 0.2745 0.1901 -0.0081 -0.0061 0.0303  120 LEU A CA  
781 C  C   . LEU A 93 ? 0.3299 0.3783 0.2837 -0.0056 -0.0052 0.0345  120 LEU A C   
782 O  O   . LEU A 93 ? 0.3734 0.4065 0.3237 -0.0040 -0.0069 0.0334  120 LEU A O   
783 C  CB  . LEU A 93 ? 0.2252 0.2722 0.1845 -0.0001 -0.0043 0.0189  120 LEU A CB  
784 C  CG  . LEU A 93 ? 0.2744 0.3178 0.2385 -0.0009 -0.0052 0.0158  120 LEU A CG  
785 C  CD1 . LEU A 93 ? 0.2979 0.3434 0.2636 0.0075  -0.0036 0.0059  120 LEU A CD1 
786 C  CD2 . LEU A 93 ? 0.3049 0.3642 0.2747 -0.0061 -0.0051 0.0238  120 LEU A CD2 
787 O  OXT . LEU A 93 ? 0.3294 0.4001 0.2830 -0.0043 -0.0027 0.0393  120 LEU A OXT 
# 
